data_9P38
#
_entry.id   9P38
#
_cell.length_a   1.00
_cell.length_b   1.00
_cell.length_c   1.00
_cell.angle_alpha   90.00
_cell.angle_beta   90.00
_cell.angle_gamma   90.00
#
_symmetry.space_group_name_H-M   'P 1'
#
loop_
_entity.id
_entity.type
_entity.pdbx_description
1 polymer '23S rRNA'
2 polymer '50S ribosomal protein L3'
3 polymer '50S ribosomal protein L4'
4 polymer '50S ribosomal protein L13'
5 polymer '50S ribosomal protein L14'
6 polymer '50S ribosomal protein L15'
7 polymer '50S ribosomal protein L17'
8 polymer '50S ribosomal protein L19'
9 polymer '50S ribosomal protein L20'
10 polymer '50S ribosomal protein L21'
11 polymer '50S ribosomal protein L22'
12 polymer '50S ribosomal protein L23'
13 polymer '50S ribosomal protein L24'
14 polymer '50S ribosomal protein L30'
15 polymer '50S ribosomal protein L32'
16 polymer '50S ribosomal protein L29'
17 polymer '50S ribosomal protein L34'
18 polymer 'Probable GTP-binding protein EngB'
#
loop_
_entity_poly.entity_id
_entity_poly.type
_entity_poly.pdbx_seq_one_letter_code
_entity_poly.pdbx_strand_id
1 'polyribonucleotide'
;GGUUAAGUUAGAAAGGGCGCACGGUGGAUGCCUUGGCACUAGGAGCCGAUGAAGGACGGGACGAACACCGAUAUGCUUCG
GGGAGCUGUAAGCAAGCUUUGAUCCGGAGAUUUCCGAAUGGGGAAACCCACCACUCGUAAUGGAGUGGUAUCCAUAUCUG
AAUUCAUAGGAUAUGAGAAGGCAGACCCGGGGAACUGAAACAUCUAAGUACCCGGAGGAAGAGAAAGCAAAUGCGAUUCC
CUGAGUAGCGGCGAGCGAAACGGGAUCAGCCCAAACCAAGAGGCUUGCCUCUUGGGGUUGUAGGACACUCUGUACGGAGU
UACAAAGGAACGAGGUAGAUGAAGAGGUCUGGAAAGGCCCGCCAUAGGAGGUAACAGCCCUGUAGUCAAAACUUCGUUCU
CUCCUGAGUGGAUCCUGAGUACGGCGGAACACGUGAAAUUCCGUCGGAAUCCGGGAGGACCAUCUCCCAAGGCUAAAUAC
UCCCUAGUGACCGAUAGUGAACCAGUACCGUGAGGGAAAGGUGAAAAGCACCCCGGAAGGGGAGUGAAAGAGAUCCUGAA
ACCGUGUGCCUACAAGUAGUCAGAGCCCGUUAACGGGUGAUGGCGUGCCUUUUGUAGAAUGAACCGGCGAGUUACGAUCU
CGUGCAAGGUUAAGCAGAAGAUGCGGAGCCGCAGCGAAAGCGAGUCUGAAUAGGGCGCAUGAGUACGUGGUCGUAGACCC
GAAACCAGGUGAUCUACCCAUGUCCAGGGUGAAGUUCAGGUAACACUGAAUGGAGGCCCGAACCCACGCACGUUGAAAAG
UGCGGGGAUGAGGUGUGGGUAGGGGUGAAAUGCCAAUCGAACCUGGAGAUAGCUGGUUCUCUCCGAAAUAGCUUUAGGGC
UAGCCUCAAGGUAAGAGUCUUGGAGGUAGAGCACUGAUUGGACUAGGGGCCCCUACCGGGUUACCGAAUUCAGUCAAACU
CCGAAUGCCAAUGACUUAUCCUUGGGAGUCAGACUGCGAGUGAUAAGAUCCGUAGUCGAAAGGGAAACAGCCCAGACCGC
CAGCUAAGGUCCCAAAGUAUACGUUAAGUGGAAAAGGAUGUGGAGUUGCUUAGACAACCAGGAUGUUGGCUUAGAAGCAG
CCACCAUUUAAAGAGUGCGUAAUAGCUCACUGGUCGAGUGACUCUGCGCCGAAAAUGUACCGGGGCUAAACGUAUCACCG
AAGCUGCGGACUGUUCUUCGAACAGUGGUAGGAGAGCGUUCUAAGGGCUGUGAAGCCAGACCGGAAGGACUGGUGGAGCG
CUUAGAAGUGAGAAUGCCGGUAUGAGUAGCGAAAGAGGGGUGAGAAUCCCCUCCACCGAAUGCCUAAGGUUUCCUGAGGA
AGGCUCGUCCGCUCAGGGUUAGUCGGGACCUAAGCCGAGGCCGAAAGGCGUAGGCGAUGGACAACAGGUUGAUAUUCCUG
UACCACCUCCUCACCAUUUGAGCAAUGGGGGGACGCAGGAGGAUAGGGUAAGCGCGGUAUUGGAUAUCCGCGUCCAAGCA
GUUAGGCUGGGAAAUAGGCAAAUCCGUUUCCCAUAAGCCUGAGCUGUGAUGGCGAGCGAAAUAUAGUAGCGAAGUUCCUG
AUUCCACACUGCCAAGAAAAGCCUCUAGCGAGGUGAGAGGUGCCCGUACCGCAAACCGACACAGGUAGGCGAGGAGAGAA
UCCUAAGGUGAUCGAGAGAACUCUCGUUAAGGAACUCGGCAAAAUGACCCCGUAACUUCGGGAGAAGGGGUGCUCUGUUA
GGGUGCAAGCCCGAGAGAGCCGCAGUGAAUAGGCCCAGGCGACUGUUUAGCAAAAACACAGGUCUCUGCGAAGCCGUAAG
GCGAAGUAUAGGGGCUGACGCCUGCCCGGUGCUGGAAGGUUAAGAGGAGCGCUUAGCGUAAGCGAAGGUGCGAAUUGAAG
CCCCAGUAAACGGCGGCCGUAACUAUAACGGUCCUAAGGUAGCGAAAUUCCUUGUCGGGUAAGUUCCGACCCGCACGAAA
GGCGCAACGAUCUGGGCACUGUCUCAACGAGAGACUCGGUGAAAUUAUAGUACCUGUGAAGAUGCAGGUUACCCGCGACA
GGACGGAAAGACCCCGUGGAGCUUUACUGCAGCCUGAUAUUGAAUGUUGGUACAGCUUGUACAGGAUAGGUAGGAGCCUU
GGAAACCGGAGCGCCAGCUUCGGUGGAGGCAUCGGUGGGAUACUACCCUGGCUGUAUUGACCUUCUAACCCGCCGCCCUU
AUCGGGCGGGGAGACAGUGUCAGGUGGGCAGUUUGACUGGGGCGGUCGCCUCCUAAAAGGUAACGGAGGCGCCCAAAGGU
UCCCUCAGAAUGGUUGGAAAUCAUUCGCAGAGUGUAAAGGCACAAGGGAGCUUGACUGCGAGACCUACAAGUCGAGCAGG
GACGAAAGUCGGGCUUAGUGAUCCGGUGGUUCCGCAUGGAAGGGCCAUCGCUCAACGGAUAAAAGCUACCCCGGGGAUAA
CAGGCUUAUCUCCCCCAAGAGUCCACAUCGACGGGGAGGUUUGGCACCUCGAUGUCGGCUCAUCGCAUCCUGGGGCUGUA
GUCGGUCCCAAGGGUUGGGCUGUUCGCCCAUUAAAGCGGUACGCGAGCUGGGUUCAGAACGUCGUGAGACAGUUCGGUCC
CUAUCCGUCGCGGGCGCAGGAAAUUUGAGAGGAGCUGUCCUUAGUACGAGAGGACCGGGAUGGACGCACCGCUGGUGUAC
CAGUUGUUCUGCCAAGGGCAUCGCUGGGUAGCUAUGUGCGGACGGGAUAAGUGCUGAAAGCAUCUAAGCAUGAAGCCCCC
CUCAAGAUGAGAUUUCCCAUUCCGCAAGGAAGUAAGAUCCCUGAAAGAUGAUCAGGUUGAUAGGUCUGAGGUGGAAGUGU
GGCGACACAUGGAGCUGACAGAUACUAAUCGAUCGAGGACUUAACCA
;
A
2 'polypeptide(L)'
;MTKGILGRKIGMTQVFAENGDLIPVTVIEAAPNVVLQKKTAENDGYEAIQLGFDDKREKLSNKPEKGHVAKAETAPKRFV
KELRGVEMDAYEVGQEVKVEIFSAGEIVDVTGVSKGKGFQGAIKRHGQSRGPMSHGSRYHRRPGSMGPVDPNRVFKGKLL
PGRMGGEQITVQNLEIVKVDAERNLLLIKGNVPGAKKSLITVKSAVKSK
;
D
3 'polypeptide(L)'
;MPKVALYNQNGSTAGDIELNASVFGIEPNESVVFDAILMQRASLRQGTHKVKNRSEVRGGGRKPWRQKGTGRARQGSIRS
PQWRGGGVVFGPTPRSYSYKLPKKVRRLAIKSVLSSKVIDNNIIVLEDLTLDTAKTKEMAAILKGLSVEKKALIVTADAN
EAVALSARNIPGVTVVEANGINVLDVVNHEKLLITKAAVEKVEEVLA
;
E
4 'polypeptide(L)'
;MRTTPMANASTIERKWLVVDAAGKTLGRLSSEVAAILRGKHKPTYTPHVDTGDHVIIINAEKIELTGKKLTDKIYYRHTQ
HPGGLKSRTALEMRTNYPEKMLELAIKGMLPKGSLGRQMFKKLNVYRGSEHPHEAQKPEVYELRG
;
J
5 'polypeptide(L)'
;MIQQETRLKVADNSGAREVLTIKVLGGSGRKTANIGDVIVCTVKQATPGGVVKKGEVVKAVIVRTKSGARRSDGSYISFD
ENACVIIRDDKSPRGTRIFGPVARELRENNFMKIVSLAPEVI
;
K
6 'polypeptide(L)'
;MKLHELKPSEGSRKTRNRVGRGIGSGNGKTAGKGHKGQNARSGGGVRPGFEGGQMPLFQRLPKRGFTNINRKEYAVVNLD
KLNGFAEGTEVTPELLLETGVISKLNAGVKILGNGKLEKKLTVKANKFSASAKEAVEAAGGTAEVI
;
L
7 'polypeptide(L)'
;MSYRKLGRTSAQRKAMLRDLTTDLIINERIETTETRAKELRSVVEKMITLGKRGDLHARRQAAAYIRNEVANEENNQDAL
QKLFSDIATRYEERQGGYTRIMKLGPRRGDGAPMAIIELV
;
N
8 'polypeptide(L)'
;MQKLIEDITKEQLRTDLPAFRPGDTLRVHVKVVEGNRERIQIFEGVVIKRRGGGISETFTVRKISYGVGVERTFPVHTPK
IAKIEVVRYGKVRRAKLYYLRELRGKAARIKEIRR
;
P
9 'polypeptide(L)'
;PRVKGGTVTRKRRKKVLKLAKGYFGSKHTLYKVANQQVMKSGNYAFRDRRQKKRDFRKLWITRINAAARMNGLSYSRLMH
GLKLSGIEVNRKMLADLAVNDLTAFNQLADAAKAQLNK
;
Q
10 'polypeptide(L)'
;MYAIIKTGGKQIKVEEGQTVYIEKLAAEAGETVTFEDVLFVGGDNVKVGNPTVEGATVTAKVEKQGRAKKITVFRYKPKK
NVHKKQGHRQPYTKVTIEKINA
;
R
11 'polypeptide(L)'
;MQAKAVARTVRIAPRKARLVMDLIRGKQVGEAVSILNLTPRAASPIIEKVLKSAIANAEHNYEMDANNLVISQAFVDEGP
TLKRFRPRAMGRASQINKRTSHITIVVSEKKEG
;
S
12 'polypeptide(L)'
;MKDPRDVLKRPVITERSADLMTEKKYTFEVDVRANKTEVKDAVESIFGVKVDKVNIMNYKGKSKRVGRYTGMTSRRRKAI
VKLTADSKEIEIFEA
;
T
13 'polypeptide(L)'
;MHVKKGDKVMVISGKDKGKQGTILAAFPKKDRVLVEGVNMVKKHSKPTQANPQGGISNQEAPIHVSNVMPLDPKTGEVTR
VGYKVEDGKKVRVAKKSGQVLDK
;
U
14 'polypeptide(L)' MAKLEITLKRSVIGRPEDQRVTVRTLGLKKTNQTVVHEDNAAIRGMINKVSHLVSVKEQ Z
15 'polypeptide(L)' MAVPFRRTSKMKKRLRRTHFKLNVPGMTECPSCGEMKLSHRVCKACGSYNGKDINVKSN b
16 'polypeptide(L)' MKANEIRDLTTAEIEQKVKSLKEELFNLRFQLATGQLENTARIREVRKAIARMKTVIREREIAANK Y
17 'polypeptide(L)' MKRTFQPNNRKRSKVHGFRSRMSSKNGRLVLARRRRKGRKVLSA d
18 'polypeptide(L)'
;MKVTKSEIVISAVKPEQYPEGGLPEIALAGRSNVGKSSFINSLINRKNLARTSSKPGKTQTLNFYIINDELHFVDVPGYG
FAKVSKSEREAWGRMIETYITTREELKAVVQIVDLRHAPSNDDVQMYEFLKYYGIPVIVIATKADKIPKGKWDKHAKVVR
QTLNIDPEDELILFSSETKKGKDEAWGAIKKMINR
;
B
#
# COMPACT_ATOMS: atom_id res chain seq x y z
N THR B 2 -28.32 -12.17 63.17
CA THR B 2 -27.10 -12.05 62.38
C THR B 2 -25.91 -11.74 63.28
N LYS B 3 -24.81 -12.45 63.05
CA LYS B 3 -23.58 -12.23 63.80
C LYS B 3 -22.41 -12.70 62.95
N GLY B 4 -21.31 -11.98 63.06
CA GLY B 4 -20.17 -12.30 62.21
C GLY B 4 -18.89 -11.69 62.75
N ILE B 5 -17.80 -12.01 62.05
CA ILE B 5 -16.47 -11.60 62.48
C ILE B 5 -15.54 -11.76 61.29
N LEU B 6 -14.44 -11.02 61.30
CA LEU B 6 -13.48 -11.07 60.22
C LEU B 6 -12.18 -11.72 60.70
N GLY B 7 -11.54 -12.43 59.79
CA GLY B 7 -10.26 -13.02 60.09
C GLY B 7 -9.47 -13.21 58.81
N ARG B 8 -8.51 -14.14 58.85
CA ARG B 8 -7.80 -14.50 57.65
C ARG B 8 -7.53 -16.00 57.63
N LYS B 9 -7.48 -16.55 56.43
CA LYS B 9 -7.30 -17.97 56.23
C LYS B 9 -5.85 -18.35 56.49
N ILE B 10 -5.64 -19.57 57.00
CA ILE B 10 -4.30 -20.05 57.29
C ILE B 10 -3.98 -21.32 56.50
N GLY B 11 -4.91 -22.27 56.46
CA GLY B 11 -4.68 -23.48 55.71
C GLY B 11 -5.75 -24.50 56.03
N MET B 12 -5.51 -25.72 55.56
CA MET B 12 -6.44 -26.81 55.75
C MET B 12 -5.77 -27.93 56.55
N THR B 13 -6.59 -28.72 57.23
CA THR B 13 -6.05 -29.87 57.98
C THR B 13 -7.14 -30.88 58.22
N GLN B 14 -7.01 -31.70 59.26
CA GLN B 14 -7.97 -32.74 59.57
C GLN B 14 -8.27 -32.75 61.06
N VAL B 15 -9.43 -33.29 61.40
CA VAL B 15 -9.82 -33.43 62.83
C VAL B 15 -10.57 -34.75 62.97
N PHE B 16 -10.00 -35.70 63.71
CA PHE B 16 -10.72 -36.96 64.00
C PHE B 16 -11.77 -36.66 65.04
N ALA B 17 -13.05 -36.87 64.72
CA ALA B 17 -14.12 -36.50 65.67
C ALA B 17 -14.40 -37.63 66.66
N GLU B 18 -15.46 -37.50 67.46
CA GLU B 18 -15.78 -38.52 68.50
C GLU B 18 -16.12 -39.86 67.83
N ASN B 19 -16.91 -39.84 66.77
CA ASN B 19 -17.22 -41.08 66.02
C ASN B 19 -15.92 -41.64 65.47
N GLY B 20 -14.91 -40.79 65.29
CA GLY B 20 -13.61 -41.23 64.75
C GLY B 20 -13.52 -40.85 63.29
N ASP B 21 -14.50 -40.12 62.78
CA ASP B 21 -14.51 -39.79 61.33
C ASP B 21 -13.47 -38.71 61.06
N LEU B 22 -13.01 -38.62 59.82
CA LEU B 22 -12.03 -37.57 59.46
C LEU B 22 -12.79 -36.43 58.79
N ILE B 23 -12.52 -35.21 59.22
CA ILE B 23 -13.27 -34.04 58.69
C ILE B 23 -12.26 -33.00 58.23
N PRO B 24 -12.14 -32.70 56.93
CA PRO B 24 -11.31 -31.58 56.48
C PRO B 24 -11.79 -30.30 57.11
N VAL B 25 -10.84 -29.47 57.55
CA VAL B 25 -11.17 -28.22 58.24
C VAL B 25 -10.31 -27.10 57.66
N THR B 26 -10.76 -25.88 57.89
CA THR B 26 -10.01 -24.68 57.53
C THR B 26 -9.81 -23.85 58.77
N VAL B 27 -8.64 -23.23 58.91
CA VAL B 27 -8.29 -22.48 60.10
C VAL B 27 -8.39 -20.99 59.79
N ILE B 28 -9.09 -20.26 60.65
CA ILE B 28 -9.23 -18.81 60.55
C ILE B 28 -8.76 -18.21 61.86
N GLU B 29 -7.77 -17.33 61.76
CA GLU B 29 -7.24 -16.66 62.95
C GLU B 29 -7.95 -15.32 63.06
N ALA B 30 -8.68 -15.09 64.16
CA ALA B 30 -9.45 -13.83 64.25
C ALA B 30 -9.20 -13.14 65.59
N ALA B 31 -8.24 -12.22 65.63
CA ALA B 31 -8.00 -11.46 66.87
C ALA B 31 -9.18 -10.53 67.13
N PRO B 32 -9.44 -10.10 68.38
CA PRO B 32 -10.61 -9.26 68.72
C PRO B 32 -10.93 -8.24 67.62
N ASN B 33 -12.13 -8.33 67.05
CA ASN B 33 -12.58 -7.35 66.03
C ASN B 33 -13.28 -6.21 66.77
N VAL B 34 -13.12 -4.96 66.32
CA VAL B 34 -13.70 -3.82 67.09
C VAL B 34 -14.76 -3.10 66.26
N VAL B 35 -15.83 -2.63 66.89
CA VAL B 35 -16.89 -1.88 66.20
C VAL B 35 -16.41 -0.44 66.06
N LEU B 36 -16.31 0.04 64.82
CA LEU B 36 -15.77 1.37 64.59
C LEU B 36 -16.85 2.41 64.38
N GLN B 37 -18.05 2.00 63.99
CA GLN B 37 -19.13 2.92 63.69
C GLN B 37 -20.40 2.11 63.52
N LYS B 38 -21.53 2.69 63.91
CA LYS B 38 -22.83 2.09 63.67
C LYS B 38 -23.70 3.09 62.91
N LYS B 39 -24.18 2.66 61.75
CA LYS B 39 -25.03 3.51 60.91
C LYS B 39 -26.48 3.30 61.29
N THR B 40 -27.20 4.39 61.48
CA THR B 40 -28.60 4.35 61.87
C THR B 40 -29.48 4.71 60.67
N ALA B 41 -30.73 4.26 60.73
CA ALA B 41 -31.65 4.51 59.62
C ALA B 41 -31.91 6.00 59.43
N GLU B 42 -32.07 6.74 60.52
CA GLU B 42 -32.38 8.16 60.41
C GLU B 42 -31.21 8.99 59.92
N ASN B 43 -29.99 8.47 59.98
CA ASN B 43 -28.80 9.21 59.58
C ASN B 43 -28.18 8.69 58.28
N ASP B 44 -28.15 7.38 58.08
CA ASP B 44 -27.51 6.78 56.93
C ASP B 44 -28.48 6.12 55.96
N GLY B 45 -29.74 5.95 56.34
CA GLY B 45 -30.72 5.32 55.48
C GLY B 45 -30.84 3.83 55.67
N TYR B 46 -29.96 3.22 56.45
CA TYR B 46 -30.03 1.79 56.74
C TYR B 46 -29.24 1.55 58.02
N GLU B 47 -29.38 0.34 58.55
CA GLU B 47 -28.77 -0.01 59.83
C GLU B 47 -27.67 -1.03 59.64
N ALA B 48 -26.48 -0.73 60.15
CA ALA B 48 -25.35 -1.63 60.03
C ALA B 48 -24.31 -1.28 61.09
N ILE B 49 -23.37 -2.19 61.29
CA ILE B 49 -22.22 -1.96 62.16
C ILE B 49 -20.96 -2.21 61.35
N GLN B 50 -20.02 -1.28 61.46
CA GLN B 50 -18.76 -1.34 60.74
C GLN B 50 -17.71 -2.00 61.61
N LEU B 51 -17.12 -3.08 61.13
CA LEU B 51 -16.15 -3.84 61.89
C LEU B 51 -14.73 -3.50 61.44
N GLY B 52 -13.81 -3.45 62.40
CA GLY B 52 -12.41 -3.23 62.09
C GLY B 52 -11.58 -4.38 62.61
N PHE B 53 -10.48 -4.71 61.94
CA PHE B 53 -9.73 -5.92 62.25
C PHE B 53 -8.26 -5.76 61.87
N ASP B 54 -7.39 -6.42 62.65
CA ASP B 54 -5.97 -6.57 62.32
C ASP B 54 -5.23 -5.25 62.24
N ASP B 55 -5.06 -4.57 63.36
CA ASP B 55 -4.35 -3.29 63.40
C ASP B 55 -2.97 -3.40 62.75
N LYS B 56 -2.45 -2.25 62.33
CA LYS B 56 -1.22 -2.20 61.56
C LYS B 56 -0.31 -1.10 62.11
N ARG B 57 0.91 -1.08 61.60
CA ARG B 57 1.92 -0.14 62.05
C ARG B 57 1.48 1.29 61.76
N GLU B 58 1.82 2.20 62.68
CA GLU B 58 1.35 3.57 62.58
C GLU B 58 1.89 4.29 61.35
N LYS B 59 3.03 3.86 60.81
CA LYS B 59 3.52 4.48 59.58
C LYS B 59 2.64 4.12 58.40
N LEU B 60 2.07 2.92 58.38
CA LEU B 60 1.25 2.47 57.26
C LEU B 60 -0.12 3.13 57.23
N SER B 61 -0.46 3.94 58.22
CA SER B 61 -1.77 4.59 58.28
C SER B 61 -1.61 6.08 58.10
N ASN B 62 -2.61 6.69 57.47
CA ASN B 62 -2.63 8.12 57.25
C ASN B 62 -3.58 8.78 58.25
N LYS B 63 -3.53 10.11 58.30
CA LYS B 63 -4.23 10.88 59.31
C LYS B 63 -5.75 10.72 59.27
N PRO B 64 -6.40 10.74 58.11
CA PRO B 64 -7.85 10.46 58.11
C PRO B 64 -8.20 9.11 58.70
N GLU B 65 -7.40 8.08 58.44
CA GLU B 65 -7.66 6.77 59.03
C GLU B 65 -7.47 6.79 60.54
N LYS B 66 -6.46 7.49 61.04
CA LYS B 66 -6.29 7.62 62.48
C LYS B 66 -7.46 8.37 63.11
N GLY B 67 -7.95 9.42 62.45
CA GLY B 67 -9.09 10.13 62.97
C GLY B 67 -10.37 9.33 63.00
N HIS B 68 -10.62 8.55 61.94
CA HIS B 68 -11.85 7.76 61.88
C HIS B 68 -11.91 6.75 63.01
N VAL B 69 -10.77 6.20 63.42
CA VAL B 69 -10.73 5.18 64.45
C VAL B 69 -10.56 5.78 65.84
N ALA B 70 -10.44 7.09 65.95
CA ALA B 70 -10.17 7.71 67.25
C ALA B 70 -11.34 7.54 68.21
N LYS B 71 -12.57 7.54 67.70
CA LYS B 71 -13.73 7.42 68.59
C LYS B 71 -13.76 6.06 69.27
N ALA B 72 -13.40 4.99 68.56
CA ALA B 72 -13.36 3.67 69.17
C ALA B 72 -12.13 3.45 70.02
N GLU B 73 -11.15 4.36 69.97
CA GLU B 73 -9.96 4.31 70.82
C GLU B 73 -9.15 3.04 70.59
N THR B 74 -8.77 2.82 69.33
CA THR B 74 -7.92 1.69 68.96
C THR B 74 -6.94 2.16 67.88
N ALA B 75 -5.90 1.36 67.68
CA ALA B 75 -4.95 1.62 66.60
C ALA B 75 -5.63 1.39 65.26
N PRO B 76 -5.14 2.05 64.20
CA PRO B 76 -5.77 1.90 62.89
C PRO B 76 -5.78 0.44 62.44
N LYS B 77 -6.88 0.04 61.82
CA LYS B 77 -7.12 -1.35 61.45
C LYS B 77 -6.93 -1.53 59.94
N ARG B 78 -6.35 -2.67 59.58
CA ARG B 78 -6.06 -2.93 58.17
C ARG B 78 -7.33 -3.19 57.37
N PHE B 79 -8.20 -4.06 57.87
CA PHE B 79 -9.41 -4.47 57.16
C PHE B 79 -10.63 -3.89 57.87
N VAL B 80 -11.56 -3.34 57.07
CA VAL B 80 -12.81 -2.82 57.58
C VAL B 80 -13.94 -3.32 56.68
N LYS B 81 -14.90 -4.02 57.26
CA LYS B 81 -16.10 -4.45 56.55
C LYS B 81 -17.32 -3.97 57.31
N GLU B 82 -18.48 -4.43 56.89
CA GLU B 82 -19.74 -3.94 57.44
C GLU B 82 -20.80 -5.03 57.34
N LEU B 83 -21.61 -5.17 58.40
CA LEU B 83 -22.59 -6.23 58.52
C LEU B 83 -23.98 -5.60 58.63
N ARG B 84 -24.91 -6.06 57.81
CA ARG B 84 -26.29 -5.63 57.88
C ARG B 84 -27.16 -6.74 58.45
N GLY B 85 -28.32 -6.35 58.95
CA GLY B 85 -29.27 -7.29 59.50
C GLY B 85 -28.97 -7.75 60.90
N VAL B 86 -28.06 -7.09 61.60
CA VAL B 86 -27.71 -7.44 62.96
C VAL B 86 -28.56 -6.63 63.91
N GLU B 87 -28.70 -7.11 65.14
CA GLU B 87 -29.38 -6.36 66.19
C GLU B 87 -28.61 -5.09 66.45
N MET B 88 -29.25 -3.93 66.30
CA MET B 88 -28.52 -2.67 66.36
C MET B 88 -28.04 -2.37 67.78
N ASP B 89 -28.77 -2.87 68.78
CA ASP B 89 -28.27 -2.83 70.14
C ASP B 89 -27.35 -4.02 70.37
N ALA B 90 -26.92 -4.23 71.61
CA ALA B 90 -25.99 -5.30 71.95
C ALA B 90 -24.63 -5.09 71.30
N TYR B 91 -24.47 -3.97 70.60
CA TYR B 91 -23.19 -3.53 70.07
C TYR B 91 -22.99 -2.07 70.42
N GLU B 92 -21.75 -1.71 70.73
CA GLU B 92 -21.40 -0.34 71.05
C GLU B 92 -20.15 0.06 70.29
N VAL B 93 -20.04 1.34 69.99
CA VAL B 93 -18.86 1.83 69.27
C VAL B 93 -17.65 1.67 70.18
N GLY B 94 -16.68 0.89 69.73
CA GLY B 94 -15.48 0.63 70.48
C GLY B 94 -15.46 -0.70 71.21
N GLN B 95 -16.53 -1.48 71.13
CA GLN B 95 -16.55 -2.76 71.82
C GLN B 95 -15.90 -3.83 70.95
N GLU B 96 -15.73 -5.02 71.52
CA GLU B 96 -14.98 -6.09 70.88
C GLU B 96 -15.88 -7.30 70.62
N VAL B 97 -15.78 -7.79 69.39
CA VAL B 97 -16.56 -8.99 68.98
C VAL B 97 -15.54 -10.12 68.87
N LYS B 98 -15.49 -10.97 69.89
CA LYS B 98 -14.48 -12.06 69.93
C LYS B 98 -14.98 -13.26 69.13
N VAL B 99 -14.20 -14.35 69.11
CA VAL B 99 -14.55 -15.52 68.27
C VAL B 99 -15.61 -16.37 68.96
N GLU B 100 -16.13 -15.92 70.09
CA GLU B 100 -17.07 -16.76 70.88
C GLU B 100 -18.54 -16.46 70.51
N ILE B 101 -18.79 -15.46 69.67
CA ILE B 101 -20.19 -15.22 69.20
C ILE B 101 -20.68 -16.52 68.54
N PHE B 102 -19.77 -17.38 68.10
CA PHE B 102 -20.06 -18.65 67.48
C PHE B 102 -19.77 -19.79 68.45
N SER B 103 -20.42 -20.92 68.20
CA SER B 103 -20.24 -22.11 69.02
C SER B 103 -20.16 -23.32 68.12
N ALA B 104 -19.63 -24.41 68.68
CA ALA B 104 -19.48 -25.64 67.91
C ALA B 104 -20.85 -26.15 67.47
N GLY B 105 -20.95 -26.50 66.18
CA GLY B 105 -22.19 -26.98 65.60
C GLY B 105 -22.98 -25.93 64.84
N GLU B 106 -22.67 -24.65 65.00
CA GLU B 106 -23.42 -23.61 64.31
C GLU B 106 -23.19 -23.69 62.80
N ILE B 107 -24.20 -23.29 62.04
CA ILE B 107 -24.11 -23.25 60.59
C ILE B 107 -23.83 -21.82 60.16
N VAL B 108 -22.84 -21.64 59.30
CA VAL B 108 -22.35 -20.33 58.94
C VAL B 108 -22.23 -20.22 57.43
N ASP B 109 -22.07 -18.99 56.96
CA ASP B 109 -21.70 -18.69 55.58
C ASP B 109 -20.31 -18.08 55.58
N VAL B 110 -19.55 -18.35 54.53
CA VAL B 110 -18.19 -17.86 54.41
C VAL B 110 -18.03 -17.19 53.06
N THR B 111 -17.44 -15.99 53.05
CA THR B 111 -17.26 -15.21 51.84
C THR B 111 -15.81 -14.79 51.70
N GLY B 112 -15.27 -14.91 50.50
CA GLY B 112 -13.91 -14.49 50.23
C GLY B 112 -13.72 -14.10 48.78
N VAL B 113 -12.49 -14.14 48.31
CA VAL B 113 -12.17 -13.86 46.91
C VAL B 113 -11.32 -15.00 46.40
N SER B 114 -11.76 -15.63 45.31
CA SER B 114 -11.08 -16.81 44.82
C SER B 114 -9.71 -16.46 44.25
N LYS B 115 -8.84 -17.47 44.21
CA LYS B 115 -7.49 -17.28 43.68
C LYS B 115 -7.55 -16.87 42.22
N GLY B 116 -6.68 -15.92 41.85
CA GLY B 116 -6.64 -15.49 40.46
C GLY B 116 -6.03 -16.56 39.58
N LYS B 117 -6.42 -16.54 38.31
CA LYS B 117 -5.93 -17.51 37.35
C LYS B 117 -5.39 -16.87 36.09
N GLY B 118 -5.47 -15.55 35.96
CA GLY B 118 -4.94 -14.89 34.79
C GLY B 118 -5.83 -15.07 33.58
N PHE B 119 -5.23 -14.86 32.42
CA PHE B 119 -5.92 -14.98 31.14
C PHE B 119 -6.17 -16.44 30.82
N GLN B 120 -7.36 -16.94 31.13
CA GLN B 120 -7.71 -18.32 30.85
C GLN B 120 -8.57 -18.40 29.59
N GLY B 121 -8.52 -19.57 28.96
CA GLY B 121 -9.19 -19.80 27.70
C GLY B 121 -10.65 -20.16 27.87
N ALA B 122 -11.36 -20.17 26.75
CA ALA B 122 -12.80 -20.45 26.76
C ALA B 122 -13.09 -21.85 27.27
N ILE B 123 -12.23 -22.81 26.90
CA ILE B 123 -12.41 -24.21 27.29
C ILE B 123 -12.38 -24.34 28.81
N LYS B 124 -11.45 -23.63 29.46
CA LYS B 124 -11.35 -23.71 30.91
C LYS B 124 -12.25 -22.70 31.61
N ARG B 125 -12.61 -21.60 30.94
CA ARG B 125 -13.44 -20.57 31.55
C ARG B 125 -14.91 -20.95 31.51
N HIS B 126 -15.47 -21.03 30.30
CA HIS B 126 -16.82 -21.53 30.08
C HIS B 126 -16.74 -22.75 29.17
N GLY B 127 -16.65 -23.91 29.82
CA GLY B 127 -16.43 -25.17 29.13
C GLY B 127 -17.31 -25.40 27.92
N GLN B 128 -16.70 -25.45 26.74
CA GLN B 128 -17.44 -25.59 25.50
C GLN B 128 -17.54 -27.05 25.09
N LEU B 159 -19.36 -16.70 25.93
CA LEU B 159 -18.49 -17.79 26.36
C LEU B 159 -17.06 -17.53 25.90
N LEU B 160 -16.59 -16.33 26.11
CA LEU B 160 -15.32 -15.92 25.55
C LEU B 160 -14.20 -16.04 26.58
N PRO B 161 -12.97 -16.26 26.12
CA PRO B 161 -11.84 -16.28 27.06
C PRO B 161 -11.56 -14.91 27.65
N GLY B 162 -10.98 -14.92 28.85
CA GLY B 162 -10.68 -13.68 29.53
C GLY B 162 -10.04 -13.99 30.88
N ARG B 163 -9.93 -12.96 31.71
CA ARG B 163 -9.32 -13.12 33.02
C ARG B 163 -10.27 -13.85 33.96
N MET B 164 -9.73 -14.85 34.66
CA MET B 164 -10.49 -15.69 35.57
C MET B 164 -10.11 -15.37 37.01
N GLY B 165 -10.88 -15.93 37.94
CA GLY B 165 -10.59 -15.82 39.36
C GLY B 165 -10.67 -14.40 39.88
N GLY B 166 -10.35 -14.23 41.16
CA GLY B 166 -10.35 -12.92 41.75
C GLY B 166 -11.72 -12.29 41.83
N GLU B 167 -12.71 -13.08 42.20
CA GLU B 167 -14.08 -12.61 42.32
C GLU B 167 -14.66 -13.07 43.65
N GLN B 168 -15.63 -12.32 44.14
CA GLN B 168 -16.22 -12.63 45.44
C GLN B 168 -17.15 -13.83 45.32
N ILE B 169 -16.97 -14.79 46.21
CA ILE B 169 -17.73 -16.04 46.20
C ILE B 169 -18.24 -16.32 47.61
N THR B 170 -19.40 -16.94 47.70
CA THR B 170 -20.00 -17.32 48.97
C THR B 170 -20.25 -18.81 49.00
N VAL B 171 -19.83 -19.47 50.06
CA VAL B 171 -20.12 -20.87 50.29
C VAL B 171 -21.04 -20.97 51.49
N GLN B 172 -22.23 -21.53 51.30
CA GLN B 172 -23.27 -21.50 52.30
C GLN B 172 -23.33 -22.81 53.08
N ASN B 173 -23.84 -22.71 54.31
CA ASN B 173 -24.14 -23.87 55.13
C ASN B 173 -22.89 -24.68 55.47
N LEU B 174 -21.92 -24.01 56.08
CA LEU B 174 -20.71 -24.65 56.56
C LEU B 174 -20.79 -24.82 58.07
N GLU B 175 -20.32 -25.95 58.56
CA GLU B 175 -20.46 -26.33 59.95
C GLU B 175 -19.18 -26.05 60.72
N ILE B 176 -19.33 -25.37 61.86
CA ILE B 176 -18.20 -25.03 62.73
C ILE B 176 -17.87 -26.26 63.58
N VAL B 177 -16.59 -26.61 63.62
CA VAL B 177 -16.14 -27.83 64.27
C VAL B 177 -15.64 -27.56 65.70
N LYS B 178 -14.81 -26.54 65.87
CA LYS B 178 -14.21 -26.27 67.16
C LYS B 178 -13.85 -24.80 67.24
N VAL B 179 -13.99 -24.23 68.43
CA VAL B 179 -13.65 -22.83 68.69
C VAL B 179 -12.58 -22.80 69.77
N ASP B 180 -11.48 -22.13 69.47
CA ASP B 180 -10.36 -21.98 70.42
C ASP B 180 -10.32 -20.52 70.83
N ALA B 181 -10.63 -20.25 72.10
CA ALA B 181 -10.74 -18.88 72.56
C ALA B 181 -9.37 -18.23 72.75
N GLU B 182 -8.40 -18.97 73.28
CA GLU B 182 -7.11 -18.37 73.63
C GLU B 182 -6.30 -18.01 72.40
N ARG B 183 -6.24 -18.92 71.43
CA ARG B 183 -5.55 -18.63 70.18
C ARG B 183 -6.44 -17.92 69.16
N ASN B 184 -7.72 -17.74 69.47
CA ASN B 184 -8.66 -17.00 68.62
C ASN B 184 -8.86 -17.70 67.28
N LEU B 185 -9.21 -18.98 67.32
CA LEU B 185 -9.29 -19.78 66.11
C LEU B 185 -10.70 -20.32 65.89
N LEU B 186 -11.11 -20.35 64.63
CA LEU B 186 -12.31 -21.03 64.18
C LEU B 186 -11.92 -22.15 63.24
N LEU B 187 -12.47 -23.32 63.45
CA LEU B 187 -12.24 -24.47 62.58
C LEU B 187 -13.55 -24.75 61.85
N ILE B 188 -13.52 -24.65 60.52
CA ILE B 188 -14.71 -24.76 59.69
C ILE B 188 -14.57 -25.99 58.81
N LYS B 189 -15.59 -26.85 58.80
CA LYS B 189 -15.56 -28.03 57.96
C LYS B 189 -15.64 -27.65 56.49
N GLY B 190 -14.75 -28.20 55.69
CA GLY B 190 -14.78 -28.00 54.25
C GLY B 190 -13.77 -27.02 53.75
N ASN B 191 -13.98 -26.59 52.51
CA ASN B 191 -13.11 -25.63 51.84
C ASN B 191 -13.71 -24.25 51.88
N VAL B 192 -12.87 -23.26 51.56
CA VAL B 192 -13.23 -21.86 51.66
C VAL B 192 -12.54 -21.12 50.51
N PRO B 193 -13.20 -20.18 49.85
CA PRO B 193 -12.53 -19.47 48.75
C PRO B 193 -11.35 -18.66 49.26
N GLY B 194 -10.34 -18.54 48.41
CA GLY B 194 -9.25 -17.63 48.70
C GLY B 194 -7.88 -18.25 48.81
N ALA B 195 -6.85 -17.43 48.64
CA ALA B 195 -5.48 -17.83 48.89
C ALA B 195 -5.20 -17.78 50.38
N LYS B 196 -4.01 -18.25 50.76
CA LYS B 196 -3.64 -18.22 52.16
C LYS B 196 -3.47 -16.78 52.64
N LYS B 197 -3.76 -16.57 53.91
CA LYS B 197 -3.63 -15.29 54.61
C LYS B 197 -4.41 -14.16 53.93
N SER B 198 -5.55 -14.48 53.32
CA SER B 198 -6.44 -13.47 52.78
C SER B 198 -7.66 -13.30 53.68
N LEU B 199 -8.41 -12.23 53.45
CA LEU B 199 -9.51 -11.87 54.33
C LEU B 199 -10.72 -12.77 54.08
N ILE B 200 -11.38 -13.16 55.17
CA ILE B 200 -12.52 -14.07 55.13
C ILE B 200 -13.61 -13.53 56.07
N THR B 201 -14.86 -13.56 55.61
CA THR B 201 -16.00 -13.14 56.40
C THR B 201 -16.79 -14.38 56.81
N VAL B 202 -17.15 -14.46 58.09
CA VAL B 202 -17.88 -15.59 58.63
C VAL B 202 -19.15 -15.07 59.29
N LYS B 203 -20.28 -15.21 58.60
CA LYS B 203 -21.59 -14.81 59.11
C LYS B 203 -22.43 -16.03 59.42
N SER B 204 -23.42 -15.85 60.28
CA SER B 204 -24.38 -16.92 60.53
C SER B 204 -25.21 -17.18 59.28
N ALA B 205 -25.66 -18.41 59.13
CA ALA B 205 -26.31 -18.84 57.89
C ALA B 205 -27.58 -18.04 57.63
N VAL B 206 -27.77 -17.68 56.36
CA VAL B 206 -28.91 -16.86 55.94
C VAL B 206 -30.11 -17.74 55.65
N LYS B 207 -29.91 -18.79 54.86
CA LYS B 207 -30.99 -19.67 54.46
C LYS B 207 -31.69 -20.25 55.67
N SER B 208 -30.92 -20.81 56.59
CA SER B 208 -31.42 -21.36 57.85
C SER B 208 -32.70 -22.19 57.70
N PRO C 2 -8.32 59.62 -62.25
CA PRO C 2 -8.08 60.81 -61.38
C PRO C 2 -6.84 61.56 -61.82
N LYS C 3 -6.61 62.74 -61.22
CA LYS C 3 -5.40 63.53 -61.56
C LYS C 3 -4.56 63.73 -60.29
N VAL C 4 -3.28 63.34 -60.34
CA VAL C 4 -2.41 63.41 -59.13
C VAL C 4 -1.17 64.24 -59.47
N ALA C 5 -0.82 65.22 -58.64
CA ALA C 5 0.33 66.11 -58.93
C ALA C 5 1.56 65.33 -59.36
N LEU C 6 2.25 65.79 -60.39
CA LEU C 6 3.51 65.13 -60.81
C LEU C 6 4.60 65.59 -59.84
N TYR C 7 5.60 64.73 -59.61
CA TYR C 7 6.68 65.06 -58.70
C TYR C 7 8.02 64.64 -59.27
N ASN C 8 9.08 65.33 -58.85
CA ASN C 8 10.43 65.07 -59.30
C ASN C 8 11.27 64.51 -58.16
N GLN C 9 12.46 64.01 -58.48
CA GLN C 9 13.35 63.52 -57.44
C GLN C 9 13.73 64.62 -56.46
N ASN C 10 13.89 65.85 -56.98
CA ASN C 10 14.28 66.98 -56.12
C ASN C 10 13.19 67.30 -55.12
N GLY C 11 11.98 66.76 -55.33
CA GLY C 11 10.89 66.85 -54.37
C GLY C 11 9.80 67.82 -54.78
N SER C 12 10.08 68.69 -55.74
CA SER C 12 9.14 69.73 -56.12
C SER C 12 8.84 69.68 -57.60
N THR C 13 7.55 69.75 -57.93
CA THR C 13 7.09 69.88 -59.30
C THR C 13 5.72 70.55 -59.35
N ALA C 14 5.51 71.39 -60.37
CA ALA C 14 4.23 72.04 -60.60
C ALA C 14 3.48 71.43 -61.78
N GLY C 15 3.82 70.21 -62.14
CA GLY C 15 3.13 69.53 -63.23
C GLY C 15 1.95 68.72 -62.73
N ASP C 16 1.46 67.80 -63.55
CA ASP C 16 0.33 66.97 -63.16
C ASP C 16 0.17 65.89 -64.22
N ILE C 17 -0.49 64.79 -63.85
CA ILE C 17 -0.65 63.63 -64.71
C ILE C 17 -2.03 63.05 -64.49
N GLU C 18 -2.61 62.48 -65.55
CA GLU C 18 -3.89 61.82 -65.45
C GLU C 18 -3.73 60.32 -65.25
N LEU C 19 -4.49 59.77 -64.30
CA LEU C 19 -4.54 58.34 -64.10
C LEU C 19 -5.81 57.77 -64.73
N ASN C 20 -5.66 56.64 -65.41
CA ASN C 20 -6.78 56.00 -66.08
C ASN C 20 -7.82 55.57 -65.04
N ALA C 21 -9.03 56.10 -65.18
CA ALA C 21 -10.06 55.91 -64.15
C ALA C 21 -10.47 54.44 -64.02
N SER C 22 -10.35 53.65 -65.08
CA SER C 22 -10.72 52.24 -64.98
C SER C 22 -9.81 51.44 -64.08
N VAL C 23 -8.66 52.01 -63.70
CA VAL C 23 -7.71 51.34 -62.82
C VAL C 23 -7.54 52.07 -61.50
N PHE C 24 -7.52 53.40 -61.53
CA PHE C 24 -7.29 54.21 -60.34
C PHE C 24 -8.53 54.96 -59.90
N GLY C 25 -9.71 54.57 -60.36
CA GLY C 25 -10.94 55.21 -59.94
C GLY C 25 -12.01 54.21 -59.56
N ILE C 26 -11.65 52.93 -59.64
CA ILE C 26 -12.59 51.86 -59.31
C ILE C 26 -13.03 51.98 -57.87
N GLU C 27 -14.31 51.80 -57.62
CA GLU C 27 -14.79 51.75 -56.24
C GLU C 27 -14.29 50.47 -55.60
N PRO C 28 -13.51 50.55 -54.52
CA PRO C 28 -12.89 49.33 -53.98
C PRO C 28 -13.90 48.33 -53.48
N ASN C 29 -13.57 47.06 -53.64
CA ASN C 29 -14.41 45.93 -53.23
C ASN C 29 -13.72 45.26 -52.06
N GLU C 30 -14.13 45.60 -50.84
CA GLU C 30 -13.40 45.18 -49.66
C GLU C 30 -13.40 43.66 -49.49
N SER C 31 -14.50 42.99 -49.82
CA SER C 31 -14.54 41.54 -49.69
C SER C 31 -13.53 40.88 -50.62
N VAL C 32 -13.44 41.36 -51.85
CA VAL C 32 -12.49 40.79 -52.80
C VAL C 32 -11.06 40.98 -52.28
N VAL C 33 -10.77 42.16 -51.72
CA VAL C 33 -9.45 42.40 -51.17
C VAL C 33 -9.17 41.49 -49.99
N PHE C 34 -10.18 41.23 -49.16
CA PHE C 34 -9.97 40.32 -48.03
C PHE C 34 -9.62 38.93 -48.51
N ASP C 35 -10.35 38.40 -49.49
CA ASP C 35 -10.01 37.08 -50.01
C ASP C 35 -8.64 37.09 -50.69
N ALA C 36 -8.29 38.17 -51.38
CA ALA C 36 -6.97 38.24 -51.99
C ALA C 36 -5.87 38.18 -50.93
N ILE C 37 -6.03 38.92 -49.84
CA ILE C 37 -5.06 38.89 -48.75
C ILE C 37 -4.98 37.50 -48.16
N LEU C 38 -6.10 36.85 -47.91
CA LEU C 38 -6.03 35.53 -47.27
C LEU C 38 -5.38 34.55 -48.23
N MET C 39 -5.67 34.62 -49.53
CA MET C 39 -5.07 33.65 -50.43
C MET C 39 -3.57 33.88 -50.58
N GLN C 40 -3.16 35.13 -50.76
CA GLN C 40 -1.74 35.39 -50.99
C GLN C 40 -0.92 35.23 -49.72
N ARG C 41 -1.49 35.48 -48.55
CA ARG C 41 -0.78 35.29 -47.31
C ARG C 41 -0.72 33.82 -46.91
N ALA C 42 -1.68 33.01 -47.36
CA ALA C 42 -1.45 31.58 -47.47
C ALA C 42 -0.61 31.38 -48.72
N SER C 43 -0.21 30.15 -49.02
CA SER C 43 0.63 29.84 -50.17
C SER C 43 2.02 30.45 -50.01
N LEU C 44 2.23 31.22 -48.95
CA LEU C 44 3.57 31.56 -48.51
C LEU C 44 4.04 30.57 -47.46
N ARG C 45 3.11 29.84 -46.85
CA ARG C 45 3.48 28.92 -45.80
C ARG C 45 3.93 27.60 -46.39
N GLN C 46 4.91 26.99 -45.71
CA GLN C 46 5.63 25.85 -46.27
C GLN C 46 4.89 24.55 -46.02
N GLY C 47 4.32 24.39 -44.83
CA GLY C 47 3.60 23.18 -44.52
C GLY C 47 4.49 21.98 -44.26
N THR C 48 5.76 22.20 -43.94
CA THR C 48 6.68 21.10 -43.67
C THR C 48 6.61 20.76 -42.17
N HIS C 49 5.56 20.05 -41.82
CA HIS C 49 5.36 19.55 -40.46
C HIS C 49 4.88 18.11 -40.54
N LYS C 50 5.31 17.30 -39.58
CA LYS C 50 4.99 15.89 -39.65
C LYS C 50 5.10 15.30 -38.25
N VAL C 51 4.27 14.30 -37.99
CA VAL C 51 4.20 13.65 -36.70
C VAL C 51 4.11 12.14 -36.93
N LYS C 52 4.69 11.37 -36.02
CA LYS C 52 4.79 9.94 -36.23
C LYS C 52 3.53 9.23 -35.77
N ASN C 53 3.01 8.38 -36.64
CA ASN C 53 1.80 7.61 -36.40
C ASN C 53 2.04 6.58 -35.31
N ARG C 54 1.03 5.75 -35.06
CA ARG C 54 1.19 4.66 -34.06
C ARG C 54 1.87 3.48 -34.73
N SER C 55 1.97 3.50 -36.05
CA SER C 55 2.65 2.43 -36.76
C SER C 55 4.03 2.83 -37.26
N GLU C 56 4.35 4.13 -37.18
CA GLU C 56 5.67 4.61 -37.66
C GLU C 56 6.63 4.80 -36.50
N VAL C 57 6.22 4.49 -35.27
CA VAL C 57 7.09 4.63 -34.07
C VAL C 57 7.89 3.33 -33.91
N ARG C 58 9.17 3.42 -33.55
CA ARG C 58 10.05 2.23 -33.43
C ARG C 58 9.46 1.22 -32.46
N GLY C 59 9.41 -0.05 -32.86
CA GLY C 59 8.90 -1.10 -31.97
C GLY C 59 7.41 -1.12 -31.93
N GLY C 60 6.84 -2.01 -31.12
CA GLY C 60 5.38 -2.03 -30.94
C GLY C 60 4.77 -3.33 -31.40
N GLY C 61 5.54 -4.18 -32.06
CA GLY C 61 4.95 -5.40 -32.62
C GLY C 61 4.34 -6.31 -31.57
N ARG C 62 5.13 -6.78 -30.62
CA ARG C 62 4.62 -7.78 -29.64
C ARG C 62 3.54 -7.22 -28.74
N LYS C 63 2.70 -8.09 -28.18
CA LYS C 63 1.67 -7.67 -27.20
C LYS C 63 2.36 -7.60 -25.84
N PRO C 64 2.56 -6.42 -25.22
CA PRO C 64 3.37 -6.33 -23.97
C PRO C 64 2.65 -6.87 -22.75
N TRP C 65 3.07 -8.03 -22.23
CA TRP C 65 2.47 -8.55 -20.98
C TRP C 65 3.05 -9.92 -20.65
N ARG C 66 2.49 -10.99 -21.24
CA ARG C 66 2.91 -12.38 -20.94
C ARG C 66 2.64 -12.66 -19.45
N GLN C 67 3.32 -13.65 -18.88
CA GLN C 67 3.12 -14.00 -17.46
C GLN C 67 4.25 -14.94 -17.00
N LYS C 68 4.34 -15.21 -15.70
CA LYS C 68 5.36 -16.16 -15.19
C LYS C 68 6.70 -15.90 -15.89
N ALA C 73 -2.09 -11.70 -19.12
CA ALA C 73 -2.34 -12.16 -20.51
C ALA C 73 -1.36 -11.47 -21.47
N ARG C 74 -1.87 -10.92 -22.58
CA ARG C 74 -1.03 -10.16 -23.53
C ARG C 74 -1.97 -9.17 -24.21
N GLN C 75 -1.83 -7.87 -23.95
CA GLN C 75 -2.84 -6.95 -24.50
C GLN C 75 -2.27 -5.60 -24.94
N GLY C 76 -2.42 -5.26 -26.23
CA GLY C 76 -2.04 -3.92 -26.69
C GLY C 76 -0.71 -3.81 -27.37
N SER C 77 -0.13 -2.62 -27.35
CA SER C 77 1.19 -2.38 -27.95
C SER C 77 1.81 -1.21 -27.18
N ILE C 78 3.07 -1.33 -26.80
CA ILE C 78 3.72 -0.27 -26.00
C ILE C 78 3.66 1.04 -26.79
N ARG C 79 3.09 1.03 -27.99
CA ARG C 79 3.12 2.27 -28.80
C ARG C 79 1.70 2.76 -29.08
N SER C 80 0.71 2.33 -28.28
CA SER C 80 -0.62 2.86 -28.41
C SER C 80 -0.64 4.33 -28.01
N PRO C 81 -1.59 5.11 -28.54
CA PRO C 81 -1.55 6.56 -28.31
C PRO C 81 -1.68 6.98 -26.86
N GLN C 82 -2.20 6.13 -25.99
CA GLN C 82 -2.34 6.51 -24.59
C GLN C 82 -1.12 6.16 -23.76
N TRP C 83 -0.11 5.54 -24.35
CA TRP C 83 1.12 5.25 -23.65
C TRP C 83 2.07 6.44 -23.69
N ARG C 84 2.95 6.51 -22.70
CA ARG C 84 3.98 7.55 -22.69
C ARG C 84 4.94 7.37 -23.84
N GLY C 85 5.15 6.13 -24.27
CA GLY C 85 6.08 5.85 -25.36
C GLY C 85 5.84 6.69 -26.59
N GLY C 86 4.73 6.48 -27.28
CA GLY C 86 4.46 7.26 -28.46
C GLY C 86 3.21 6.78 -29.16
N GLY C 87 2.95 7.43 -30.29
CA GLY C 87 1.74 7.21 -31.05
C GLY C 87 0.85 8.43 -30.96
N VAL C 88 0.88 9.28 -31.98
CA VAL C 88 -0.01 10.42 -32.01
C VAL C 88 -1.21 10.09 -32.88
N VAL C 89 -2.39 10.51 -32.45
CA VAL C 89 -3.61 10.04 -33.10
C VAL C 89 -3.75 10.65 -34.49
N PHE C 90 -3.90 11.98 -34.57
CA PHE C 90 -4.05 12.60 -35.87
C PHE C 90 -2.88 13.50 -36.13
N GLY C 91 -2.63 14.53 -35.31
CA GLY C 91 -1.48 15.39 -35.50
C GLY C 91 -1.45 16.07 -36.85
N PRO C 92 -0.41 16.88 -37.06
CA PRO C 92 -0.21 17.47 -38.40
C PRO C 92 0.36 16.46 -39.38
N THR C 93 0.21 16.79 -40.65
CA THR C 93 0.74 15.98 -41.74
C THR C 93 1.12 16.93 -42.87
N PRO C 94 2.16 16.63 -43.63
CA PRO C 94 2.62 17.58 -44.66
C PRO C 94 1.58 17.73 -45.75
N ARG C 95 1.21 18.97 -46.05
CA ARG C 95 0.24 19.25 -47.09
C ARG C 95 0.39 20.70 -47.53
N SER C 96 -0.15 21.01 -48.70
CA SER C 96 -0.14 22.36 -49.22
C SER C 96 -1.41 23.09 -48.80
N TYR C 97 -1.29 24.40 -48.70
CA TYR C 97 -2.41 25.24 -48.30
C TYR C 97 -2.86 26.16 -49.42
N SER C 98 -2.25 26.08 -50.58
CA SER C 98 -2.48 27.04 -51.65
C SER C 98 -3.74 26.70 -52.43
N TYR C 99 -4.40 27.73 -52.94
CA TYR C 99 -5.54 27.57 -53.83
C TYR C 99 -5.56 28.74 -54.79
N LYS C 100 -6.58 28.77 -55.65
CA LYS C 100 -6.64 29.73 -56.74
C LYS C 100 -7.96 30.48 -56.72
N LEU C 101 -7.93 31.68 -57.27
CA LEU C 101 -9.11 32.50 -57.47
C LEU C 101 -9.37 32.67 -58.97
N PRO C 102 -10.60 32.98 -59.36
CA PRO C 102 -10.85 33.38 -60.75
C PRO C 102 -10.02 34.60 -61.12
N LYS C 103 -9.59 34.63 -62.38
CA LYS C 103 -8.67 35.67 -62.84
C LYS C 103 -9.28 37.06 -62.72
N LYS C 104 -10.57 37.18 -63.06
CA LYS C 104 -11.25 38.48 -62.93
C LYS C 104 -11.22 38.97 -61.49
N VAL C 105 -11.31 38.04 -60.54
CA VAL C 105 -11.24 38.42 -59.13
C VAL C 105 -9.88 39.01 -58.81
N ARG C 106 -8.81 38.41 -59.31
CA ARG C 106 -7.47 38.94 -59.07
C ARG C 106 -7.32 40.34 -59.65
N ARG C 107 -7.82 40.54 -60.88
CA ARG C 107 -7.71 41.86 -61.48
C ARG C 107 -8.51 42.89 -60.69
N LEU C 108 -9.72 42.52 -60.27
CA LEU C 108 -10.53 43.43 -59.47
C LEU C 108 -9.84 43.77 -58.16
N ALA C 109 -9.20 42.79 -57.53
CA ALA C 109 -8.55 43.02 -56.25
C ALA C 109 -7.40 44.01 -56.39
N ILE C 110 -6.53 43.78 -57.38
CA ILE C 110 -5.40 44.69 -57.55
C ILE C 110 -5.89 46.09 -57.90
N LYS C 111 -6.90 46.19 -58.78
CA LYS C 111 -7.43 47.51 -59.11
C LYS C 111 -8.02 48.19 -57.89
N SER C 112 -8.74 47.44 -57.07
CA SER C 112 -9.36 48.02 -55.88
C SER C 112 -8.32 48.55 -54.92
N VAL C 113 -7.25 47.79 -54.69
CA VAL C 113 -6.21 48.25 -53.78
C VAL C 113 -5.54 49.50 -54.32
N LEU C 114 -5.26 49.53 -55.62
CA LEU C 114 -4.63 50.71 -56.20
C LEU C 114 -5.54 51.94 -56.06
N SER C 115 -6.82 51.79 -56.36
CA SER C 115 -7.74 52.92 -56.25
C SER C 115 -7.88 53.37 -54.80
N SER C 116 -7.95 52.41 -53.87
CA SER C 116 -8.04 52.77 -52.46
C SER C 116 -6.83 53.57 -52.02
N LYS C 117 -5.63 53.15 -52.43
CA LYS C 117 -4.46 53.93 -52.10
C LYS C 117 -4.47 55.29 -52.77
N VAL C 118 -5.08 55.39 -53.94
CA VAL C 118 -5.23 56.69 -54.59
C VAL C 118 -6.10 57.62 -53.74
N ILE C 119 -7.18 57.08 -53.17
CA ILE C 119 -8.13 57.91 -52.43
C ILE C 119 -7.47 58.57 -51.22
N ASP C 120 -6.70 57.80 -50.46
CA ASP C 120 -6.09 58.30 -49.22
C ASP C 120 -4.87 59.20 -49.46
N ASN C 121 -4.61 59.59 -50.70
CA ASN C 121 -3.48 60.44 -51.04
C ASN C 121 -2.14 59.81 -50.70
N ASN C 122 -2.07 58.47 -50.71
CA ASN C 122 -0.84 57.76 -50.43
C ASN C 122 -0.11 57.35 -51.70
N ILE C 123 -0.25 58.14 -52.76
CA ILE C 123 0.38 57.85 -54.04
C ILE C 123 1.16 59.08 -54.48
N ILE C 124 2.39 58.86 -54.94
CA ILE C 124 3.25 59.91 -55.45
C ILE C 124 3.77 59.44 -56.79
N VAL C 125 3.51 60.22 -57.84
CA VAL C 125 3.93 59.86 -59.18
C VAL C 125 5.18 60.66 -59.52
N LEU C 126 6.28 59.95 -59.76
CA LEU C 126 7.58 60.61 -60.02
C LEU C 126 7.88 60.61 -61.51
N GLU C 127 8.37 61.73 -62.04
CA GLU C 127 8.74 61.80 -63.47
C GLU C 127 9.66 60.60 -63.76
N ASP C 128 10.72 60.44 -62.98
CA ASP C 128 11.68 59.32 -63.18
C ASP C 128 12.56 59.19 -61.93
N LEU C 129 13.04 57.99 -61.63
CA LEU C 129 13.97 57.81 -60.49
C LEU C 129 15.30 57.27 -61.04
N THR C 130 16.32 58.12 -61.12
CA THR C 130 17.62 57.70 -61.68
C THR C 130 18.70 57.91 -60.64
N LEU C 131 19.67 56.99 -60.55
CA LEU C 131 20.76 57.23 -59.61
C LEU C 131 22.08 57.13 -60.37
N ASP C 132 22.83 58.22 -60.38
CA ASP C 132 24.17 58.19 -60.93
C ASP C 132 25.06 57.23 -60.14
N THR C 133 24.98 57.28 -58.82
CA THR C 133 25.76 56.44 -57.93
C THR C 133 24.84 55.56 -57.09
N ALA C 134 25.26 54.34 -56.82
CA ALA C 134 24.47 53.43 -56.02
C ALA C 134 24.77 53.58 -54.54
N LYS C 135 24.47 54.73 -53.97
CA LYS C 135 24.73 54.99 -52.56
C LYS C 135 23.42 55.01 -51.77
N THR C 136 23.40 54.31 -50.65
CA THR C 136 22.23 54.31 -49.77
C THR C 136 21.95 55.71 -49.23
N LYS C 137 22.99 56.53 -49.06
CA LYS C 137 22.79 57.87 -48.55
C LYS C 137 21.92 58.70 -49.47
N GLU C 138 22.15 58.60 -50.78
CA GLU C 138 21.40 59.41 -51.74
C GLU C 138 19.92 59.04 -51.74
N MET C 139 19.61 57.74 -51.67
CA MET C 139 18.21 57.34 -51.54
C MET C 139 17.59 57.88 -50.26
N ALA C 140 18.33 57.87 -49.16
CA ALA C 140 17.78 58.42 -47.93
C ALA C 140 17.47 59.90 -48.08
N ALA C 141 18.36 60.65 -48.72
CA ALA C 141 18.11 62.07 -48.94
C ALA C 141 16.89 62.28 -49.83
N ILE C 142 16.77 61.48 -50.90
CA ILE C 142 15.62 61.62 -51.79
C ILE C 142 14.32 61.29 -51.06
N LEU C 143 14.32 60.22 -50.29
CA LEU C 143 13.13 59.83 -49.55
C LEU C 143 12.72 60.91 -48.55
N LYS C 144 13.68 61.49 -47.85
CA LYS C 144 13.36 62.59 -46.96
C LYS C 144 12.82 63.78 -47.73
N GLY C 145 13.33 64.02 -48.94
CA GLY C 145 12.85 65.13 -49.73
C GLY C 145 11.37 65.04 -50.06
N LEU C 146 10.87 63.82 -50.25
CA LEU C 146 9.47 63.60 -50.57
C LEU C 146 8.61 63.38 -49.33
N SER C 147 9.19 63.52 -48.14
CA SER C 147 8.48 63.33 -46.88
C SER C 147 7.89 61.93 -46.79
N VAL C 148 8.76 60.93 -46.85
CA VAL C 148 8.38 59.54 -46.73
C VAL C 148 9.09 58.99 -45.49
N GLU C 149 8.42 59.04 -44.35
CA GLU C 149 9.03 58.65 -43.09
C GLU C 149 8.73 57.22 -42.67
N LYS C 150 7.85 56.53 -43.38
CA LYS C 150 7.47 55.18 -42.99
C LYS C 150 7.63 54.21 -44.15
N LYS C 151 7.11 53.00 -44.00
CA LYS C 151 7.28 51.97 -45.02
C LYS C 151 6.75 52.45 -46.37
N ALA C 152 7.53 52.20 -47.42
CA ALA C 152 7.22 52.70 -48.75
C ALA C 152 7.48 51.60 -49.77
N LEU C 153 6.78 51.67 -50.89
CA LEU C 153 6.97 50.76 -52.01
C LEU C 153 7.32 51.58 -53.24
N ILE C 154 8.39 51.20 -53.91
CA ILE C 154 8.83 51.90 -55.11
C ILE C 154 8.63 50.98 -56.30
N VAL C 155 8.00 51.53 -57.34
CA VAL C 155 7.71 50.78 -58.56
C VAL C 155 8.46 51.44 -59.71
N THR C 156 9.28 50.67 -60.40
CA THR C 156 10.00 51.13 -61.57
C THR C 156 9.45 50.45 -62.81
N ALA C 157 9.94 50.89 -63.97
CA ALA C 157 9.42 50.35 -65.22
C ALA C 157 9.99 48.96 -65.50
N ASP C 158 11.30 48.86 -65.67
CA ASP C 158 11.92 47.61 -66.10
C ASP C 158 13.17 47.32 -65.28
N ALA C 159 13.08 47.53 -63.96
CA ALA C 159 14.09 47.08 -63.01
C ALA C 159 15.48 47.63 -63.28
N ASN C 160 15.67 48.94 -63.12
CA ASN C 160 17.00 49.53 -63.16
C ASN C 160 17.73 49.17 -61.88
N GLU C 161 19.06 49.05 -61.98
CA GLU C 161 19.82 48.42 -60.91
C GLU C 161 20.31 49.40 -59.85
N ALA C 162 20.59 50.64 -60.23
CA ALA C 162 21.04 51.60 -59.24
C ALA C 162 20.00 51.86 -58.16
N VAL C 163 18.73 51.91 -58.53
CA VAL C 163 17.68 52.07 -57.53
C VAL C 163 17.51 50.80 -56.69
N ALA C 164 17.63 49.63 -57.30
CA ALA C 164 17.51 48.41 -56.53
C ALA C 164 18.62 48.25 -55.50
N LEU C 165 19.85 48.62 -55.86
CA LEU C 165 20.96 48.48 -54.92
C LEU C 165 20.82 49.44 -53.76
N SER C 166 20.58 50.72 -54.04
CA SER C 166 20.19 51.62 -52.97
C SER C 166 18.83 51.19 -52.42
N ALA C 167 18.56 51.63 -51.20
CA ALA C 167 17.28 51.35 -50.54
C ALA C 167 17.12 49.86 -50.23
N ARG C 168 18.09 49.05 -50.62
CA ARG C 168 18.03 47.63 -50.25
C ARG C 168 18.29 47.46 -48.77
N ASN C 169 19.09 48.35 -48.18
CA ASN C 169 19.42 48.26 -46.77
C ASN C 169 18.49 49.09 -45.89
N ILE C 170 17.84 50.11 -46.43
CA ILE C 170 16.91 50.91 -45.64
C ILE C 170 15.79 50.01 -45.14
N PRO C 171 15.47 50.02 -43.84
CA PRO C 171 14.68 48.91 -43.27
C PRO C 171 13.21 48.88 -43.65
N GLY C 172 12.66 49.92 -44.26
CA GLY C 172 11.24 49.91 -44.54
C GLY C 172 10.87 50.06 -46.00
N VAL C 173 11.83 49.93 -46.90
CA VAL C 173 11.64 50.23 -48.31
C VAL C 173 11.76 48.95 -49.11
N THR C 174 10.88 48.79 -50.09
CA THR C 174 10.92 47.66 -51.01
C THR C 174 10.76 48.18 -52.43
N VAL C 175 11.58 47.68 -53.35
CA VAL C 175 11.59 48.11 -54.73
C VAL C 175 11.19 46.94 -55.62
N VAL C 176 10.21 47.17 -56.49
CA VAL C 176 9.75 46.17 -57.44
C VAL C 176 9.59 46.84 -58.80
N GLU C 177 9.46 46.01 -59.82
CA GLU C 177 9.22 46.49 -61.18
C GLU C 177 7.73 46.42 -61.49
N ALA C 178 7.36 46.87 -62.68
CA ALA C 178 5.96 47.10 -62.99
C ALA C 178 5.13 45.82 -62.89
N ASN C 179 5.65 44.72 -63.41
CA ASN C 179 4.88 43.48 -63.41
C ASN C 179 5.09 42.66 -62.15
N GLY C 180 5.52 43.28 -61.06
CA GLY C 180 5.72 42.55 -59.82
C GLY C 180 4.77 42.98 -58.73
N ILE C 181 4.04 44.06 -58.95
CA ILE C 181 3.12 44.59 -57.96
C ILE C 181 2.05 43.55 -57.67
N ASN C 182 1.66 43.45 -56.40
CA ASN C 182 0.64 42.52 -55.96
C ASN C 182 0.01 43.09 -54.69
N VAL C 183 -1.02 42.40 -54.21
CA VAL C 183 -1.87 42.96 -53.17
C VAL C 183 -1.12 43.19 -51.87
N LEU C 184 -0.32 42.21 -51.44
CA LEU C 184 0.32 42.31 -50.12
C LEU C 184 1.27 43.50 -50.03
N ASP C 185 2.22 43.62 -50.95
CA ASP C 185 3.18 44.69 -50.81
C ASP C 185 2.58 46.06 -51.14
N VAL C 186 1.37 46.10 -51.69
CA VAL C 186 0.71 47.39 -51.82
C VAL C 186 -0.04 47.76 -50.54
N VAL C 187 -0.79 46.82 -49.97
CA VAL C 187 -1.51 47.09 -48.74
C VAL C 187 -0.53 47.35 -47.59
N ASN C 188 0.55 46.58 -47.53
CA ASN C 188 1.44 46.61 -46.37
C ASN C 188 2.19 47.93 -46.27
N HIS C 189 2.79 48.38 -47.36
CA HIS C 189 3.55 49.61 -47.33
C HIS C 189 2.62 50.81 -47.38
N GLU C 190 2.85 51.78 -46.50
CA GLU C 190 1.94 52.91 -46.38
C GLU C 190 1.88 53.72 -47.67
N LYS C 191 3.03 54.02 -48.24
CA LYS C 191 3.12 54.97 -49.34
C LYS C 191 3.53 54.25 -50.63
N LEU C 192 3.24 54.89 -51.76
CA LEU C 192 3.49 54.32 -53.08
C LEU C 192 4.23 55.35 -53.92
N LEU C 193 5.46 55.02 -54.29
CA LEU C 193 6.22 55.80 -55.27
C LEU C 193 6.23 55.02 -56.57
N ILE C 194 5.84 55.67 -57.66
CA ILE C 194 5.76 55.02 -58.96
C ILE C 194 6.19 56.01 -60.02
N THR C 195 6.93 55.53 -61.02
CA THR C 195 7.36 56.40 -62.10
C THR C 195 6.29 56.48 -63.17
N LYS C 196 6.36 57.55 -63.96
CA LYS C 196 5.36 57.78 -64.99
C LYS C 196 5.34 56.67 -66.02
N ALA C 197 6.49 56.05 -66.31
CA ALA C 197 6.51 54.92 -67.23
C ALA C 197 5.87 53.68 -66.61
N ALA C 198 6.09 53.43 -65.32
CA ALA C 198 5.45 52.30 -64.68
C ALA C 198 3.95 52.48 -64.60
N VAL C 199 3.47 53.71 -64.46
CA VAL C 199 2.04 53.97 -64.50
C VAL C 199 1.48 53.53 -65.85
N GLU C 200 2.15 53.91 -66.93
CA GLU C 200 1.71 53.52 -68.26
C GLU C 200 1.71 52.01 -68.41
N LYS C 201 2.75 51.35 -67.93
CA LYS C 201 2.83 49.90 -68.07
C LYS C 201 1.72 49.20 -67.30
N VAL C 202 1.46 49.63 -66.06
CA VAL C 202 0.40 49.02 -65.28
C VAL C 202 -0.96 49.28 -65.92
N GLU C 203 -1.20 50.50 -66.39
CA GLU C 203 -2.46 50.81 -67.04
C GLU C 203 -2.66 49.95 -68.28
N GLU C 204 -1.62 49.76 -69.08
CA GLU C 204 -1.78 49.01 -70.31
C GLU C 204 -1.86 47.51 -70.07
N VAL C 205 -1.31 47.01 -68.97
CA VAL C 205 -1.46 45.59 -68.65
C VAL C 205 -2.89 45.29 -68.22
N LEU C 206 -3.46 46.13 -67.37
CA LEU C 206 -4.81 45.91 -66.87
C LEU C 206 -5.84 46.60 -67.74
N THR D 4 -34.53 40.68 11.31
CA THR D 4 -35.09 41.53 12.35
C THR D 4 -35.95 40.84 13.43
N PRO D 5 -36.52 39.66 13.15
CA PRO D 5 -37.14 38.89 14.23
C PRO D 5 -36.14 38.59 15.33
N MET D 6 -36.64 38.60 16.55
CA MET D 6 -35.80 38.52 17.73
C MET D 6 -35.60 37.07 18.13
N ALA D 7 -34.38 36.58 18.00
CA ALA D 7 -34.00 35.29 18.55
C ALA D 7 -33.47 35.53 19.95
N ASN D 8 -33.79 34.64 20.88
CA ASN D 8 -33.50 34.88 22.28
C ASN D 8 -32.28 34.07 22.74
N ALA D 9 -31.44 34.71 23.54
CA ALA D 9 -30.21 34.08 24.02
C ALA D 9 -29.67 34.84 25.22
N SER D 10 -29.51 34.14 26.36
CA SER D 10 -29.03 34.69 27.63
C SER D 10 -29.97 35.76 28.17
N THR D 11 -31.09 35.97 27.49
CA THR D 11 -32.18 36.80 27.98
C THR D 11 -33.34 35.96 28.51
N ILE D 12 -33.17 34.64 28.54
CA ILE D 12 -34.23 33.74 28.95
C ILE D 12 -34.42 33.85 30.45
N GLU D 13 -35.68 34.02 30.88
CA GLU D 13 -36.04 34.04 32.28
C GLU D 13 -37.11 32.99 32.51
N ARG D 14 -36.82 32.01 33.36
CA ARG D 14 -37.72 30.90 33.58
C ARG D 14 -38.47 31.06 34.90
N LYS D 15 -39.62 30.40 34.98
CA LYS D 15 -40.44 30.38 36.17
C LYS D 15 -40.63 28.94 36.62
N TRP D 16 -41.23 28.79 37.79
CA TRP D 16 -41.51 27.47 38.36
C TRP D 16 -43.00 27.34 38.57
N LEU D 17 -43.59 26.27 38.05
CA LEU D 17 -45.02 26.04 38.11
C LEU D 17 -45.29 24.69 38.73
N VAL D 18 -46.37 24.62 39.51
CA VAL D 18 -46.79 23.37 40.16
C VAL D 18 -48.10 22.92 39.53
N VAL D 19 -48.14 21.68 39.09
CA VAL D 19 -49.31 21.10 38.45
C VAL D 19 -49.70 19.87 39.25
N ASP D 20 -50.97 19.81 39.67
CA ASP D 20 -51.42 18.72 40.52
C ASP D 20 -52.16 17.72 39.64
N ALA D 21 -51.62 16.51 39.55
CA ALA D 21 -52.16 15.48 38.67
C ALA D 21 -53.12 14.53 39.40
N ALA D 22 -54.12 15.05 40.10
CA ALA D 22 -55.00 14.14 40.84
C ALA D 22 -56.10 13.55 39.97
N GLY D 23 -57.00 14.38 39.48
CA GLY D 23 -58.07 13.89 38.62
C GLY D 23 -57.81 14.10 37.14
N LYS D 24 -56.72 13.56 36.62
CA LYS D 24 -56.30 13.88 35.26
C LYS D 24 -55.95 12.62 34.50
N THR D 25 -56.05 12.71 33.18
CA THR D 25 -55.67 11.60 32.31
C THR D 25 -54.21 11.72 31.92
N LEU D 26 -53.58 10.56 31.73
CA LEU D 26 -52.14 10.52 31.48
C LEU D 26 -51.77 11.33 30.25
N GLY D 27 -52.40 11.02 29.11
CA GLY D 27 -52.04 11.71 27.88
C GLY D 27 -52.47 13.16 27.84
N ARG D 28 -53.63 13.48 28.38
CA ARG D 28 -54.15 14.83 28.30
C ARG D 28 -53.31 15.79 29.12
N LEU D 29 -52.79 15.34 30.26
CA LEU D 29 -51.89 16.17 31.06
C LEU D 29 -50.52 16.28 30.42
N SER D 30 -49.98 15.16 29.92
CA SER D 30 -48.61 15.14 29.41
C SER D 30 -48.45 16.06 28.21
N SER D 31 -49.45 16.14 27.34
CA SER D 31 -49.35 17.01 26.17
C SER D 31 -49.14 18.45 26.59
N GLU D 32 -49.99 18.94 27.50
CA GLU D 32 -49.88 20.32 27.94
C GLU D 32 -48.57 20.56 28.70
N VAL D 33 -48.16 19.59 29.51
CA VAL D 33 -46.91 19.76 30.26
C VAL D 33 -45.72 19.81 29.31
N ALA D 34 -45.68 18.95 28.29
CA ALA D 34 -44.59 18.98 27.34
C ALA D 34 -44.59 20.27 26.54
N ALA D 35 -45.77 20.77 26.18
CA ALA D 35 -45.83 22.07 25.52
C ALA D 35 -45.27 23.17 26.40
N ILE D 36 -45.55 23.13 27.69
CA ILE D 36 -44.98 24.12 28.60
C ILE D 36 -43.47 23.98 28.67
N LEU D 37 -42.97 22.75 28.78
CA LEU D 37 -41.53 22.53 28.89
C LEU D 37 -40.80 23.03 27.66
N ARG D 38 -41.36 22.79 26.48
CA ARG D 38 -40.72 23.28 25.27
C ARG D 38 -40.81 24.78 25.12
N GLY D 39 -41.68 25.44 25.88
CA GLY D 39 -41.81 26.88 25.80
C GLY D 39 -42.77 27.39 24.76
N LYS D 40 -43.69 26.55 24.27
CA LYS D 40 -44.60 26.97 23.23
C LYS D 40 -45.60 28.01 23.71
N HIS D 41 -45.70 28.26 25.00
CA HIS D 41 -46.64 29.24 25.53
C HIS D 41 -46.02 30.62 25.69
N LYS D 42 -44.84 30.85 25.16
CA LYS D 42 -44.21 32.14 25.37
C LYS D 42 -44.03 32.89 24.05
N PRO D 43 -44.32 34.19 24.04
CA PRO D 43 -44.15 34.97 22.80
C PRO D 43 -42.72 35.03 22.30
N THR D 44 -41.73 34.75 23.14
CA THR D 44 -40.32 34.82 22.74
C THR D 44 -39.76 33.46 22.38
N TYR D 45 -40.63 32.49 22.08
CA TYR D 45 -40.17 31.15 21.75
C TYR D 45 -39.29 31.18 20.51
N THR D 46 -38.11 30.58 20.60
CA THR D 46 -37.30 30.34 19.43
C THR D 46 -36.95 28.86 19.37
N PRO D 47 -36.86 28.28 18.18
CA PRO D 47 -36.82 26.81 18.06
C PRO D 47 -35.50 26.16 18.42
N HIS D 48 -34.49 26.91 18.89
CA HIS D 48 -33.20 26.28 19.13
C HIS D 48 -32.52 26.72 20.41
N VAL D 49 -33.24 27.33 21.35
CA VAL D 49 -32.56 27.84 22.54
C VAL D 49 -33.28 27.46 23.82
N ASP D 50 -34.36 26.68 23.71
CA ASP D 50 -35.02 26.11 24.90
C ASP D 50 -35.53 27.21 25.82
N THR D 51 -36.57 27.94 25.41
CA THR D 51 -37.13 29.03 26.19
C THR D 51 -38.23 28.58 27.15
N GLY D 52 -38.29 27.31 27.54
CA GLY D 52 -39.34 26.84 28.40
C GLY D 52 -39.18 27.31 29.84
N ASP D 53 -39.81 26.58 30.75
CA ASP D 53 -39.66 26.83 32.17
C ASP D 53 -39.91 25.54 32.94
N HIS D 54 -39.64 25.61 34.25
CA HIS D 54 -39.63 24.42 35.09
C HIS D 54 -41.04 24.04 35.52
N VAL D 55 -41.28 22.74 35.63
CA VAL D 55 -42.58 22.20 36.00
C VAL D 55 -42.40 21.19 37.12
N ILE D 56 -43.18 21.34 38.18
CA ILE D 56 -43.23 20.39 39.29
C ILE D 56 -44.60 19.73 39.26
N ILE D 57 -44.62 18.40 39.30
CA ILE D 57 -45.85 17.64 39.27
C ILE D 57 -45.96 16.86 40.58
N ILE D 58 -47.06 17.05 41.29
CA ILE D 58 -47.31 16.37 42.55
C ILE D 58 -48.49 15.43 42.38
N ASN D 59 -48.68 14.57 43.39
CA ASN D 59 -49.78 13.60 43.41
C ASN D 59 -49.72 12.67 42.21
N ALA D 60 -48.50 12.25 41.86
CA ALA D 60 -48.31 11.47 40.64
C ALA D 60 -48.98 10.11 40.70
N GLU D 61 -49.29 9.60 41.89
CA GLU D 61 -49.90 8.28 41.99
C GLU D 61 -51.40 8.30 41.76
N LYS D 62 -52.01 9.48 41.61
CA LYS D 62 -53.44 9.60 41.44
C LYS D 62 -53.87 9.73 39.99
N ILE D 63 -52.94 9.61 39.04
CA ILE D 63 -53.29 9.75 37.64
C ILE D 63 -54.32 8.71 37.24
N GLU D 64 -55.06 8.99 36.17
CA GLU D 64 -56.19 8.19 35.74
C GLU D 64 -55.98 7.67 34.33
N LEU D 65 -56.45 6.45 34.08
CA LEU D 65 -56.45 5.86 32.75
C LEU D 65 -57.85 5.37 32.43
N THR D 66 -58.39 5.83 31.31
CA THR D 66 -59.72 5.44 30.88
C THR D 66 -59.69 4.07 30.21
N GLY D 67 -60.87 3.50 30.01
CA GLY D 67 -60.97 2.19 29.39
C GLY D 67 -60.42 1.13 30.30
N LYS D 68 -59.77 0.13 29.71
CA LYS D 68 -59.15 -0.96 30.45
C LYS D 68 -57.63 -0.86 30.41
N LYS D 69 -57.12 0.36 30.25
CA LYS D 69 -55.68 0.54 30.12
C LYS D 69 -54.93 0.10 31.36
N LEU D 70 -55.59 0.14 32.53
CA LEU D 70 -54.92 -0.25 33.76
C LEU D 70 -54.57 -1.73 33.80
N THR D 71 -55.07 -2.51 32.86
CA THR D 71 -54.81 -3.94 32.83
C THR D 71 -54.11 -4.40 31.56
N ASP D 72 -54.36 -3.73 30.43
CA ASP D 72 -53.85 -4.21 29.15
C ASP D 72 -52.82 -3.28 28.50
N LYS D 73 -52.39 -2.22 29.17
CA LYS D 73 -51.30 -1.41 28.66
C LYS D 73 -49.99 -1.87 29.27
N ILE D 74 -49.11 -2.42 28.43
CA ILE D 74 -47.87 -3.05 28.86
C ILE D 74 -46.72 -2.11 28.55
N TYR D 75 -45.79 -1.97 29.49
CA TYR D 75 -44.56 -1.21 29.29
C TYR D 75 -43.42 -2.18 29.04
N TYR D 76 -42.86 -2.15 27.85
CA TYR D 76 -41.75 -3.03 27.49
C TYR D 76 -40.42 -2.32 27.66
N ARG D 77 -39.35 -3.12 27.67
CA ARG D 77 -37.99 -2.60 27.58
C ARG D 77 -37.06 -3.74 27.20
N HIS D 78 -36.14 -3.47 26.27
CA HIS D 78 -35.15 -4.43 25.82
C HIS D 78 -33.78 -3.96 26.28
N THR D 79 -33.14 -4.73 27.15
CA THR D 79 -31.94 -4.21 27.77
C THR D 79 -30.80 -4.01 26.75
N GLN D 80 -30.12 -5.07 26.34
CA GLN D 80 -29.48 -5.13 25.02
C GLN D 80 -29.41 -6.58 24.54
N HIS D 81 -29.56 -7.53 25.47
CA HIS D 81 -29.29 -8.92 25.15
C HIS D 81 -30.34 -9.45 24.18
N PRO D 82 -29.94 -10.22 23.17
CA PRO D 82 -30.90 -10.70 22.18
C PRO D 82 -32.03 -11.48 22.83
N GLY D 83 -33.27 -11.04 22.55
CA GLY D 83 -34.43 -11.67 23.14
C GLY D 83 -34.69 -11.33 24.58
N GLY D 84 -33.92 -10.40 25.14
CA GLY D 84 -34.11 -9.98 26.52
C GLY D 84 -35.11 -8.86 26.66
N LEU D 85 -36.39 -9.18 26.47
CA LEU D 85 -37.47 -8.19 26.53
C LEU D 85 -38.30 -8.46 27.77
N LYS D 86 -38.26 -7.55 28.73
CA LYS D 86 -39.07 -7.65 29.93
C LYS D 86 -40.17 -6.61 29.92
N SER D 87 -41.19 -6.83 30.74
CA SER D 87 -42.38 -5.99 30.69
C SER D 87 -43.07 -6.00 32.05
N ARG D 88 -43.96 -5.03 32.23
CA ARG D 88 -44.85 -4.98 33.38
C ARG D 88 -46.03 -4.10 33.05
N THR D 89 -47.17 -4.41 33.64
CA THR D 89 -48.41 -3.75 33.30
C THR D 89 -48.50 -2.37 33.95
N ALA D 90 -49.43 -1.56 33.46
CA ALA D 90 -49.58 -0.20 33.95
C ALA D 90 -50.02 -0.15 35.41
N LEU D 91 -50.74 -1.17 35.88
CA LEU D 91 -51.10 -1.20 37.29
C LEU D 91 -49.87 -1.29 38.17
N GLU D 92 -48.93 -2.18 37.82
CA GLU D 92 -47.69 -2.25 38.56
C GLU D 92 -46.90 -0.95 38.48
N MET D 93 -46.88 -0.33 37.30
CA MET D 93 -46.12 0.91 37.14
C MET D 93 -46.68 2.01 38.01
N ARG D 94 -48.00 2.17 38.03
CA ARG D 94 -48.61 3.22 38.85
C ARG D 94 -48.54 2.92 40.34
N THR D 95 -48.62 1.65 40.72
CA THR D 95 -48.56 1.32 42.15
C THR D 95 -47.15 1.43 42.72
N ASN D 96 -46.15 1.09 41.92
CA ASN D 96 -44.76 1.05 42.45
C ASN D 96 -43.87 2.16 41.88
N TYR D 97 -44.05 2.55 40.62
CA TYR D 97 -43.11 3.55 40.02
C TYR D 97 -43.87 4.63 39.32
N PRO D 98 -44.69 5.44 40.01
CA PRO D 98 -45.56 6.44 39.34
C PRO D 98 -44.74 7.45 38.56
N GLU D 99 -43.72 8.00 39.16
CA GLU D 99 -42.87 9.04 38.60
C GLU D 99 -42.31 8.62 37.26
N LYS D 100 -41.81 7.39 37.17
CA LYS D 100 -41.29 6.90 35.91
C LYS D 100 -42.38 6.80 34.86
N MET D 101 -43.60 6.43 35.28
CA MET D 101 -44.70 6.33 34.32
C MET D 101 -45.04 7.68 33.72
N LEU D 102 -45.07 8.74 34.53
CA LEU D 102 -45.29 10.08 33.97
C LEU D 102 -44.12 10.53 33.11
N GLU D 103 -42.90 10.24 33.55
CA GLU D 103 -41.73 10.68 32.82
C GLU D 103 -41.65 10.01 31.45
N LEU D 104 -42.05 8.75 31.36
CA LEU D 104 -42.00 8.05 30.08
C LEU D 104 -42.89 8.73 29.05
N ALA D 105 -44.10 9.11 29.44
CA ALA D 105 -45.00 9.79 28.52
C ALA D 105 -44.47 11.15 28.13
N ILE D 106 -44.09 11.96 29.13
CA ILE D 106 -43.66 13.32 28.82
C ILE D 106 -42.41 13.30 27.96
N LYS D 107 -41.50 12.37 28.22
CA LYS D 107 -40.31 12.22 27.40
C LYS D 107 -40.65 11.84 25.98
N GLY D 108 -41.60 10.92 25.81
CA GLY D 108 -42.00 10.53 24.48
C GLY D 108 -42.68 11.62 23.69
N MET D 109 -43.25 12.61 24.36
CA MET D 109 -43.84 13.75 23.67
C MET D 109 -42.85 14.88 23.43
N LEU D 110 -41.61 14.67 23.72
CA LEU D 110 -40.67 15.77 23.53
C LEU D 110 -39.80 15.52 22.31
N PRO D 111 -39.26 16.58 21.71
CA PRO D 111 -38.39 16.41 20.53
C PRO D 111 -37.13 15.64 20.88
N LYS D 112 -36.60 14.94 19.88
CA LYS D 112 -35.44 14.08 20.07
C LYS D 112 -34.18 14.83 19.72
N GLY D 113 -33.14 14.68 20.53
CA GLY D 113 -31.89 15.34 20.33
C GLY D 113 -31.41 15.96 21.62
N SER D 114 -30.34 16.76 21.51
CA SER D 114 -29.75 17.39 22.69
C SER D 114 -30.73 18.35 23.36
N LEU D 115 -31.38 19.19 22.56
CA LEU D 115 -32.29 20.18 23.13
C LEU D 115 -33.46 19.50 23.83
N GLY D 116 -33.97 18.42 23.26
CA GLY D 116 -35.04 17.69 23.92
C GLY D 116 -34.61 17.12 25.26
N ARG D 117 -33.40 16.59 25.32
CA ARG D 117 -32.91 16.03 26.58
C ARG D 117 -32.72 17.11 27.63
N GLN D 118 -32.24 18.29 27.23
CA GLN D 118 -32.16 19.41 28.18
C GLN D 118 -33.55 19.80 28.69
N MET D 119 -34.50 19.94 27.75
CA MET D 119 -35.87 20.27 28.12
C MET D 119 -36.41 19.27 29.13
N PHE D 120 -36.14 17.98 28.91
CA PHE D 120 -36.57 16.97 29.88
C PHE D 120 -35.86 17.13 31.21
N LYS D 121 -34.59 17.54 31.19
CA LYS D 121 -33.89 17.82 32.45
C LYS D 121 -34.61 18.88 33.25
N LYS D 122 -35.39 19.74 32.59
CA LYS D 122 -36.12 20.77 33.34
C LYS D 122 -37.38 20.26 34.06
N LEU D 123 -37.60 18.96 34.26
CA LEU D 123 -38.86 18.47 34.81
C LEU D 123 -38.64 17.71 36.11
N ASN D 124 -39.55 17.91 37.07
CA ASN D 124 -39.51 17.25 38.36
C ASN D 124 -40.87 16.63 38.68
N VAL D 125 -40.89 15.36 39.04
CA VAL D 125 -42.11 14.62 39.32
C VAL D 125 -42.01 14.01 40.71
N TYR D 126 -43.07 14.17 41.51
CA TYR D 126 -43.07 13.68 42.88
C TYR D 126 -44.39 13.00 43.20
N ARG D 127 -44.28 11.80 43.77
CA ARG D 127 -45.47 11.12 44.30
C ARG D 127 -45.68 11.71 45.70
N GLY D 128 -46.91 11.78 46.15
CA GLY D 128 -47.27 12.40 47.42
C GLY D 128 -47.87 13.77 47.20
N SER D 129 -47.57 14.71 48.09
CA SER D 129 -48.16 16.04 47.97
C SER D 129 -47.17 17.14 48.30
N GLU D 130 -45.91 16.77 48.54
CA GLU D 130 -44.90 17.73 48.97
C GLU D 130 -43.69 17.68 48.05
N HIS D 131 -43.07 18.84 47.86
CA HIS D 131 -41.88 18.97 47.05
C HIS D 131 -40.86 19.81 47.79
N PRO D 132 -39.58 19.56 47.56
CA PRO D 132 -38.54 20.29 48.32
C PRO D 132 -38.13 21.61 47.71
N HIS D 133 -38.88 22.13 46.74
CA HIS D 133 -38.42 23.30 46.01
C HIS D 133 -39.12 24.57 46.45
N GLU D 134 -39.40 24.72 47.74
CA GLU D 134 -40.02 25.94 48.21
C GLU D 134 -39.11 27.15 48.09
N ALA D 135 -37.80 26.94 47.93
CA ALA D 135 -36.88 28.06 47.80
C ALA D 135 -37.04 28.76 46.46
N GLN D 136 -37.53 28.06 45.45
CA GLN D 136 -37.73 28.65 44.13
C GLN D 136 -39.06 29.39 44.04
N LYS D 137 -39.85 29.43 45.11
CA LYS D 137 -41.19 29.99 45.22
C LYS D 137 -42.01 29.73 43.95
N PRO D 138 -42.39 28.49 43.69
CA PRO D 138 -43.18 28.18 42.50
C PRO D 138 -44.62 28.66 42.63
N GLU D 139 -45.29 28.72 41.50
CA GLU D 139 -46.69 29.14 41.40
C GLU D 139 -47.56 27.93 41.13
N VAL D 140 -48.86 28.19 40.97
CA VAL D 140 -49.85 27.16 40.70
C VAL D 140 -50.36 27.36 39.28
N TYR D 141 -50.31 26.30 38.48
CA TYR D 141 -50.73 26.34 37.09
C TYR D 141 -51.91 25.40 36.89
N GLU D 142 -52.95 25.90 36.23
CA GLU D 142 -54.14 25.12 35.94
C GLU D 142 -54.16 24.70 34.48
N LEU D 143 -54.44 23.43 34.24
CA LEU D 143 -54.51 22.92 32.89
C LEU D 143 -55.64 23.60 32.11
N ARG D 144 -55.34 23.97 30.87
CA ARG D 144 -56.34 24.63 30.03
C ARG D 144 -57.35 23.64 29.45
N GLY D 145 -56.91 22.43 29.15
CA GLY D 145 -57.81 21.43 28.60
C GLY D 145 -57.15 20.10 28.35
N MET E 1 -13.75 -47.72 38.78
CA MET E 1 -14.39 -46.97 37.69
C MET E 1 -14.67 -47.88 36.51
N ILE E 2 -15.69 -48.72 36.65
CA ILE E 2 -16.08 -49.64 35.60
C ILE E 2 -17.00 -48.90 34.63
N GLN E 3 -16.69 -48.99 33.36
CA GLN E 3 -17.34 -48.26 32.29
C GLN E 3 -17.81 -49.27 31.25
N GLN E 4 -18.49 -48.79 30.21
CA GLN E 4 -18.86 -49.68 29.11
C GLN E 4 -17.61 -50.23 28.45
N GLU E 5 -17.68 -51.50 28.04
CA GLU E 5 -16.60 -52.29 27.45
C GLU E 5 -15.56 -52.73 28.46
N THR E 6 -15.70 -52.36 29.73
CA THR E 6 -14.79 -52.85 30.75
C THR E 6 -14.94 -54.36 30.88
N ARG E 7 -13.82 -55.06 30.94
CA ARG E 7 -13.81 -56.50 31.03
C ARG E 7 -13.52 -56.91 32.48
N LEU E 8 -14.47 -57.61 33.10
CA LEU E 8 -14.35 -57.99 34.49
C LEU E 8 -14.33 -59.50 34.65
N LYS E 9 -13.59 -59.94 35.66
CA LYS E 9 -13.58 -61.33 36.08
C LYS E 9 -14.88 -61.62 36.83
N VAL E 10 -15.26 -62.89 36.83
CA VAL E 10 -16.47 -63.34 37.52
C VAL E 10 -16.06 -64.33 38.60
N ALA E 11 -16.61 -64.16 39.80
CA ALA E 11 -16.09 -64.81 41.00
C ALA E 11 -17.18 -65.61 41.71
N ASP E 12 -17.91 -66.43 40.94
CA ASP E 12 -18.85 -67.34 41.58
C ASP E 12 -18.88 -68.64 40.78
N ASN E 13 -19.81 -69.53 41.13
CA ASN E 13 -19.94 -70.84 40.52
C ASN E 13 -20.87 -70.85 39.32
N SER E 14 -21.36 -69.69 38.90
CA SER E 14 -22.40 -69.62 37.88
C SER E 14 -21.96 -70.27 36.57
N GLY E 15 -20.65 -70.35 36.32
CA GLY E 15 -20.12 -70.93 35.09
C GLY E 15 -19.49 -69.90 34.17
N ALA E 16 -19.89 -68.64 34.31
CA ALA E 16 -19.25 -67.57 33.57
C ALA E 16 -17.87 -67.28 34.15
N ARG E 17 -16.87 -67.22 33.27
CA ARG E 17 -15.50 -66.91 33.67
C ARG E 17 -15.15 -65.45 33.52
N GLU E 18 -15.92 -64.70 32.74
CA GLU E 18 -15.54 -63.37 32.29
C GLU E 18 -16.73 -62.73 31.60
N VAL E 19 -16.87 -61.41 31.72
CA VAL E 19 -18.00 -60.69 31.12
C VAL E 19 -17.51 -59.38 30.52
N LEU E 20 -18.40 -58.74 29.77
CA LEU E 20 -18.17 -57.44 29.19
C LEU E 20 -19.42 -56.60 29.37
N THR E 21 -19.28 -55.42 29.95
CA THR E 21 -20.45 -54.62 30.30
C THR E 21 -21.12 -54.05 29.06
N ILE E 22 -22.44 -54.04 29.06
CA ILE E 22 -23.22 -53.38 28.02
C ILE E 22 -23.60 -51.97 28.44
N LYS E 23 -24.14 -51.84 29.66
CA LYS E 23 -24.52 -50.52 30.16
C LYS E 23 -24.55 -50.58 31.68
N VAL E 24 -24.53 -49.40 32.30
CA VAL E 24 -24.46 -49.26 33.74
C VAL E 24 -25.86 -48.88 34.22
N LEU E 25 -26.49 -49.79 34.97
CA LEU E 25 -27.81 -49.51 35.51
C LEU E 25 -27.72 -48.50 36.64
N GLY E 26 -28.48 -47.42 36.54
CA GLY E 26 -28.48 -46.40 37.57
C GLY E 26 -28.46 -45.03 36.94
N GLY E 27 -29.16 -44.11 37.60
CA GLY E 27 -29.27 -42.74 37.12
C GLY E 27 -29.71 -42.67 35.68
N SER E 28 -29.35 -41.58 35.00
CA SER E 28 -29.66 -41.46 33.58
C SER E 28 -28.40 -41.12 32.79
N GLY E 29 -27.54 -40.28 33.36
CA GLY E 29 -26.28 -39.93 32.74
C GLY E 29 -25.08 -40.59 33.33
N ARG E 30 -25.26 -41.51 34.26
CA ARG E 30 -24.16 -42.18 34.92
C ARG E 30 -23.34 -42.97 33.92
N LYS E 31 -22.06 -42.63 33.81
CA LYS E 31 -21.17 -43.30 32.88
C LYS E 31 -20.29 -44.35 33.51
N THR E 32 -19.98 -44.23 34.80
CA THR E 32 -19.12 -45.19 35.49
C THR E 32 -19.83 -45.75 36.70
N ALA E 33 -19.24 -46.81 37.26
CA ALA E 33 -19.80 -47.49 38.42
C ALA E 33 -18.67 -47.93 39.32
N ASN E 34 -19.01 -48.11 40.60
CA ASN E 34 -18.01 -48.50 41.58
C ASN E 34 -18.51 -49.68 42.41
N ILE E 35 -17.79 -50.00 43.50
CA ILE E 35 -18.13 -51.17 44.29
C ILE E 35 -19.56 -51.06 44.79
N GLY E 36 -20.33 -52.13 44.59
CA GLY E 36 -21.70 -52.19 45.05
C GLY E 36 -22.76 -51.77 44.05
N ASP E 37 -22.46 -51.82 42.76
CA ASP E 37 -23.41 -51.44 41.72
C ASP E 37 -23.82 -52.64 40.89
N VAL E 38 -24.88 -52.45 40.11
CA VAL E 38 -25.45 -53.50 39.27
C VAL E 38 -25.29 -53.08 37.81
N ILE E 39 -24.80 -53.99 36.98
CA ILE E 39 -24.58 -53.72 35.57
C ILE E 39 -25.13 -54.88 34.73
N VAL E 40 -25.31 -54.60 33.45
CA VAL E 40 -25.75 -55.57 32.47
C VAL E 40 -24.53 -56.07 31.71
N CYS E 41 -24.38 -57.39 31.61
CA CYS E 41 -23.16 -58.00 31.12
C CYS E 41 -23.45 -58.97 29.99
N THR E 42 -22.45 -59.15 29.12
CA THR E 42 -22.46 -60.16 28.08
C THR E 42 -21.33 -61.14 28.33
N VAL E 43 -21.67 -62.40 28.57
CA VAL E 43 -20.67 -63.41 28.88
C VAL E 43 -19.87 -63.71 27.61
N LYS E 44 -18.55 -63.70 27.74
CA LYS E 44 -17.68 -64.01 26.61
C LYS E 44 -16.96 -65.35 26.76
N GLN E 45 -16.37 -65.62 27.92
CA GLN E 45 -15.81 -66.92 28.22
C GLN E 45 -16.67 -67.57 29.30
N ALA E 46 -16.91 -68.87 29.14
CA ALA E 46 -17.67 -69.63 30.13
C ALA E 46 -17.18 -71.06 30.12
N THR E 47 -17.37 -71.74 31.25
CA THR E 47 -17.06 -73.15 31.34
C THR E 47 -18.16 -73.97 30.64
N PRO E 48 -17.81 -75.15 30.10
CA PRO E 48 -18.80 -75.92 29.33
C PRO E 48 -19.84 -76.64 30.17
N GLY E 49 -19.70 -76.66 31.49
CA GLY E 49 -20.64 -77.40 32.31
C GLY E 49 -21.25 -76.57 33.42
N GLY E 50 -21.52 -75.29 33.15
CA GLY E 50 -22.04 -74.41 34.17
C GLY E 50 -23.53 -74.17 34.10
N VAL E 51 -23.99 -73.12 34.77
CA VAL E 51 -25.41 -72.78 34.75
C VAL E 51 -25.71 -71.67 33.73
N VAL E 52 -24.70 -70.89 33.36
CA VAL E 52 -24.86 -69.80 32.39
C VAL E 52 -24.00 -70.10 31.18
N LYS E 53 -24.57 -69.89 29.99
CA LYS E 53 -23.89 -70.16 28.74
C LYS E 53 -23.14 -68.94 28.27
N LYS E 54 -22.32 -69.14 27.24
CA LYS E 54 -21.65 -68.04 26.57
C LYS E 54 -22.66 -67.22 25.77
N GLY E 55 -22.59 -65.90 25.91
CA GLY E 55 -23.32 -65.00 25.04
C GLY E 55 -24.59 -64.39 25.59
N GLU E 56 -25.15 -64.92 26.68
CA GLU E 56 -26.39 -64.37 27.20
C GLU E 56 -26.15 -63.03 27.86
N VAL E 57 -27.22 -62.24 27.95
CA VAL E 57 -27.20 -60.94 28.59
C VAL E 57 -27.74 -61.14 30.01
N VAL E 58 -26.92 -60.85 31.01
CA VAL E 58 -27.30 -61.09 32.41
C VAL E 58 -27.06 -59.83 33.22
N LYS E 59 -27.30 -59.95 34.53
CA LYS E 59 -27.04 -58.81 35.45
C LYS E 59 -26.07 -59.30 36.53
N ALA E 60 -25.19 -58.39 36.99
CA ALA E 60 -24.16 -58.77 37.95
C ALA E 60 -23.82 -57.55 38.82
N VAL E 61 -23.23 -57.83 39.98
CA VAL E 61 -22.88 -56.80 40.94
C VAL E 61 -21.36 -56.69 41.01
N ILE E 62 -20.87 -55.47 41.18
CA ILE E 62 -19.43 -55.22 41.27
C ILE E 62 -18.95 -55.49 42.69
N VAL E 63 -17.92 -56.31 42.81
CA VAL E 63 -17.42 -56.76 44.10
C VAL E 63 -16.04 -56.18 44.40
N ARG E 64 -15.14 -56.20 43.41
CA ARG E 64 -13.80 -55.67 43.56
C ARG E 64 -13.46 -54.74 42.41
N THR E 65 -12.59 -53.78 42.67
CA THR E 65 -12.16 -52.81 41.68
C THR E 65 -10.76 -52.34 42.07
N LYS E 66 -9.90 -52.12 41.07
CA LYS E 66 -8.60 -51.56 41.39
C LYS E 66 -8.72 -50.13 41.89
N SER E 67 -9.63 -49.35 41.30
CA SER E 67 -10.00 -48.09 41.92
C SER E 67 -10.59 -48.37 43.28
N GLY E 68 -10.16 -47.60 44.27
CA GLY E 68 -10.52 -47.88 45.65
C GLY E 68 -11.89 -47.37 46.03
N ALA E 69 -12.28 -47.71 47.26
CA ALA E 69 -13.47 -47.17 47.89
C ALA E 69 -13.08 -46.57 49.23
N ARG E 70 -13.34 -45.28 49.41
CA ARG E 70 -12.96 -44.61 50.64
C ARG E 70 -14.12 -44.64 51.63
N ARG E 71 -13.78 -44.84 52.90
CA ARG E 71 -14.76 -44.96 53.95
C ARG E 71 -14.77 -43.72 54.82
N SER E 72 -15.75 -43.66 55.73
CA SER E 72 -15.97 -42.46 56.53
C SER E 72 -14.78 -42.12 57.43
N ASP E 73 -14.14 -43.13 58.01
CA ASP E 73 -13.01 -42.91 58.90
C ASP E 73 -11.76 -42.41 58.18
N GLY E 74 -11.83 -42.15 56.87
CA GLY E 74 -10.68 -41.72 56.12
C GLY E 74 -9.86 -42.83 55.52
N SER E 75 -10.16 -44.08 55.81
CA SER E 75 -9.42 -45.21 55.28
C SER E 75 -9.84 -45.49 53.84
N TYR E 76 -9.10 -46.40 53.21
CA TYR E 76 -9.35 -46.79 51.83
C TYR E 76 -9.19 -48.30 51.72
N ILE E 77 -9.61 -48.83 50.57
CA ILE E 77 -9.42 -50.25 50.27
C ILE E 77 -9.37 -50.38 48.75
N SER E 78 -8.48 -51.25 48.28
CA SER E 78 -8.28 -51.42 46.85
C SER E 78 -7.86 -52.86 46.59
N PHE E 79 -8.07 -53.31 45.36
CA PHE E 79 -7.80 -54.68 44.98
C PHE E 79 -6.99 -54.71 43.69
N ASP E 80 -6.73 -55.92 43.19
CA ASP E 80 -5.85 -56.12 42.05
C ASP E 80 -6.59 -56.29 40.72
N GLU E 81 -7.89 -56.56 40.74
CA GLU E 81 -8.64 -56.73 39.52
C GLU E 81 -10.10 -56.43 39.78
N ASN E 82 -10.84 -56.25 38.69
CA ASN E 82 -12.28 -56.01 38.75
C ASN E 82 -13.01 -57.35 38.74
N ALA E 83 -13.90 -57.52 39.71
CA ALA E 83 -14.62 -58.77 39.88
C ALA E 83 -16.11 -58.51 39.93
N CYS E 84 -16.89 -59.44 39.39
CA CYS E 84 -18.33 -59.38 39.38
C CYS E 84 -18.91 -60.67 39.90
N VAL E 85 -20.14 -60.59 40.42
CA VAL E 85 -20.89 -61.75 40.87
C VAL E 85 -22.23 -61.71 40.15
N ILE E 86 -22.61 -62.83 39.53
CA ILE E 86 -23.82 -62.86 38.71
C ILE E 86 -25.04 -62.86 39.62
N ILE E 87 -26.06 -62.09 39.23
CA ILE E 87 -27.22 -61.80 40.06
C ILE E 87 -28.47 -62.11 39.25
N ARG E 88 -29.60 -62.23 39.95
CA ARG E 88 -30.86 -62.52 39.28
C ARG E 88 -32.00 -61.79 39.98
N ASP E 89 -32.81 -61.08 39.19
CA ASP E 89 -34.00 -60.40 39.68
C ASP E 89 -33.70 -59.49 40.86
N ASP E 90 -33.95 -59.99 42.07
CA ASP E 90 -33.55 -59.29 43.28
C ASP E 90 -32.06 -59.46 43.53
N LYS E 91 -31.60 -59.06 44.70
CA LYS E 91 -30.17 -59.05 44.99
C LYS E 91 -29.73 -60.38 45.57
N SER E 92 -29.84 -61.44 44.77
CA SER E 92 -29.40 -62.78 45.13
C SER E 92 -28.49 -63.36 44.06
N PRO E 93 -27.52 -64.19 44.44
CA PRO E 93 -26.58 -64.72 43.46
C PRO E 93 -27.09 -65.99 42.79
N ARG E 94 -26.65 -66.18 41.55
CA ARG E 94 -26.97 -67.39 40.79
C ARG E 94 -25.91 -68.46 40.97
N GLY E 95 -25.20 -68.43 42.09
CA GLY E 95 -24.18 -69.42 42.37
C GLY E 95 -24.14 -69.77 43.83
N THR E 96 -23.53 -70.91 44.13
CA THR E 96 -23.49 -71.40 45.50
C THR E 96 -22.30 -70.88 46.30
N ARG E 97 -21.20 -70.56 45.64
CA ARG E 97 -19.99 -70.12 46.32
C ARG E 97 -19.44 -68.86 45.67
N ILE E 98 -18.76 -68.06 46.48
CA ILE E 98 -18.07 -66.86 46.00
C ILE E 98 -16.61 -66.99 46.38
N PHE E 99 -15.73 -66.78 45.40
CA PHE E 99 -14.30 -66.94 45.60
C PHE E 99 -13.63 -65.58 45.74
N GLY E 100 -12.68 -65.50 46.67
CA GLY E 100 -11.95 -64.28 46.90
C GLY E 100 -12.66 -63.39 47.90
N PRO E 101 -11.97 -62.34 48.35
CA PRO E 101 -12.57 -61.44 49.34
C PRO E 101 -13.40 -60.36 48.68
N VAL E 102 -14.46 -59.97 49.37
CA VAL E 102 -15.38 -58.94 48.88
C VAL E 102 -15.24 -57.71 49.77
N ALA E 103 -15.69 -56.57 49.24
CA ALA E 103 -15.64 -55.32 49.98
C ALA E 103 -16.71 -55.26 51.05
N ARG E 104 -16.45 -54.48 52.09
CA ARG E 104 -17.42 -54.27 53.15
C ARG E 104 -18.51 -53.28 52.74
N GLU E 105 -18.35 -52.62 51.58
CA GLU E 105 -19.39 -51.74 51.09
C GLU E 105 -20.59 -52.52 50.62
N LEU E 106 -20.42 -53.81 50.35
CA LEU E 106 -21.53 -54.65 49.93
C LEU E 106 -22.52 -54.76 51.09
N ARG E 107 -22.11 -54.33 52.28
CA ARG E 107 -22.97 -54.40 53.45
C ARG E 107 -23.93 -53.24 53.57
N GLU E 108 -23.50 -52.04 53.20
CA GLU E 108 -24.39 -50.90 53.39
C GLU E 108 -25.49 -50.86 52.35
N ASN E 109 -25.28 -51.52 51.20
CA ASN E 109 -26.39 -51.97 50.38
C ASN E 109 -26.92 -53.29 50.92
N ASN E 110 -28.17 -53.59 50.58
CA ASN E 110 -28.81 -54.74 51.17
C ASN E 110 -28.47 -56.03 50.43
N PHE E 111 -27.19 -56.43 50.52
CA PHE E 111 -26.64 -57.58 49.82
C PHE E 111 -26.11 -58.63 50.78
N MET E 112 -26.73 -58.79 51.96
CA MET E 112 -26.12 -59.68 52.95
C MET E 112 -26.09 -61.12 52.47
N LYS E 113 -26.96 -61.49 51.53
CA LYS E 113 -27.02 -62.90 51.11
C LYS E 113 -25.69 -63.30 50.49
N ILE E 114 -25.12 -62.45 49.63
CA ILE E 114 -23.81 -62.72 49.05
C ILE E 114 -22.68 -62.37 49.99
N VAL E 115 -22.92 -61.54 50.99
CA VAL E 115 -21.89 -61.25 51.98
C VAL E 115 -21.62 -62.46 52.85
N SER E 116 -22.67 -63.16 53.26
CA SER E 116 -22.51 -64.32 54.15
C SER E 116 -21.73 -65.45 53.49
N LEU E 117 -21.80 -65.59 52.18
CA LEU E 117 -21.11 -66.67 51.47
C LEU E 117 -19.66 -66.33 51.16
N ALA E 118 -19.25 -65.08 51.32
CA ALA E 118 -17.88 -64.71 51.02
C ALA E 118 -16.92 -65.29 52.04
N PRO E 119 -15.78 -65.83 51.60
CA PRO E 119 -14.81 -66.38 52.56
C PRO E 119 -14.27 -65.35 53.53
N GLU E 120 -14.11 -64.09 53.11
CA GLU E 120 -13.70 -63.03 54.02
C GLU E 120 -14.14 -61.70 53.42
N VAL E 121 -14.83 -60.89 54.21
CA VAL E 121 -15.23 -59.56 53.78
C VAL E 121 -14.35 -58.52 54.48
N ILE E 122 -13.74 -57.65 53.69
CA ILE E 122 -12.87 -56.63 54.25
C ILE E 122 -13.47 -55.25 54.01
N MET F 1 -8.11 48.97 -47.22
CA MET F 1 -8.19 47.94 -46.19
C MET F 1 -6.84 47.73 -45.54
N LYS F 2 -6.70 48.17 -44.30
CA LYS F 2 -5.43 48.05 -43.60
C LYS F 2 -5.29 46.66 -42.99
N LEU F 3 -4.04 46.24 -42.82
CA LEU F 3 -3.76 44.87 -42.38
C LEU F 3 -4.14 44.61 -40.93
N HIS F 4 -4.48 45.64 -40.16
CA HIS F 4 -4.94 45.45 -38.79
C HIS F 4 -6.43 45.67 -38.63
N GLU F 5 -7.17 45.86 -39.73
CA GLU F 5 -8.62 46.01 -39.67
C GLU F 5 -9.26 45.14 -40.76
N LEU F 6 -8.80 43.90 -40.87
CA LEU F 6 -9.38 42.97 -41.82
C LEU F 6 -10.73 42.49 -41.30
N LYS F 7 -11.76 42.58 -42.13
CA LYS F 7 -13.09 42.12 -41.80
C LYS F 7 -13.56 41.17 -42.89
N PRO F 8 -13.99 39.96 -42.57
CA PRO F 8 -14.58 39.09 -43.59
C PRO F 8 -15.95 39.62 -44.01
N SER F 9 -16.39 39.16 -45.17
CA SER F 9 -17.75 39.44 -45.60
C SER F 9 -18.71 38.70 -44.68
N GLU F 10 -19.77 39.39 -44.26
CA GLU F 10 -20.67 38.83 -43.25
C GLU F 10 -21.35 37.57 -43.79
N GLY F 11 -21.10 36.45 -43.13
CA GLY F 11 -21.72 35.19 -43.49
C GLY F 11 -20.88 34.25 -44.32
N SER F 12 -19.66 34.65 -44.70
CA SER F 12 -18.83 33.79 -45.53
C SER F 12 -18.06 32.75 -44.73
N ARG F 13 -17.85 32.97 -43.44
CA ARG F 13 -17.04 32.08 -42.62
C ARG F 13 -17.86 31.63 -41.42
N LYS F 14 -17.91 30.32 -41.21
CA LYS F 14 -18.57 29.74 -40.05
C LYS F 14 -17.56 28.95 -39.24
N THR F 15 -17.73 28.99 -37.93
CA THR F 15 -16.82 28.32 -37.01
C THR F 15 -17.09 26.81 -37.03
N ARG F 16 -16.04 26.03 -37.13
CA ARG F 16 -16.18 24.58 -37.16
C ARG F 16 -16.77 24.08 -35.85
N ASN F 17 -17.56 23.02 -35.94
CA ASN F 17 -18.17 22.41 -34.76
C ASN F 17 -17.26 21.30 -34.26
N ARG F 18 -16.71 21.48 -33.06
CA ARG F 18 -15.79 20.52 -32.47
C ARG F 18 -16.55 19.63 -31.51
N VAL F 19 -16.52 18.36 -31.76
CA VAL F 19 -17.36 17.38 -31.09
C VAL F 19 -16.55 16.67 -30.01
N GLY F 20 -17.18 16.49 -28.85
CA GLY F 20 -16.57 15.75 -27.76
C GLY F 20 -15.79 16.58 -26.77
N ARG F 21 -16.19 17.82 -26.52
CA ARG F 21 -15.41 18.69 -25.65
C ARG F 21 -16.26 19.28 -24.53
N GLY F 22 -17.02 18.45 -23.85
CA GLY F 22 -17.78 18.86 -22.69
C GLY F 22 -19.27 18.69 -22.92
N ILE F 23 -19.99 18.59 -21.80
CA ILE F 23 -21.43 18.39 -21.82
C ILE F 23 -22.21 19.68 -21.98
N GLY F 24 -21.55 20.84 -21.91
CA GLY F 24 -22.24 22.10 -22.04
C GLY F 24 -22.46 22.51 -23.47
N SER F 25 -21.76 21.84 -24.40
CA SER F 25 -21.87 22.17 -25.82
C SER F 25 -22.93 21.35 -26.53
N GLY F 26 -23.50 20.33 -25.89
CA GLY F 26 -24.52 19.49 -26.46
C GLY F 26 -23.97 18.28 -27.19
N ASN F 27 -22.67 18.26 -27.44
CA ASN F 27 -22.05 17.17 -28.19
C ASN F 27 -20.97 16.50 -27.34
N GLY F 28 -21.31 16.18 -26.10
CA GLY F 28 -20.31 15.76 -25.14
C GLY F 28 -20.02 14.28 -25.17
N LYS F 29 -20.43 13.56 -24.13
CA LYS F 29 -20.10 12.15 -23.95
C LYS F 29 -20.24 11.34 -25.23
N THR F 30 -21.46 11.25 -25.77
CA THR F 30 -21.70 10.40 -26.92
C THR F 30 -21.35 11.07 -28.24
N ALA F 31 -20.94 12.33 -28.20
CA ALA F 31 -20.32 13.00 -29.35
C ALA F 31 -21.29 13.17 -30.51
N GLY F 32 -22.58 13.29 -30.20
CA GLY F 32 -23.56 13.54 -31.23
C GLY F 32 -24.02 12.28 -31.93
N LYS F 33 -23.32 11.17 -31.72
CA LYS F 33 -23.65 9.93 -32.40
C LYS F 33 -24.68 9.14 -31.60
N GLY F 34 -25.06 9.66 -30.45
CA GLY F 34 -26.02 8.99 -29.59
C GLY F 34 -25.50 7.67 -29.07
N HIS F 35 -26.41 6.78 -28.71
CA HIS F 35 -26.06 5.45 -28.22
C HIS F 35 -25.72 4.59 -29.44
N LYS F 36 -25.75 3.28 -29.28
CA LYS F 36 -25.25 2.35 -30.29
C LYS F 36 -26.13 2.37 -31.54
N GLY F 37 -25.86 3.32 -32.44
CA GLY F 37 -26.60 3.44 -33.68
C GLY F 37 -26.14 4.60 -34.54
N PHE F 66 -29.14 -0.95 -75.85
CA PHE F 66 -28.37 -1.05 -77.08
C PHE F 66 -27.43 0.13 -77.23
N THR F 67 -26.15 -0.09 -76.94
CA THR F 67 -25.11 0.90 -77.18
C THR F 67 -24.44 0.64 -78.53
N ASN F 68 -24.28 1.70 -79.30
CA ASN F 68 -23.72 1.63 -80.64
C ASN F 68 -22.19 1.78 -80.56
N ILE F 69 -21.51 1.63 -81.68
CA ILE F 69 -20.07 1.81 -81.76
C ILE F 69 -19.69 3.29 -81.79
N ASN F 70 -20.39 4.09 -82.59
CA ASN F 70 -20.15 5.52 -82.65
C ASN F 70 -21.46 6.22 -82.99
N ARG F 71 -21.73 7.32 -82.30
CA ARG F 71 -22.97 8.06 -82.47
C ARG F 71 -22.66 9.48 -82.93
N LYS F 72 -23.35 9.91 -83.99
CA LYS F 72 -23.27 11.29 -84.42
C LYS F 72 -24.16 12.17 -83.55
N GLU F 73 -23.54 13.16 -82.89
CA GLU F 73 -24.25 14.04 -81.96
C GLU F 73 -23.95 15.48 -82.35
N TYR F 74 -24.90 16.12 -83.01
CA TYR F 74 -24.72 17.50 -83.45
C TYR F 74 -24.87 18.48 -82.29
N ALA F 75 -24.26 19.65 -82.44
CA ALA F 75 -24.46 20.76 -81.52
C ALA F 75 -25.81 21.40 -81.79
N VAL F 76 -26.21 22.34 -80.93
CA VAL F 76 -27.52 22.99 -81.04
C VAL F 76 -27.33 24.50 -81.00
N VAL F 77 -27.95 25.20 -81.94
CA VAL F 77 -27.93 26.69 -81.95
C VAL F 77 -29.37 27.13 -82.26
N ASN F 78 -30.21 27.32 -81.23
CA ASN F 78 -31.65 27.64 -81.48
C ASN F 78 -31.80 28.96 -82.23
N LEU F 79 -32.96 29.16 -82.87
CA LEU F 79 -33.22 30.42 -83.60
C LEU F 79 -32.97 31.60 -82.65
N ASP F 80 -33.32 31.43 -81.37
CA ASP F 80 -33.14 32.53 -80.38
C ASP F 80 -31.65 32.90 -80.30
N LYS F 81 -30.76 31.91 -80.43
CA LYS F 81 -29.32 32.23 -80.47
C LYS F 81 -29.10 33.08 -81.72
N LEU F 82 -29.66 32.63 -82.85
CA LEU F 82 -29.51 33.39 -84.11
C LEU F 82 -30.35 34.68 -84.01
N ASN F 83 -31.27 34.75 -83.06
CA ASN F 83 -32.02 36.02 -82.87
C ASN F 83 -30.97 37.07 -82.47
N GLY F 84 -30.83 38.12 -83.27
CA GLY F 84 -29.77 39.10 -82.99
C GLY F 84 -28.42 38.43 -83.09
N PHE F 85 -28.23 37.56 -84.09
CA PHE F 85 -26.90 36.93 -84.30
C PHE F 85 -26.01 37.90 -85.06
N ALA F 86 -26.11 39.20 -84.77
CA ALA F 86 -25.24 40.21 -85.43
C ALA F 86 -23.89 39.57 -85.72
N GLU F 87 -23.25 38.99 -84.71
CA GLU F 87 -21.96 38.27 -84.88
C GLU F 87 -21.37 38.46 -86.27
N GLY F 88 -21.80 37.66 -87.25
CA GLY F 88 -21.21 37.74 -88.61
C GLY F 88 -22.25 37.44 -89.68
N THR F 89 -22.12 38.09 -90.84
CA THR F 89 -23.07 37.86 -91.95
C THR F 89 -23.22 36.37 -92.18
N GLU F 90 -22.11 35.70 -92.47
CA GLU F 90 -22.15 34.22 -92.65
C GLU F 90 -22.06 33.56 -91.27
N VAL F 91 -23.10 32.81 -90.90
CA VAL F 91 -23.08 32.06 -89.61
C VAL F 91 -22.35 30.74 -89.89
N THR F 92 -21.02 30.78 -89.96
CA THR F 92 -20.24 29.56 -90.24
C THR F 92 -20.01 28.81 -88.95
N PRO F 93 -19.95 27.46 -88.96
CA PRO F 93 -19.64 26.68 -87.73
C PRO F 93 -18.42 27.29 -87.05
N GLU F 94 -17.51 27.88 -87.83
CA GLU F 94 -16.31 28.54 -87.25
C GLU F 94 -16.77 29.74 -86.41
N LEU F 95 -17.22 30.82 -87.05
CA LEU F 95 -17.71 32.01 -86.31
C LEU F 95 -18.49 31.55 -85.07
N LEU F 96 -19.50 30.70 -85.27
CA LEU F 96 -20.30 30.15 -84.14
C LEU F 96 -19.36 29.83 -82.96
N LEU F 97 -18.35 29.00 -83.22
CA LEU F 97 -17.40 28.61 -82.16
C LEU F 97 -16.44 29.78 -81.87
N GLU F 98 -15.94 30.44 -82.91
CA GLU F 98 -14.93 31.52 -82.72
C GLU F 98 -15.50 32.59 -81.78
N THR F 99 -16.65 33.16 -82.13
CA THR F 99 -17.29 34.17 -81.25
C THR F 99 -17.59 33.54 -79.91
N GLY F 100 -18.05 32.29 -79.91
CA GLY F 100 -18.28 31.57 -78.64
C GLY F 100 -19.71 31.06 -78.54
N VAL F 101 -20.61 31.57 -79.39
CA VAL F 101 -22.04 31.17 -79.30
C VAL F 101 -22.10 29.64 -79.20
N ILE F 102 -21.39 28.92 -80.07
CA ILE F 102 -21.31 27.44 -79.94
C ILE F 102 -19.93 27.12 -79.34
N SER F 103 -19.82 26.09 -78.51
CA SER F 103 -18.49 25.70 -77.98
C SER F 103 -18.03 24.44 -78.72
N LYS F 104 -17.80 23.35 -78.00
CA LYS F 104 -17.43 22.07 -78.66
C LYS F 104 -18.32 21.86 -79.89
N LEU F 105 -17.74 21.96 -81.08
CA LEU F 105 -18.53 21.78 -82.34
C LEU F 105 -19.04 20.33 -82.40
N ASN F 106 -18.35 19.41 -81.71
CA ASN F 106 -18.78 17.98 -81.69
C ASN F 106 -18.95 17.47 -83.12
N ALA F 107 -20.02 16.70 -83.38
CA ALA F 107 -20.20 16.10 -84.72
C ALA F 107 -20.41 17.21 -85.76
N GLY F 108 -21.12 18.28 -85.38
CA GLY F 108 -21.38 19.39 -86.30
C GLY F 108 -22.43 20.33 -85.75
N VAL F 109 -22.72 21.41 -86.47
CA VAL F 109 -23.70 22.41 -85.97
C VAL F 109 -25.10 22.04 -86.50
N LYS F 110 -26.14 22.33 -85.73
CA LYS F 110 -27.54 22.07 -86.18
C LYS F 110 -28.41 23.21 -85.65
N ILE F 111 -29.11 23.92 -86.54
CA ILE F 111 -30.00 24.99 -86.11
C ILE F 111 -31.36 24.40 -85.79
N LEU F 112 -31.94 24.83 -84.67
CA LEU F 112 -33.24 24.26 -84.24
C LEU F 112 -34.29 25.37 -84.16
N GLY F 113 -35.55 25.05 -84.47
CA GLY F 113 -36.62 26.08 -84.52
C GLY F 113 -37.06 26.51 -83.14
N ASN F 114 -36.25 27.29 -82.43
CA ASN F 114 -36.67 27.81 -81.10
C ASN F 114 -36.19 29.27 -81.00
N GLY F 115 -37.11 30.23 -81.06
CA GLY F 115 -36.72 31.64 -81.04
C GLY F 115 -37.24 32.35 -82.27
N LYS F 116 -37.06 33.68 -82.35
CA LYS F 116 -37.62 34.44 -83.50
C LYS F 116 -36.50 35.28 -84.14
N LEU F 117 -35.42 34.61 -84.56
CA LEU F 117 -34.29 35.32 -85.20
C LEU F 117 -34.81 36.36 -86.21
N GLU F 118 -34.40 37.62 -86.06
CA GLU F 118 -34.95 38.69 -86.95
C GLU F 118 -33.85 39.67 -87.38
N LYS F 119 -33.19 39.41 -88.52
CA LYS F 119 -32.18 40.34 -89.08
C LYS F 119 -31.66 39.78 -90.41
N LYS F 120 -31.28 40.66 -91.34
CA LYS F 120 -30.72 40.22 -92.65
C LYS F 120 -29.36 39.56 -92.39
N LEU F 121 -29.27 38.24 -92.60
CA LEU F 121 -28.01 37.51 -92.29
C LEU F 121 -27.97 36.18 -93.03
N THR F 122 -26.80 35.81 -93.58
CA THR F 122 -26.68 34.49 -94.23
C THR F 122 -26.38 33.47 -93.15
N VAL F 123 -26.37 32.18 -93.50
CA VAL F 123 -26.20 31.10 -92.49
C VAL F 123 -25.45 29.93 -93.17
N LYS F 124 -24.79 29.09 -92.38
CA LYS F 124 -24.08 27.92 -92.95
C LYS F 124 -24.04 26.80 -91.89
N ALA F 125 -25.05 25.93 -91.87
CA ALA F 125 -25.06 24.90 -90.84
C ALA F 125 -25.08 23.52 -91.47
N ASN F 126 -24.59 22.55 -90.71
CA ASN F 126 -24.47 21.18 -91.19
C ASN F 126 -25.84 20.53 -91.34
N LYS F 127 -26.76 20.75 -90.40
CA LYS F 127 -28.10 20.19 -90.50
C LYS F 127 -29.10 21.23 -90.03
N PHE F 128 -30.34 21.09 -90.49
CA PHE F 128 -31.41 22.03 -90.16
C PHE F 128 -32.65 21.26 -89.72
N SER F 129 -33.56 21.98 -89.08
CA SER F 129 -34.87 21.47 -88.71
C SER F 129 -35.89 22.01 -89.70
N ALA F 130 -37.12 21.47 -89.62
CA ALA F 130 -38.19 21.96 -90.47
C ALA F 130 -38.53 23.41 -90.12
N SER F 131 -38.76 23.67 -88.83
CA SER F 131 -39.08 25.02 -88.39
C SER F 131 -37.90 25.97 -88.64
N ALA F 132 -36.68 25.50 -88.38
CA ALA F 132 -35.51 26.33 -88.65
C ALA F 132 -35.41 26.66 -90.14
N LYS F 133 -35.66 25.68 -91.00
CA LYS F 133 -35.65 25.88 -92.44
C LYS F 133 -36.67 26.92 -92.85
N GLU F 134 -37.91 26.78 -92.40
CA GLU F 134 -38.92 27.73 -92.83
C GLU F 134 -38.66 29.12 -92.26
N ALA F 135 -38.10 29.21 -91.05
CA ALA F 135 -37.78 30.52 -90.48
C ALA F 135 -36.66 31.20 -91.26
N VAL F 136 -35.59 30.47 -91.59
CA VAL F 136 -34.49 31.10 -92.30
C VAL F 136 -34.92 31.46 -93.72
N GLU F 137 -35.77 30.65 -94.34
CA GLU F 137 -36.23 30.98 -95.69
C GLU F 137 -37.23 32.14 -95.70
N ALA F 138 -38.07 32.26 -94.67
CA ALA F 138 -38.95 33.41 -94.56
C ALA F 138 -38.19 34.66 -94.18
N ALA F 139 -37.04 34.51 -93.53
CA ALA F 139 -36.21 35.68 -93.21
C ALA F 139 -35.66 36.31 -94.49
N GLY F 140 -35.07 35.51 -95.36
CA GLY F 140 -34.48 36.00 -96.59
C GLY F 140 -33.01 35.68 -96.75
N GLY F 141 -32.39 34.95 -95.82
CA GLY F 141 -30.99 34.60 -95.93
C GLY F 141 -30.77 33.24 -96.55
N THR F 142 -29.51 33.00 -96.92
CA THR F 142 -29.13 31.72 -97.49
C THR F 142 -29.13 30.64 -96.41
N ALA F 143 -29.38 29.41 -96.83
CA ALA F 143 -29.45 28.28 -95.91
C ALA F 143 -28.69 27.08 -96.46
N GLU F 144 -27.46 27.33 -96.91
CA GLU F 144 -26.64 26.26 -97.46
C GLU F 144 -26.29 25.23 -96.38
N VAL F 145 -26.09 24.00 -96.82
CA VAL F 145 -25.83 22.87 -95.94
C VAL F 145 -24.49 22.26 -96.32
N ILE F 146 -23.62 22.08 -95.34
CA ILE F 146 -22.33 21.45 -95.56
C ILE F 146 -22.52 19.98 -95.96
N SER G 2 9.77 -18.84 42.18
CA SER G 2 10.50 -19.97 41.65
C SER G 2 11.90 -19.55 41.19
N TYR G 3 12.24 -19.86 39.96
CA TYR G 3 13.54 -19.49 39.42
C TYR G 3 13.38 -19.14 37.94
N ARG G 4 14.28 -18.30 37.45
CA ARG G 4 14.20 -17.81 36.09
C ARG G 4 14.78 -18.81 35.12
N LYS G 5 14.20 -18.88 33.91
CA LYS G 5 14.70 -19.76 32.87
C LYS G 5 15.78 -19.12 32.02
N LEU G 6 15.84 -17.79 31.99
CA LEU G 6 16.92 -17.04 31.37
C LEU G 6 17.03 -17.28 29.87
N GLY G 7 15.98 -17.76 29.23
CA GLY G 7 15.97 -17.90 27.80
C GLY G 7 16.74 -19.07 27.25
N ARG G 8 17.23 -19.96 28.10
CA ARG G 8 18.01 -21.11 27.69
C ARG G 8 17.21 -22.39 27.93
N THR G 9 17.79 -23.51 27.54
CA THR G 9 17.25 -24.81 27.87
C THR G 9 17.86 -25.27 29.18
N SER G 10 17.42 -26.44 29.67
CA SER G 10 17.77 -26.86 31.03
C SER G 10 19.26 -27.07 31.21
N ALA G 11 19.99 -27.44 30.16
CA ALA G 11 21.41 -27.72 30.28
C ALA G 11 22.28 -26.50 30.00
N GLN G 12 21.88 -25.66 29.04
CA GLN G 12 22.62 -24.44 28.78
C GLN G 12 22.58 -23.50 29.97
N ARG G 13 21.44 -23.46 30.67
CA ARG G 13 21.33 -22.64 31.87
C ARG G 13 22.33 -23.08 32.92
N LYS G 14 22.41 -24.39 33.15
CA LYS G 14 23.37 -24.90 34.12
C LYS G 14 24.79 -24.56 33.72
N ALA G 15 25.11 -24.73 32.44
CA ALA G 15 26.47 -24.44 31.99
C ALA G 15 26.81 -22.97 32.20
N MET G 16 25.90 -22.08 31.85
CA MET G 16 26.19 -20.63 31.99
C MET G 16 26.31 -20.26 33.47
N LEU G 17 25.49 -20.84 34.32
CA LEU G 17 25.62 -20.56 35.75
C LEU G 17 26.96 -21.02 36.29
N ARG G 18 27.40 -22.22 35.89
CA ARG G 18 28.70 -22.70 36.33
C ARG G 18 29.83 -21.79 35.86
N ASP G 19 29.76 -21.38 34.60
CA ASP G 19 30.80 -20.52 34.05
C ASP G 19 30.86 -19.19 34.77
N LEU G 20 29.69 -18.58 35.03
CA LEU G 20 29.68 -17.29 35.70
C LEU G 20 30.16 -17.40 37.14
N THR G 21 29.80 -18.48 37.83
CA THR G 21 30.29 -18.68 39.19
C THR G 21 31.81 -18.75 39.21
N THR G 22 32.39 -19.54 38.31
CA THR G 22 33.83 -19.64 38.27
C THR G 22 34.47 -18.30 37.92
N ASP G 23 33.88 -17.57 36.97
CA ASP G 23 34.44 -16.29 36.57
C ASP G 23 34.43 -15.29 37.72
N LEU G 24 33.34 -15.26 38.49
CA LEU G 24 33.27 -14.37 39.64
C LEU G 24 34.26 -14.77 40.71
N ILE G 25 34.44 -16.07 40.95
CA ILE G 25 35.45 -16.51 41.90
C ILE G 25 36.83 -16.03 41.46
N ILE G 26 37.11 -16.09 40.16
CA ILE G 26 38.43 -15.70 39.67
C ILE G 26 38.65 -14.20 39.81
N ASN G 27 37.73 -13.40 39.28
CA ASN G 27 38.01 -11.99 39.02
C ASN G 27 37.51 -11.05 40.11
N GLU G 28 36.78 -11.53 41.11
CA GLU G 28 36.36 -10.75 42.27
C GLU G 28 35.28 -9.72 41.93
N ARG G 29 34.99 -9.54 40.65
CA ARG G 29 34.03 -8.52 40.23
C ARG G 29 33.73 -8.73 38.76
N ILE G 30 32.44 -8.81 38.43
CA ILE G 30 31.97 -9.22 37.11
C ILE G 30 30.95 -8.19 36.62
N GLU G 31 30.87 -8.02 35.31
CA GLU G 31 29.81 -7.22 34.69
C GLU G 31 28.98 -8.13 33.79
N THR G 32 27.68 -8.19 34.04
CA THR G 32 26.77 -9.02 33.27
C THR G 32 25.39 -8.36 33.32
N THR G 33 24.38 -9.05 32.82
CA THR G 33 23.04 -8.47 32.84
C THR G 33 22.48 -8.47 34.24
N GLU G 34 21.39 -7.72 34.42
CA GLU G 34 20.79 -7.57 35.73
C GLU G 34 20.18 -8.87 36.23
N THR G 35 19.46 -9.58 35.37
CA THR G 35 18.79 -10.80 35.78
C THR G 35 19.77 -11.96 35.92
N ARG G 36 20.82 -11.99 35.10
CA ARG G 36 21.85 -13.01 35.29
C ARG G 36 22.52 -12.84 36.65
N ALA G 37 22.79 -11.61 37.04
CA ALA G 37 23.35 -11.37 38.37
C ALA G 37 22.36 -11.77 39.46
N LYS G 38 21.09 -11.43 39.27
CA LYS G 38 20.08 -11.78 40.26
C LYS G 38 19.97 -13.29 40.44
N GLU G 39 20.21 -14.06 39.39
CA GLU G 39 20.19 -15.51 39.51
C GLU G 39 21.52 -16.10 39.94
N LEU G 40 22.63 -15.40 39.70
CA LEU G 40 23.96 -15.86 40.06
C LEU G 40 24.24 -15.67 41.54
N ARG G 41 23.62 -14.68 42.16
CA ARG G 41 23.86 -14.39 43.56
C ARG G 41 23.69 -15.63 44.43
N SER G 42 22.60 -16.36 44.24
CA SER G 42 22.29 -17.48 45.11
C SER G 42 23.32 -18.59 45.00
N VAL G 43 23.68 -18.99 43.79
CA VAL G 43 24.60 -20.10 43.61
C VAL G 43 25.99 -19.73 44.11
N VAL G 44 26.43 -18.50 43.81
CA VAL G 44 27.77 -18.14 44.26
C VAL G 44 27.83 -18.08 45.79
N GLU G 45 26.76 -17.61 46.43
CA GLU G 45 26.76 -17.60 47.89
C GLU G 45 26.72 -19.01 48.46
N LYS G 46 26.00 -19.93 47.82
CA LYS G 46 25.99 -21.30 48.31
C LYS G 46 27.38 -21.92 48.20
N MET G 47 28.12 -21.62 47.14
CA MET G 47 29.46 -22.19 47.02
C MET G 47 30.43 -21.56 48.01
N ILE G 48 30.27 -20.27 48.28
CA ILE G 48 31.06 -19.67 49.36
C ILE G 48 30.76 -20.36 50.68
N THR G 49 29.49 -20.69 50.91
CA THR G 49 29.12 -21.41 52.13
C THR G 49 29.80 -22.77 52.19
N LEU G 50 29.83 -23.48 51.07
CA LEU G 50 30.54 -24.77 51.04
C LEU G 50 32.01 -24.60 51.34
N GLY G 51 32.65 -23.60 50.73
CA GLY G 51 34.06 -23.37 50.99
C GLY G 51 34.36 -23.01 52.42
N LYS G 52 33.43 -22.33 53.09
CA LYS G 52 33.65 -21.97 54.49
C LYS G 52 33.71 -23.18 55.40
N ARG G 53 33.19 -24.33 54.98
CA ARG G 53 33.28 -25.52 55.80
C ARG G 53 34.70 -26.08 55.79
N GLY G 54 35.20 -26.44 54.61
CA GLY G 54 36.59 -26.78 54.43
C GLY G 54 36.92 -28.25 54.43
N ASP G 55 35.98 -29.13 54.78
CA ASP G 55 36.31 -30.55 54.84
C ASP G 55 36.35 -31.14 53.44
N LEU G 56 36.71 -32.42 53.36
CA LEU G 56 36.86 -33.07 52.05
C LEU G 56 35.52 -33.19 51.34
N HIS G 57 34.46 -33.51 52.08
CA HIS G 57 33.15 -33.70 51.47
C HIS G 57 32.67 -32.42 50.79
N ALA G 58 32.77 -31.29 51.48
CA ALA G 58 32.41 -30.02 50.87
C ALA G 58 33.34 -29.69 49.72
N ARG G 59 34.62 -30.05 49.83
CA ARG G 59 35.55 -29.77 48.74
C ARG G 59 35.15 -30.50 47.48
N ARG G 60 34.73 -31.76 47.60
CA ARG G 60 34.32 -32.51 46.42
C ARG G 60 32.97 -32.06 45.90
N GLN G 61 32.06 -31.65 46.80
CA GLN G 61 30.81 -31.06 46.32
C GLN G 61 31.07 -29.81 45.50
N ALA G 62 31.98 -28.96 45.97
CA ALA G 62 32.36 -27.79 45.20
C ALA G 62 33.01 -28.19 43.88
N ALA G 63 33.89 -29.19 43.91
CA ALA G 63 34.59 -29.60 42.70
C ALA G 63 33.63 -30.14 41.64
N ALA G 64 32.54 -30.74 42.06
CA ALA G 64 31.56 -31.23 41.08
C ALA G 64 30.79 -30.12 40.41
N TYR G 65 31.11 -28.86 40.68
CA TYR G 65 30.43 -27.72 40.07
C TYR G 65 31.34 -26.64 39.57
N ILE G 66 32.57 -26.53 40.07
CA ILE G 66 33.48 -25.46 39.68
C ILE G 66 34.27 -25.87 38.47
N ARG G 67 34.52 -24.91 37.57
CA ARG G 67 35.29 -25.19 36.36
C ARG G 67 36.77 -25.38 36.69
N ASN G 68 37.47 -26.08 35.80
CA ASN G 68 38.90 -26.33 35.94
C ASN G 68 39.64 -25.19 35.27
N GLU G 69 39.91 -24.13 36.03
CA GLU G 69 40.58 -22.95 35.49
C GLU G 69 41.59 -22.45 36.50
N VAL G 70 42.46 -21.55 36.05
CA VAL G 70 43.60 -21.08 36.82
C VAL G 70 43.25 -19.72 37.42
N ALA G 71 43.36 -19.61 38.74
CA ALA G 71 43.10 -18.34 39.40
C ALA G 71 44.21 -17.33 39.10
N ASN G 72 45.44 -17.66 39.44
CA ASN G 72 46.59 -16.85 39.07
C ASN G 72 47.76 -17.74 38.73
N GLU G 73 48.50 -17.36 37.68
CA GLU G 73 49.57 -18.22 37.18
C GLU G 73 50.82 -18.13 38.04
N GLU G 74 50.96 -17.09 38.86
CA GLU G 74 52.17 -16.92 39.63
C GLU G 74 52.37 -18.05 40.63
N ASN G 75 51.28 -18.49 41.26
CA ASN G 75 51.39 -19.52 42.32
C ASN G 75 50.76 -20.85 41.88
N ASN G 76 50.38 -20.97 40.61
CA ASN G 76 49.73 -22.17 40.10
C ASN G 76 48.63 -22.55 41.08
N GLN G 77 47.60 -21.70 41.09
CA GLN G 77 46.48 -21.85 42.00
C GLN G 77 45.21 -22.08 41.20
N ASP G 78 44.48 -23.12 41.57
CA ASP G 78 43.20 -23.45 40.96
C ASP G 78 42.10 -22.53 41.51
N ALA G 79 41.00 -22.46 40.77
CA ALA G 79 39.85 -21.72 41.28
C ALA G 79 39.29 -22.37 42.53
N LEU G 80 39.24 -23.70 42.58
CA LEU G 80 38.78 -24.39 43.78
C LEU G 80 39.72 -24.13 44.96
N GLN G 81 41.02 -24.14 44.72
CA GLN G 81 41.97 -23.84 45.79
C GLN G 81 41.80 -22.42 46.28
N LYS G 82 41.59 -21.48 45.36
CA LYS G 82 41.31 -20.10 45.77
C LYS G 82 40.05 -20.02 46.61
N LEU G 83 39.00 -20.74 46.21
CA LEU G 83 37.76 -20.72 46.97
C LEU G 83 37.97 -21.22 48.38
N PHE G 84 38.71 -22.31 48.54
CA PHE G 84 38.86 -22.93 49.85
C PHE G 84 40.00 -22.35 50.67
N SER G 85 40.81 -21.46 50.11
CA SER G 85 41.92 -20.94 50.90
C SER G 85 41.83 -19.43 51.08
N ASP G 86 41.45 -18.71 50.03
CA ASP G 86 41.54 -17.26 50.07
C ASP G 86 40.24 -16.62 50.54
N ILE G 87 39.11 -16.97 49.92
CA ILE G 87 37.83 -16.34 50.19
C ILE G 87 37.23 -16.81 51.50
N ALA G 88 37.30 -18.12 51.76
CA ALA G 88 36.77 -18.65 53.01
C ALA G 88 37.45 -18.04 54.21
N THR G 89 38.72 -17.68 54.09
CA THR G 89 39.41 -16.98 55.17
C THR G 89 38.95 -15.54 55.28
N ARG G 90 38.67 -14.89 54.16
CA ARG G 90 38.24 -13.48 54.21
C ARG G 90 36.88 -13.35 54.86
N TYR G 91 35.92 -14.20 54.48
CA TYR G 91 34.58 -14.11 55.05
C TYR G 91 34.40 -15.07 56.22
N GLU G 92 35.24 -14.96 57.25
CA GLU G 92 35.12 -15.90 58.36
C GLU G 92 34.14 -15.41 59.41
N GLU G 93 33.71 -14.15 59.34
CA GLU G 93 32.84 -13.57 60.35
C GLU G 93 31.46 -13.18 59.82
N ARG G 94 31.28 -13.11 58.51
CA ARG G 94 29.97 -12.79 57.96
C ARG G 94 29.03 -13.97 58.03
N GLN G 95 27.78 -13.69 58.39
CA GLN G 95 26.71 -14.66 58.29
C GLN G 95 25.87 -14.25 57.08
N GLY G 96 26.26 -14.77 55.91
CA GLY G 96 25.51 -14.56 54.70
C GLY G 96 25.78 -13.19 54.09
N GLY G 97 25.30 -13.02 52.87
CA GLY G 97 25.41 -11.76 52.17
C GLY G 97 26.83 -11.44 51.76
N TYR G 98 27.40 -12.28 50.91
CA TYR G 98 28.77 -12.10 50.46
C TYR G 98 28.89 -11.29 49.18
N THR G 99 27.79 -10.95 48.54
CA THR G 99 27.81 -10.29 47.25
C THR G 99 26.97 -9.02 47.30
N ARG G 100 27.13 -8.18 46.29
CA ARG G 100 26.30 -7.00 46.15
C ARG G 100 26.21 -6.64 44.68
N ILE G 101 25.01 -6.27 44.24
CA ILE G 101 24.73 -5.96 42.84
C ILE G 101 24.52 -4.46 42.72
N MET G 102 25.18 -3.86 41.75
CA MET G 102 25.06 -2.44 41.48
C MET G 102 24.63 -2.26 40.03
N LYS G 103 23.55 -1.52 39.81
CA LYS G 103 22.99 -1.38 38.48
C LYS G 103 23.69 -0.26 37.72
N LEU G 104 23.98 -0.52 36.45
CA LEU G 104 24.71 0.44 35.64
C LEU G 104 23.80 1.23 34.70
N GLY G 105 23.08 0.53 33.83
CA GLY G 105 22.28 1.17 32.82
C GLY G 105 22.13 0.33 31.57
N PRO G 106 21.44 0.85 30.57
CA PRO G 106 21.15 0.05 29.38
C PRO G 106 22.37 -0.13 28.49
N ARG G 107 22.44 -1.30 27.87
CA ARG G 107 23.44 -1.61 26.86
C ARG G 107 23.09 -0.92 25.54
N ARG G 108 24.11 -0.67 24.72
CA ARG G 108 23.84 -0.02 23.45
C ARG G 108 23.26 -0.97 22.43
N GLY G 109 23.75 -2.22 22.41
CA GLY G 109 23.36 -3.14 21.36
C GLY G 109 21.89 -3.52 21.40
N ASP G 110 21.37 -3.80 22.60
CA ASP G 110 20.03 -4.34 22.74
C ASP G 110 19.24 -3.71 23.87
N GLY G 111 19.73 -2.63 24.46
CA GLY G 111 19.01 -2.01 25.55
C GLY G 111 18.91 -2.81 26.81
N ALA G 112 19.69 -3.89 26.94
CA ALA G 112 19.61 -4.73 28.12
C ALA G 112 20.10 -3.97 29.35
N PRO G 113 19.54 -4.22 30.52
CA PRO G 113 20.03 -3.57 31.74
C PRO G 113 21.25 -4.29 32.27
N MET G 114 22.31 -3.52 32.54
CA MET G 114 23.58 -4.07 32.97
C MET G 114 23.79 -3.85 34.46
N ALA G 115 24.66 -4.67 35.05
CA ALA G 115 24.89 -4.63 36.48
C ALA G 115 26.25 -5.22 36.80
N ILE G 116 26.88 -4.69 37.86
CA ILE G 116 28.12 -5.21 38.39
C ILE G 116 27.80 -6.05 39.61
N ILE G 117 28.34 -7.26 39.65
CA ILE G 117 28.21 -8.11 40.83
C ILE G 117 29.61 -8.38 41.37
N GLU G 118 29.81 -8.10 42.65
CA GLU G 118 31.14 -8.18 43.25
C GLU G 118 31.04 -8.80 44.62
N LEU G 119 32.18 -9.28 45.11
CA LEU G 119 32.27 -9.82 46.45
C LEU G 119 32.55 -8.69 47.44
N VAL G 120 31.86 -8.71 48.58
CA VAL G 120 32.02 -7.65 49.56
C VAL G 120 33.29 -7.85 50.37
N GLN H 2 4.17 -22.74 59.77
CA GLN H 2 2.93 -23.47 59.99
C GLN H 2 2.88 -24.02 61.40
N LYS H 3 3.70 -23.45 62.29
CA LYS H 3 3.73 -23.91 63.67
C LYS H 3 2.35 -23.83 64.32
N LEU H 4 1.55 -22.83 63.92
CA LEU H 4 0.21 -22.67 64.47
C LEU H 4 -0.61 -23.94 64.30
N ILE H 5 -0.58 -24.53 63.10
CA ILE H 5 -1.36 -25.74 62.85
C ILE H 5 -0.84 -26.88 63.69
N GLU H 6 0.48 -26.96 63.90
CA GLU H 6 1.02 -28.00 64.78
C GLU H 6 0.51 -27.86 66.20
N ASP H 7 0.48 -26.63 66.74
CA ASP H 7 -0.09 -26.47 68.08
C ASP H 7 -1.56 -26.83 68.09
N ILE H 8 -2.29 -26.47 67.02
CA ILE H 8 -3.72 -26.79 66.95
C ILE H 8 -3.94 -28.29 67.01
N THR H 9 -3.12 -29.06 66.31
CA THR H 9 -3.37 -30.48 66.12
C THR H 9 -2.52 -31.38 67.03
N LYS H 10 -1.72 -30.81 67.92
CA LYS H 10 -0.81 -31.64 68.71
C LYS H 10 -1.55 -32.60 69.64
N GLU H 11 -2.72 -32.23 70.16
CA GLU H 11 -3.36 -33.05 71.18
C GLU H 11 -3.93 -34.35 70.61
N GLN H 12 -4.19 -34.43 69.32
CA GLN H 12 -4.73 -35.65 68.73
C GLN H 12 -3.66 -36.60 68.22
N LEU H 13 -2.40 -36.17 68.21
CA LEU H 13 -1.33 -37.06 67.79
C LEU H 13 -1.15 -38.19 68.79
N ARG H 14 -0.94 -39.39 68.29
CA ARG H 14 -0.79 -40.56 69.15
C ARG H 14 0.67 -40.80 69.49
N THR H 15 0.90 -41.44 70.64
CA THR H 15 2.24 -41.69 71.14
C THR H 15 2.58 -43.17 71.30
N ASP H 16 1.60 -44.05 71.40
CA ASP H 16 1.84 -45.47 71.54
C ASP H 16 2.09 -46.16 70.20
N LEU H 17 3.05 -45.66 69.43
CA LEU H 17 3.27 -46.15 68.08
C LEU H 17 4.67 -46.71 67.94
N PRO H 18 4.82 -47.92 67.42
CA PRO H 18 6.17 -48.44 67.14
C PRO H 18 6.77 -47.73 65.94
N ALA H 19 8.07 -47.95 65.76
CA ALA H 19 8.79 -47.41 64.62
C ALA H 19 8.85 -48.47 63.53
N PHE H 20 8.34 -48.15 62.35
CA PHE H 20 8.29 -49.10 61.25
C PHE H 20 8.69 -48.39 59.96
N ARG H 21 9.16 -49.16 59.00
CA ARG H 21 9.63 -48.63 57.73
C ARG H 21 8.91 -49.29 56.57
N PRO H 22 8.81 -48.62 55.44
CA PRO H 22 8.28 -49.28 54.24
C PRO H 22 9.08 -50.53 53.90
N GLY H 23 8.43 -51.68 53.99
CA GLY H 23 9.13 -52.93 53.78
C GLY H 23 8.95 -53.87 54.96
N ASP H 24 8.54 -53.32 56.09
CA ASP H 24 8.33 -54.15 57.28
C ASP H 24 6.96 -54.81 57.23
N THR H 25 6.78 -55.82 58.07
CA THR H 25 5.51 -56.53 58.15
C THR H 25 4.80 -56.12 59.44
N LEU H 26 3.57 -55.62 59.28
CA LEU H 26 2.79 -55.14 60.44
C LEU H 26 1.62 -56.08 60.74
N ARG H 27 0.98 -55.91 61.90
CA ARG H 27 -0.24 -56.69 62.25
C ARG H 27 -1.19 -55.67 62.90
N VAL H 28 -1.91 -54.90 62.08
CA VAL H 28 -2.78 -53.81 62.60
C VAL H 28 -4.05 -54.37 63.28
N HIS H 29 -4.50 -53.74 64.37
CA HIS H 29 -5.71 -54.13 65.09
C HIS H 29 -6.74 -53.03 64.89
N VAL H 30 -7.53 -53.15 63.83
CA VAL H 30 -8.55 -52.16 63.52
C VAL H 30 -9.88 -52.61 64.11
N LYS H 31 -10.63 -51.65 64.64
CA LYS H 31 -11.89 -51.93 65.31
C LYS H 31 -13.03 -51.92 64.31
N VAL H 32 -13.91 -52.92 64.39
CA VAL H 32 -15.02 -53.08 63.48
C VAL H 32 -16.32 -52.96 64.27
N VAL H 33 -17.23 -52.11 63.80
CA VAL H 33 -18.44 -51.79 64.53
C VAL H 33 -19.65 -52.27 63.74
N GLU H 34 -19.48 -53.36 63.00
CA GLU H 34 -20.48 -53.78 62.01
C GLU H 34 -21.85 -54.11 62.62
N GLY H 35 -21.93 -55.12 63.49
CA GLY H 35 -23.18 -55.40 64.18
C GLY H 35 -23.19 -54.75 65.55
N ASN H 36 -22.75 -53.49 65.60
CA ASN H 36 -22.34 -52.85 66.85
C ASN H 36 -21.30 -53.82 67.42
N ARG H 37 -21.62 -54.49 68.53
CA ARG H 37 -20.89 -55.64 69.06
C ARG H 37 -19.39 -55.55 68.83
N GLU H 38 -18.77 -54.48 69.34
CA GLU H 38 -17.40 -54.08 69.04
C GLU H 38 -16.44 -55.27 68.93
N ARG H 39 -15.80 -55.40 67.76
CA ARG H 39 -14.93 -56.52 67.46
C ARG H 39 -13.61 -56.02 66.90
N ILE H 40 -12.57 -56.83 67.08
CA ILE H 40 -11.24 -56.54 66.56
C ILE H 40 -11.00 -57.40 65.33
N GLN H 41 -10.67 -56.77 64.22
CA GLN H 41 -10.26 -57.47 63.01
C GLN H 41 -8.80 -57.15 62.76
N ILE H 42 -8.00 -58.18 62.54
CA ILE H 42 -6.55 -58.02 62.45
C ILE H 42 -6.12 -58.10 61.00
N PHE H 43 -5.28 -57.15 60.59
CA PHE H 43 -4.71 -57.08 59.26
C PHE H 43 -3.21 -57.35 59.36
N GLU H 44 -2.68 -58.14 58.44
CA GLU H 44 -1.26 -58.48 58.44
C GLU H 44 -0.75 -58.45 57.01
N GLY H 45 0.30 -57.67 56.78
CA GLY H 45 0.81 -57.48 55.45
C GLY H 45 2.09 -56.68 55.46
N VAL H 46 2.43 -56.13 54.30
CA VAL H 46 3.71 -55.45 54.09
C VAL H 46 3.44 -53.97 53.90
N VAL H 47 4.24 -53.13 54.56
CA VAL H 47 4.11 -51.68 54.42
C VAL H 47 4.64 -51.28 53.06
N ILE H 48 3.84 -50.54 52.30
CA ILE H 48 4.18 -50.15 50.94
C ILE H 48 4.53 -48.67 50.85
N LYS H 49 3.85 -47.84 51.63
CA LYS H 49 4.02 -46.40 51.54
C LYS H 49 3.99 -45.80 52.94
N ARG H 50 4.66 -44.66 53.09
CA ARG H 50 4.62 -43.90 54.33
C ARG H 50 4.58 -42.40 54.05
N ARG H 51 3.81 -41.97 53.05
CA ARG H 51 3.74 -40.56 52.76
C ARG H 51 2.97 -39.84 53.86
N GLY H 52 3.13 -38.52 53.91
CA GLY H 52 2.41 -37.73 54.88
C GLY H 52 3.24 -36.74 55.64
N GLY H 53 3.21 -36.82 56.97
CA GLY H 53 3.90 -35.86 57.80
C GLY H 53 2.96 -35.08 58.69
N GLY H 54 3.02 -35.34 59.99
CA GLY H 54 2.10 -34.71 60.92
C GLY H 54 0.85 -35.54 61.14
N ILE H 55 -0.26 -34.88 61.44
CA ILE H 55 -1.52 -35.60 61.64
C ILE H 55 -2.06 -36.16 60.35
N SER H 56 -1.52 -35.75 59.21
CA SER H 56 -1.97 -36.22 57.90
C SER H 56 -1.19 -37.43 57.40
N GLU H 57 -0.24 -37.94 58.19
CA GLU H 57 0.56 -39.08 57.74
C GLU H 57 -0.31 -40.30 57.53
N THR H 58 -0.07 -41.00 56.43
CA THR H 58 -0.84 -42.17 56.04
C THR H 58 0.10 -43.26 55.56
N PHE H 59 -0.28 -44.51 55.82
CA PHE H 59 0.52 -45.65 55.40
C PHE H 59 -0.36 -46.70 54.76
N THR H 60 0.21 -47.48 53.86
CA THR H 60 -0.50 -48.49 53.10
C THR H 60 0.07 -49.87 53.43
N VAL H 61 -0.81 -50.87 53.55
CA VAL H 61 -0.41 -52.23 53.83
C VAL H 61 -1.01 -53.15 52.79
N ARG H 62 -0.20 -54.06 52.25
CA ARG H 62 -0.59 -54.97 51.19
C ARG H 62 -0.53 -56.41 51.69
N LYS H 63 -1.52 -57.21 51.31
CA LYS H 63 -1.52 -58.62 51.64
C LYS H 63 -2.08 -59.41 50.47
N ILE H 64 -1.96 -60.73 50.58
CA ILE H 64 -2.55 -61.67 49.63
C ILE H 64 -3.50 -62.58 50.38
N SER H 65 -4.74 -62.66 49.91
CA SER H 65 -5.74 -63.51 50.54
C SER H 65 -6.56 -64.20 49.47
N TYR H 66 -6.54 -65.53 49.48
CA TYR H 66 -7.34 -66.34 48.56
C TYR H 66 -6.98 -66.05 47.10
N GLY H 67 -5.74 -65.65 46.85
CA GLY H 67 -5.28 -65.37 45.52
C GLY H 67 -5.51 -63.97 45.02
N VAL H 68 -6.13 -63.11 45.83
CA VAL H 68 -6.38 -61.72 45.46
C VAL H 68 -5.63 -60.82 46.42
N GLY H 69 -4.85 -59.88 45.85
CA GLY H 69 -4.08 -58.96 46.66
C GLY H 69 -4.93 -57.76 47.06
N VAL H 70 -4.85 -57.39 48.33
CA VAL H 70 -5.70 -56.36 48.91
C VAL H 70 -4.82 -55.25 49.47
N GLU H 71 -5.18 -54.01 49.15
CA GLU H 71 -4.54 -52.82 49.68
C GLU H 71 -5.49 -52.18 50.70
N ARG H 72 -4.98 -51.90 51.89
CA ARG H 72 -5.74 -51.13 52.87
C ARG H 72 -4.89 -49.95 53.34
N THR H 73 -5.43 -48.76 53.21
CA THR H 73 -4.75 -47.53 53.60
C THR H 73 -5.35 -46.99 54.89
N PHE H 74 -4.49 -46.55 55.80
CA PHE H 74 -4.95 -46.03 57.07
C PHE H 74 -4.25 -44.72 57.38
N PRO H 75 -4.94 -43.79 58.02
CA PRO H 75 -4.23 -42.68 58.67
C PRO H 75 -3.41 -43.20 59.84
N VAL H 76 -2.30 -42.52 60.11
CA VAL H 76 -1.36 -43.00 61.12
C VAL H 76 -1.96 -42.88 62.51
N HIS H 77 -2.61 -41.76 62.81
CA HIS H 77 -3.08 -41.46 64.16
C HIS H 77 -4.56 -41.78 64.33
N THR H 78 -5.11 -42.69 63.55
CA THR H 78 -6.54 -42.94 63.64
C THR H 78 -6.89 -43.59 64.98
N PRO H 79 -8.00 -43.18 65.59
CA PRO H 79 -8.48 -43.87 66.80
C PRO H 79 -9.18 -45.19 66.50
N LYS H 80 -9.33 -45.55 65.23
CA LYS H 80 -9.89 -46.84 64.87
C LYS H 80 -8.84 -47.94 64.93
N ILE H 81 -7.63 -47.63 65.37
CA ILE H 81 -6.55 -48.61 65.52
C ILE H 81 -6.27 -48.77 67.00
N ALA H 82 -6.28 -50.01 67.48
CA ALA H 82 -5.98 -50.27 68.88
C ALA H 82 -4.49 -50.15 69.14
N LYS H 83 -3.73 -51.03 68.48
CA LYS H 83 -2.27 -51.05 68.66
C LYS H 83 -1.59 -51.63 67.42
N ILE H 84 -0.33 -51.29 67.21
CA ILE H 84 0.45 -51.81 66.09
C ILE H 84 1.66 -52.51 66.67
N GLU H 85 1.92 -53.74 66.21
CA GLU H 85 3.16 -54.43 66.51
C GLU H 85 3.81 -54.88 65.21
N VAL H 86 5.13 -54.82 65.17
CA VAL H 86 5.89 -55.14 63.98
C VAL H 86 6.34 -56.59 64.11
N VAL H 87 6.00 -57.41 63.13
CA VAL H 87 6.36 -58.82 63.19
C VAL H 87 7.80 -59.03 62.72
N ARG H 88 8.14 -58.50 61.55
CA ARG H 88 9.46 -58.71 60.96
C ARG H 88 10.04 -57.39 60.49
N TYR H 89 11.36 -57.34 60.44
CA TYR H 89 12.10 -56.20 59.89
C TYR H 89 12.70 -56.61 58.57
N GLY H 90 12.44 -55.81 57.52
CA GLY H 90 12.86 -56.14 56.18
C GLY H 90 13.87 -55.14 55.65
N LYS H 91 14.90 -55.68 55.00
CA LYS H 91 15.94 -54.83 54.38
C LYS H 91 15.45 -54.47 52.98
N VAL H 92 15.37 -53.19 52.68
CA VAL H 92 14.83 -52.71 51.42
C VAL H 92 15.64 -51.50 50.97
N ARG H 93 15.86 -51.40 49.67
CA ARG H 93 16.64 -50.32 49.09
C ARG H 93 15.80 -49.15 48.63
N ARG H 94 14.61 -48.96 49.20
CA ARG H 94 13.68 -47.97 48.68
C ARG H 94 12.73 -47.52 49.76
N ALA H 95 11.86 -46.57 49.38
CA ALA H 95 10.84 -46.04 50.26
C ALA H 95 9.42 -46.31 49.77
N LYS H 96 9.22 -46.37 48.46
CA LYS H 96 7.94 -46.74 47.87
C LYS H 96 8.12 -48.08 47.15
N LEU H 97 7.28 -49.04 47.49
CA LEU H 97 7.49 -50.41 47.04
C LEU H 97 6.49 -50.83 45.99
N TYR H 98 6.17 -49.94 45.05
CA TYR H 98 5.21 -50.25 44.01
C TYR H 98 5.61 -51.46 43.17
N TYR H 99 6.90 -51.81 43.14
CA TYR H 99 7.35 -52.85 42.23
C TYR H 99 6.81 -54.22 42.63
N LEU H 100 6.52 -54.42 43.90
CA LEU H 100 6.10 -55.77 44.30
C LEU H 100 4.60 -55.97 44.20
N ARG H 101 3.85 -54.99 43.71
CA ARG H 101 2.44 -55.23 43.41
C ARG H 101 2.24 -55.99 42.11
N GLU H 102 3.32 -56.24 41.36
CA GLU H 102 3.28 -57.12 40.21
C GLU H 102 4.04 -58.42 40.44
N LEU H 103 4.97 -58.44 41.38
CA LEU H 103 5.68 -59.66 41.71
C LEU H 103 4.72 -60.64 42.37
N ARG H 104 5.00 -61.93 42.22
CA ARG H 104 4.17 -62.96 42.83
C ARG H 104 5.06 -64.03 43.44
N GLY H 105 4.67 -64.53 44.60
CA GLY H 105 5.32 -65.68 45.19
C GLY H 105 6.75 -65.42 45.58
N LYS H 106 7.65 -66.15 44.94
CA LYS H 106 9.07 -66.15 45.28
C LYS H 106 9.70 -64.78 45.07
N ALA H 107 9.42 -64.16 43.93
CA ALA H 107 10.00 -62.87 43.60
C ALA H 107 9.59 -61.83 44.63
N ALA H 108 8.33 -61.88 45.07
CA ALA H 108 7.88 -60.94 46.08
C ALA H 108 8.43 -61.28 47.46
N ARG H 109 8.44 -62.56 47.81
CA ARG H 109 8.88 -62.98 49.14
C ARG H 109 10.38 -62.79 49.30
N ILE H 110 11.07 -62.48 48.20
CA ILE H 110 12.47 -62.05 48.28
C ILE H 110 12.60 -60.96 49.33
N LYS H 111 11.55 -60.13 49.47
CA LYS H 111 11.62 -58.99 50.41
C LYS H 111 11.83 -59.51 51.82
N GLU H 112 11.43 -60.75 52.06
CA GLU H 112 11.53 -61.32 53.40
C GLU H 112 12.97 -61.35 53.92
N ILE H 113 13.92 -60.84 53.14
CA ILE H 113 15.27 -60.61 53.62
C ILE H 113 15.17 -59.88 54.97
N ARG H 114 15.86 -60.40 55.97
CA ARG H 114 15.63 -59.97 57.35
C ARG H 114 16.83 -59.22 57.90
N ARG H 115 16.58 -58.06 58.48
CA ARG H 115 17.64 -57.27 59.10
C ARG H 115 17.55 -57.30 60.62
N PRO I 1 0.37 23.93 -34.91
CA PRO I 1 1.34 23.90 -33.83
C PRO I 1 0.81 23.18 -32.61
N ARG I 2 1.69 22.83 -31.67
CA ARG I 2 1.31 22.10 -30.48
C ARG I 2 0.92 23.05 -29.37
N VAL I 3 -0.04 22.62 -28.55
CA VAL I 3 -0.50 23.36 -27.39
C VAL I 3 -0.33 22.46 -26.16
N LYS I 4 0.40 22.96 -25.15
CA LYS I 4 0.68 22.13 -23.99
C LYS I 4 -0.44 22.15 -22.96
N GLY I 5 -0.57 23.27 -22.27
CA GLY I 5 -1.63 23.49 -21.31
C GLY I 5 -1.27 22.98 -19.93
N GLY I 6 -0.92 23.85 -18.99
CA GLY I 6 -0.94 23.46 -17.59
C GLY I 6 -1.59 24.51 -16.70
N THR I 7 -1.54 25.75 -17.18
CA THR I 7 -1.94 26.87 -16.35
C THR I 7 -3.46 26.91 -16.19
N VAL I 8 -4.18 26.65 -17.26
CA VAL I 8 -5.64 26.69 -17.20
C VAL I 8 -6.15 25.58 -16.29
N THR I 9 -5.57 24.39 -16.37
CA THR I 9 -5.97 23.30 -15.50
C THR I 9 -5.71 23.63 -14.04
N ARG I 10 -4.52 24.16 -13.74
CA ARG I 10 -4.20 24.49 -12.37
C ARG I 10 -5.16 25.54 -11.82
N LYS I 11 -5.43 26.59 -12.59
CA LYS I 11 -6.31 27.65 -12.10
C LYS I 11 -7.73 27.15 -11.89
N ARG I 12 -8.26 26.38 -12.85
CA ARG I 12 -9.62 25.90 -12.73
C ARG I 12 -9.79 24.97 -11.54
N ARG I 13 -8.81 24.11 -11.27
CA ARG I 13 -8.93 23.27 -10.09
C ARG I 13 -8.75 24.05 -8.80
N LYS I 14 -7.88 25.06 -8.80
CA LYS I 14 -7.65 25.84 -7.59
C LYS I 14 -8.88 26.64 -7.20
N LYS I 15 -9.66 27.10 -8.17
CA LYS I 15 -10.88 27.82 -7.82
C LYS I 15 -11.83 26.94 -7.01
N VAL I 16 -12.02 25.70 -7.45
CA VAL I 16 -12.88 24.78 -6.72
C VAL I 16 -12.30 24.49 -5.35
N LEU I 17 -11.00 24.22 -5.27
CA LEU I 17 -10.42 23.91 -3.97
C LEU I 17 -10.52 25.08 -3.00
N LYS I 18 -10.51 26.31 -3.51
CA LYS I 18 -10.70 27.47 -2.66
C LYS I 18 -12.15 27.62 -2.24
N LEU I 19 -13.09 27.26 -3.11
CA LEU I 19 -14.49 27.26 -2.71
C LEU I 19 -14.79 26.22 -1.65
N ALA I 20 -14.01 25.14 -1.61
CA ALA I 20 -14.23 24.08 -0.64
C ALA I 20 -13.53 24.35 0.69
N LYS I 21 -13.22 25.61 0.99
CA LYS I 21 -12.52 25.93 2.22
C LYS I 21 -13.41 25.73 3.43
N GLY I 22 -12.88 25.01 4.42
CA GLY I 22 -13.59 24.77 5.66
C GLY I 22 -14.22 23.40 5.77
N TYR I 23 -14.16 22.58 4.74
CA TYR I 23 -14.76 21.26 4.81
C TYR I 23 -13.85 20.31 5.57
N PHE I 24 -14.36 19.11 5.82
CA PHE I 24 -13.72 18.18 6.74
C PHE I 24 -12.73 17.29 6.01
N GLY I 25 -11.50 17.28 6.49
CA GLY I 25 -10.54 16.29 6.03
C GLY I 25 -10.23 16.42 4.56
N SER I 26 -10.39 15.30 3.84
CA SER I 26 -10.05 15.27 2.42
C SER I 26 -10.93 16.17 1.58
N LYS I 27 -12.04 16.66 2.11
CA LYS I 27 -12.98 17.41 1.29
C LYS I 27 -12.57 18.86 1.09
N HIS I 28 -11.47 19.31 1.70
CA HIS I 28 -10.89 20.59 1.37
C HIS I 28 -9.49 20.45 0.79
N THR I 29 -9.07 19.23 0.48
CA THR I 29 -7.72 18.94 0.01
C THR I 29 -7.70 18.39 -1.39
N LEU I 30 -8.48 17.35 -1.68
CA LEU I 30 -8.44 16.67 -2.96
C LEU I 30 -9.50 17.20 -3.90
N TYR I 31 -9.13 17.42 -5.15
CA TYR I 31 -10.02 18.09 -6.10
C TYR I 31 -11.27 17.27 -6.37
N LYS I 32 -11.13 15.95 -6.50
CA LYS I 32 -12.25 15.13 -6.94
C LYS I 32 -13.39 15.14 -5.94
N VAL I 33 -13.09 15.07 -4.64
CA VAL I 33 -14.16 15.07 -3.66
C VAL I 33 -14.65 16.48 -3.37
N ALA I 34 -13.76 17.47 -3.45
CA ALA I 34 -14.18 18.85 -3.25
C ALA I 34 -15.17 19.29 -4.32
N ASN I 35 -14.96 18.86 -5.57
CA ASN I 35 -15.89 19.19 -6.63
C ASN I 35 -17.28 18.63 -6.35
N GLN I 36 -17.35 17.37 -5.92
CA GLN I 36 -18.63 16.77 -5.59
C GLN I 36 -19.31 17.53 -4.47
N GLN I 37 -18.56 17.88 -3.43
CA GLN I 37 -19.16 18.59 -2.31
C GLN I 37 -19.66 19.96 -2.73
N VAL I 38 -18.93 20.65 -3.60
CA VAL I 38 -19.38 21.97 -4.03
C VAL I 38 -20.67 21.88 -4.82
N MET I 39 -20.80 20.87 -5.68
CA MET I 39 -22.05 20.70 -6.41
C MET I 39 -23.21 20.41 -5.46
N LYS I 40 -22.99 19.51 -4.49
CA LYS I 40 -24.02 19.22 -3.51
C LYS I 40 -24.42 20.48 -2.76
N SER I 41 -23.44 21.32 -2.44
CA SER I 41 -23.73 22.57 -1.72
C SER I 41 -24.59 23.49 -2.56
N GLY I 42 -24.33 23.57 -3.87
CA GLY I 42 -25.18 24.40 -4.71
C GLY I 42 -26.63 23.95 -4.69
N ASN I 43 -26.84 22.63 -4.84
CA ASN I 43 -28.21 22.11 -4.76
C ASN I 43 -28.86 22.42 -3.42
N TYR I 44 -28.13 22.17 -2.33
CA TYR I 44 -28.68 22.42 -1.00
C TYR I 44 -29.01 23.88 -0.82
N ALA I 45 -28.17 24.77 -1.33
CA ALA I 45 -28.41 26.20 -1.14
C ALA I 45 -29.68 26.63 -1.85
N PHE I 46 -29.93 26.12 -3.05
CA PHE I 46 -31.19 26.45 -3.72
C PHE I 46 -32.38 25.96 -2.90
N ARG I 47 -32.36 24.69 -2.53
CA ARG I 47 -33.47 24.11 -1.80
C ARG I 47 -33.73 24.86 -0.51
N ASP I 48 -32.67 25.26 0.18
CA ASP I 48 -32.84 25.90 1.47
C ASP I 48 -33.17 27.37 1.35
N ARG I 49 -32.84 28.03 0.24
CA ARG I 49 -33.36 29.36 0.02
C ARG I 49 -34.86 29.34 -0.16
N ARG I 50 -35.41 28.21 -0.62
CA ARG I 50 -36.88 28.11 -0.56
C ARG I 50 -37.38 27.76 0.85
N GLN I 51 -36.73 26.79 1.49
CA GLN I 51 -37.20 26.36 2.82
C GLN I 51 -37.11 27.47 3.86
N LYS I 52 -36.24 28.46 3.68
CA LYS I 52 -36.15 29.55 4.64
C LYS I 52 -37.44 30.37 4.67
N LYS I 53 -37.94 30.71 3.49
CA LYS I 53 -39.24 31.36 3.42
C LYS I 53 -40.31 30.47 4.01
N ARG I 54 -40.19 29.16 3.82
CA ARG I 54 -41.15 28.28 4.47
C ARG I 54 -41.10 28.38 5.99
N ASP I 55 -39.89 28.45 6.56
CA ASP I 55 -39.71 28.25 8.00
C ASP I 55 -40.01 29.51 8.82
N PHE I 56 -39.68 30.68 8.29
CA PHE I 56 -39.91 31.88 9.09
C PHE I 56 -41.40 32.14 9.29
N ARG I 57 -42.23 31.79 8.32
CA ARG I 57 -43.67 31.90 8.52
C ARG I 57 -44.16 30.98 9.62
N LYS I 58 -43.61 29.77 9.67
CA LYS I 58 -43.97 28.84 10.74
C LYS I 58 -43.62 29.41 12.10
N LEU I 59 -42.43 30.01 12.22
CA LEU I 59 -42.05 30.64 13.47
C LEU I 59 -43.01 31.77 13.84
N TRP I 60 -43.36 32.60 12.85
CA TRP I 60 -44.26 33.71 13.13
C TRP I 60 -45.61 33.22 13.62
N ILE I 61 -46.14 32.18 12.98
CA ILE I 61 -47.43 31.64 13.39
C ILE I 61 -47.36 31.14 14.82
N THR I 62 -46.28 30.45 15.17
CA THR I 62 -46.16 29.94 16.54
C THR I 62 -46.19 31.07 17.56
N ARG I 63 -45.42 32.13 17.31
CA ARG I 63 -45.39 33.23 18.27
C ARG I 63 -46.73 33.93 18.37
N ILE I 64 -47.42 34.13 17.23
CA ILE I 64 -48.74 34.74 17.28
C ILE I 64 -49.70 33.88 18.08
N ASN I 65 -49.63 32.56 17.91
CA ASN I 65 -50.52 31.68 18.65
C ASN I 65 -50.30 31.83 20.14
N ALA I 66 -49.04 31.87 20.56
CA ALA I 66 -48.75 32.04 21.99
C ALA I 66 -49.31 33.35 22.52
N ALA I 67 -48.97 34.46 21.85
CA ALA I 67 -49.39 35.76 22.36
C ALA I 67 -50.91 35.93 22.30
N ALA I 68 -51.58 35.26 21.36
CA ALA I 68 -53.03 35.35 21.28
C ALA I 68 -53.68 34.54 22.39
N ARG I 69 -53.16 33.34 22.67
CA ARG I 69 -53.70 32.58 23.80
C ARG I 69 -53.43 33.26 25.12
N MET I 70 -52.46 34.17 25.16
CA MET I 70 -52.32 34.99 26.36
C MET I 70 -53.46 36.00 26.51
N ASN I 71 -54.39 36.06 25.56
CA ASN I 71 -55.49 37.02 25.60
C ASN I 71 -56.87 36.37 25.63
N GLY I 72 -56.96 35.06 25.53
CA GLY I 72 -58.25 34.39 25.49
C GLY I 72 -58.73 33.97 24.11
N LEU I 73 -57.86 34.03 23.10
CA LEU I 73 -58.19 33.63 21.75
C LEU I 73 -57.26 32.51 21.32
N SER I 74 -57.50 31.98 20.13
CA SER I 74 -56.56 31.10 19.46
C SER I 74 -56.08 31.78 18.19
N TYR I 75 -55.09 31.16 17.53
CA TYR I 75 -54.55 31.76 16.32
C TYR I 75 -55.61 31.86 15.24
N SER I 76 -56.37 30.78 15.04
CA SER I 76 -57.35 30.77 13.96
C SER I 76 -58.44 31.80 14.17
N ARG I 77 -58.99 31.84 15.39
CA ARG I 77 -60.04 32.82 15.67
C ARG I 77 -59.51 34.24 15.55
N LEU I 78 -58.29 34.48 16.04
CA LEU I 78 -57.73 35.82 15.96
C LEU I 78 -57.51 36.24 14.51
N MET I 79 -57.00 35.33 13.68
CA MET I 79 -56.79 35.69 12.27
C MET I 79 -58.11 35.93 11.56
N HIS I 80 -59.12 35.09 11.82
CA HIS I 80 -60.43 35.31 11.21
C HIS I 80 -60.99 36.65 11.64
N GLY I 81 -60.89 36.98 12.92
CA GLY I 81 -61.38 38.25 13.40
C GLY I 81 -60.62 39.41 12.78
N LEU I 82 -59.30 39.29 12.67
CA LEU I 82 -58.49 40.37 12.11
C LEU I 82 -58.84 40.61 10.65
N LYS I 83 -58.95 39.53 9.87
CA LYS I 83 -59.37 39.67 8.48
C LYS I 83 -60.77 40.25 8.39
N LEU I 84 -61.65 39.89 9.32
CA LEU I 84 -63.04 40.35 9.26
C LEU I 84 -63.11 41.84 9.61
N SER I 85 -61.99 42.45 9.98
CA SER I 85 -62.04 43.86 10.43
C SER I 85 -61.24 44.74 9.47
N GLY I 86 -60.61 44.14 8.46
CA GLY I 86 -59.86 44.93 7.46
C GLY I 86 -58.52 45.35 7.98
N ILE I 87 -58.31 45.30 9.29
CA ILE I 87 -57.01 45.66 9.92
C ILE I 87 -56.02 44.54 9.60
N GLU I 88 -56.51 43.42 9.07
CA GLU I 88 -55.63 42.26 8.79
C GLU I 88 -54.50 42.65 7.84
N VAL I 89 -54.61 43.77 7.14
CA VAL I 89 -53.46 44.12 6.27
C VAL I 89 -52.19 43.84 7.06
N ASN I 90 -52.25 43.99 8.39
CA ASN I 90 -51.01 43.85 9.14
C ASN I 90 -50.52 42.41 9.01
N ARG I 91 -49.21 42.26 8.85
CA ARG I 91 -48.68 40.96 8.46
C ARG I 91 -48.70 39.98 9.62
N LYS I 92 -48.05 38.83 9.40
CA LYS I 92 -47.70 37.93 10.49
C LYS I 92 -46.36 38.31 11.11
N MET I 93 -45.40 38.68 10.25
CA MET I 93 -44.06 39.05 10.74
C MET I 93 -44.18 40.29 11.62
N LEU I 94 -44.79 41.34 11.12
CA LEU I 94 -44.97 42.55 11.90
C LEU I 94 -45.82 42.26 13.13
N ALA I 95 -46.80 41.38 12.98
CA ALA I 95 -47.57 41.05 14.20
C ALA I 95 -46.60 40.47 15.21
N ASP I 96 -45.87 39.41 14.86
CA ASP I 96 -44.90 38.76 15.79
C ASP I 96 -43.93 39.76 16.42
N LEU I 97 -43.41 40.75 15.70
CA LEU I 97 -42.57 41.74 16.39
C LEU I 97 -43.41 42.41 17.47
N ALA I 98 -44.59 42.88 17.10
CA ALA I 98 -45.46 43.55 18.08
C ALA I 98 -46.00 42.51 19.05
N VAL I 99 -45.17 41.56 19.46
CA VAL I 99 -45.59 40.49 20.41
C VAL I 99 -44.38 40.23 21.30
N ASN I 100 -43.18 40.48 20.77
CA ASN I 100 -41.96 40.34 21.60
C ASN I 100 -41.48 41.74 21.98
N ASP I 101 -42.03 42.78 21.37
CA ASP I 101 -41.48 44.15 21.62
C ASP I 101 -42.58 45.12 22.06
N LEU I 102 -43.85 44.77 21.89
CA LEU I 102 -44.95 45.64 22.37
C LEU I 102 -46.23 44.81 22.55
N THR I 103 -46.37 44.15 23.68
CA THR I 103 -47.56 43.30 23.90
C THR I 103 -48.73 44.23 24.11
N ALA I 104 -48.53 45.54 23.98
CA ALA I 104 -49.69 46.45 24.05
C ALA I 104 -50.40 46.37 22.70
N PHE I 105 -49.97 45.42 21.86
CA PHE I 105 -50.66 45.15 20.57
C PHE I 105 -51.97 44.50 20.89
N ASN I 106 -52.14 44.06 22.14
CA ASN I 106 -53.44 43.47 22.55
C ASN I 106 -54.55 44.32 21.96
N GLN I 107 -54.29 45.60 21.73
CA GLN I 107 -55.31 46.43 21.05
C GLN I 107 -55.89 45.65 19.85
N LEU I 108 -55.04 45.04 19.03
CA LEU I 108 -55.48 44.29 17.86
C LEU I 108 -56.35 43.11 18.26
N ALA I 109 -55.96 42.41 19.32
CA ALA I 109 -56.77 41.31 19.81
C ALA I 109 -58.12 41.79 20.29
N ASP I 110 -58.17 42.98 20.91
CA ASP I 110 -59.45 43.54 21.32
C ASP I 110 -60.33 43.85 20.11
N ALA I 111 -59.74 44.40 19.06
CA ALA I 111 -60.51 44.67 17.85
C ALA I 111 -61.06 43.38 17.25
N ALA I 112 -60.23 42.34 17.18
CA ALA I 112 -60.69 41.05 16.66
C ALA I 112 -61.80 40.48 17.54
N LYS I 113 -61.65 40.60 18.85
CA LYS I 113 -62.70 40.13 19.76
C LYS I 113 -64.00 40.86 19.51
N ALA I 114 -63.94 42.18 19.36
CA ALA I 114 -65.14 42.96 19.10
C ALA I 114 -65.80 42.55 17.80
N GLN I 115 -65.02 42.29 16.77
CA GLN I 115 -65.58 41.87 15.49
C GLN I 115 -66.10 40.44 15.52
N LEU I 116 -65.59 39.59 16.41
CA LEU I 116 -66.05 38.20 16.47
C LEU I 116 -67.36 38.04 17.21
N ASN I 117 -68.07 39.12 17.49
CA ASN I 117 -69.34 39.05 18.19
C ASN I 117 -70.47 39.63 17.35
N TYR J 2 -43.38 55.01 15.83
CA TYR J 2 -42.95 54.04 14.83
C TYR J 2 -44.14 53.50 14.04
N ALA J 3 -44.02 53.49 12.72
CA ALA J 3 -45.10 53.05 11.85
C ALA J 3 -44.74 51.74 11.18
N ILE J 4 -45.72 51.17 10.48
CA ILE J 4 -45.53 49.97 9.68
C ILE J 4 -45.89 50.32 8.25
N ILE J 5 -44.90 50.34 7.39
CA ILE J 5 -45.06 50.72 6.00
C ILE J 5 -45.20 49.45 5.18
N LYS J 6 -45.73 49.58 3.97
CA LYS J 6 -45.62 48.53 2.97
C LYS J 6 -45.00 49.12 1.70
N THR J 7 -43.84 48.60 1.32
CA THR J 7 -43.15 49.17 0.16
C THR J 7 -42.96 48.17 -0.98
N GLY J 8 -42.25 47.08 -0.73
CA GLY J 8 -41.89 46.18 -1.79
C GLY J 8 -42.78 44.97 -1.88
N GLY J 9 -44.10 45.17 -1.82
CA GLY J 9 -44.99 44.05 -1.62
C GLY J 9 -44.66 43.37 -0.31
N LYS J 10 -44.13 44.16 0.62
CA LYS J 10 -43.69 43.70 1.92
C LYS J 10 -43.83 44.89 2.88
N GLN J 11 -43.83 44.58 4.16
CA GLN J 11 -44.01 45.58 5.21
C GLN J 11 -42.77 45.67 6.07
N ILE J 12 -42.49 46.88 6.58
CA ILE J 12 -41.36 47.11 7.45
C ILE J 12 -41.80 47.98 8.62
N LYS J 13 -41.06 47.89 9.71
CA LYS J 13 -41.29 48.72 10.89
C LYS J 13 -40.15 49.71 11.02
N VAL J 14 -40.48 50.99 11.10
CA VAL J 14 -39.48 52.06 11.01
C VAL J 14 -39.69 53.06 12.15
N GLU J 15 -38.58 53.58 12.65
CA GLU J 15 -38.55 54.66 13.61
C GLU J 15 -37.59 55.70 13.04
N GLU J 16 -37.79 56.97 13.39
CA GLU J 16 -36.99 58.03 12.79
C GLU J 16 -35.52 57.82 13.05
N GLY J 17 -34.70 58.06 12.04
CA GLY J 17 -33.26 58.05 12.17
C GLY J 17 -32.61 56.75 11.75
N GLN J 18 -33.37 55.67 11.62
CA GLN J 18 -32.76 54.40 11.29
C GLN J 18 -32.71 54.19 9.78
N THR J 19 -31.75 53.38 9.36
CA THR J 19 -31.48 53.14 7.95
C THR J 19 -32.10 51.81 7.54
N VAL J 20 -32.80 51.83 6.42
CA VAL J 20 -33.52 50.65 5.93
C VAL J 20 -33.06 50.34 4.52
N TYR J 21 -33.32 49.11 4.09
CA TYR J 21 -33.01 48.66 2.75
C TYR J 21 -34.29 48.18 2.07
N ILE J 22 -34.62 48.80 0.95
CA ILE J 22 -35.88 48.56 0.25
C ILE J 22 -35.57 47.87 -1.07
N GLU J 23 -36.62 47.45 -1.77
CA GLU J 23 -36.46 46.99 -3.14
C GLU J 23 -36.15 48.20 -4.03
N LYS J 24 -35.72 47.99 -5.27
CA LYS J 24 -35.23 49.11 -6.13
C LYS J 24 -35.87 50.47 -5.78
N LEU J 25 -37.19 50.56 -5.76
CA LEU J 25 -37.87 51.82 -5.34
C LEU J 25 -37.42 53.00 -6.21
N ALA J 26 -36.97 52.75 -7.44
CA ALA J 26 -36.62 53.85 -8.37
C ALA J 26 -35.93 55.00 -7.66
N ALA J 27 -36.34 56.24 -7.97
CA ALA J 27 -35.77 57.46 -7.32
C ALA J 27 -34.28 57.62 -7.62
N GLU J 28 -33.64 58.57 -6.95
CA GLU J 28 -32.21 58.85 -7.21
C GLU J 28 -31.57 59.35 -5.90
N ALA J 29 -30.28 59.07 -5.70
CA ALA J 29 -29.62 59.44 -4.43
C ALA J 29 -29.81 60.94 -4.16
N GLY J 30 -30.27 61.27 -2.95
CA GLY J 30 -30.45 62.68 -2.58
C GLY J 30 -31.92 63.06 -2.58
N GLU J 31 -32.75 62.27 -3.25
CA GLU J 31 -34.20 62.61 -3.37
C GLU J 31 -34.93 62.23 -2.08
N THR J 32 -36.12 62.79 -1.89
CA THR J 32 -36.92 62.48 -0.68
C THR J 32 -38.12 61.69 -1.09
N VAL J 33 -38.14 60.41 -0.77
CA VAL J 33 -39.26 59.55 -1.12
C VAL J 33 -40.33 59.71 -0.05
N THR J 34 -41.54 59.26 -0.38
CA THR J 34 -42.66 59.32 0.55
C THR J 34 -43.46 58.03 0.42
N PHE J 35 -43.94 57.51 1.53
CA PHE J 35 -44.75 56.31 1.55
C PHE J 35 -46.16 56.68 2.00
N GLU J 36 -47.16 56.08 1.35
CA GLU J 36 -48.55 56.41 1.61
C GLU J 36 -49.25 55.36 2.46
N ASP J 37 -49.04 54.08 2.15
CA ASP J 37 -49.73 53.00 2.84
C ASP J 37 -49.07 52.81 4.20
N VAL J 38 -49.58 53.53 5.20
CA VAL J 38 -49.09 53.34 6.60
C VAL J 38 -50.17 52.50 7.28
N LEU J 39 -49.84 51.28 7.72
CA LEU J 39 -50.90 50.39 8.23
C LEU J 39 -51.10 50.53 9.74
N PHE J 40 -50.13 51.11 10.44
CA PHE J 40 -50.21 51.18 11.92
C PHE J 40 -49.23 52.22 12.41
N VAL J 41 -49.68 53.12 13.29
CA VAL J 41 -48.78 54.15 13.85
C VAL J 41 -48.70 53.92 15.36
N GLY J 42 -47.81 53.03 15.78
CA GLY J 42 -47.65 52.73 17.22
C GLY J 42 -46.86 53.80 17.93
N GLY J 43 -46.75 53.70 19.25
CA GLY J 43 -46.05 54.73 20.05
C GLY J 43 -46.91 55.12 21.23
N ASP J 44 -46.88 56.40 21.61
CA ASP J 44 -47.76 56.88 22.70
C ASP J 44 -49.22 56.75 22.21
N ASN J 45 -49.59 57.57 21.22
CA ASN J 45 -50.96 57.47 20.65
C ASN J 45 -50.93 56.42 19.53
N VAL J 46 -51.75 55.38 19.65
CA VAL J 46 -51.75 54.28 18.64
C VAL J 46 -52.95 54.48 17.70
N LYS J 47 -52.71 54.32 16.40
CA LYS J 47 -53.79 54.52 15.41
C LYS J 47 -53.92 53.28 14.54
N VAL J 48 -54.51 52.21 15.08
CA VAL J 48 -54.77 51.01 14.22
C VAL J 48 -55.73 51.49 13.12
N GLY J 49 -55.37 51.26 11.85
CA GLY J 49 -56.21 51.79 10.77
C GLY J 49 -56.84 50.70 9.95
N ASN J 50 -58.12 50.85 9.58
CA ASN J 50 -58.75 49.90 8.64
C ASN J 50 -57.84 49.91 7.42
N PRO J 51 -57.86 48.94 6.50
CA PRO J 51 -56.82 48.85 5.43
C PRO J 51 -55.61 49.66 5.87
N THR J 52 -55.56 50.95 5.53
CA THR J 52 -54.42 51.82 5.92
C THR J 52 -54.89 52.96 6.79
N VAL J 53 -54.05 53.40 7.73
CA VAL J 53 -54.38 54.57 8.59
C VAL J 53 -54.57 55.78 7.67
N GLU J 54 -55.80 56.29 7.58
CA GLU J 54 -56.08 57.43 6.67
C GLU J 54 -55.26 58.65 7.10
N GLY J 55 -54.70 59.38 6.14
CA GLY J 55 -53.96 60.61 6.47
C GLY J 55 -52.69 60.31 7.23
N ALA J 56 -51.89 59.37 6.72
CA ALA J 56 -50.61 59.02 7.37
C ALA J 56 -49.54 58.83 6.30
N THR J 57 -48.41 59.55 6.43
CA THR J 57 -47.33 59.46 5.43
C THR J 57 -46.00 59.44 6.12
N VAL J 58 -45.06 58.63 5.63
CA VAL J 58 -43.70 58.58 6.22
C VAL J 58 -42.71 59.06 5.15
N THR J 59 -42.00 60.16 5.41
CA THR J 59 -40.99 60.66 4.50
C THR J 59 -39.67 59.96 4.77
N ALA J 60 -38.77 60.04 3.78
CA ALA J 60 -37.48 59.37 3.90
C ALA J 60 -36.54 59.94 2.83
N LYS J 61 -35.26 59.67 3.01
CA LYS J 61 -34.21 60.20 2.14
C LYS J 61 -33.44 59.06 1.51
N VAL J 62 -33.08 59.21 0.25
CA VAL J 62 -32.35 58.18 -0.48
C VAL J 62 -30.86 58.41 -0.33
N GLU J 63 -30.12 57.33 -0.07
CA GLU J 63 -28.68 57.42 0.09
C GLU J 63 -27.91 56.75 -1.05
N LYS J 64 -28.29 55.55 -1.45
CA LYS J 64 -27.58 54.92 -2.55
C LYS J 64 -28.45 53.84 -3.17
N GLN J 65 -28.15 53.54 -4.44
CA GLN J 65 -28.80 52.39 -5.10
C GLN J 65 -27.67 51.41 -5.35
N GLY J 66 -27.76 50.19 -4.84
CA GLY J 66 -26.70 49.21 -4.92
C GLY J 66 -27.21 47.84 -5.29
N ARG J 67 -26.32 46.85 -5.27
CA ARG J 67 -26.69 45.46 -5.44
C ARG J 67 -25.98 44.65 -4.38
N ALA J 68 -26.67 43.65 -3.85
CA ALA J 68 -26.17 42.90 -2.71
C ALA J 68 -24.99 42.03 -3.11
N LYS J 69 -24.47 41.28 -2.13
CA LYS J 69 -23.41 40.33 -2.41
C LYS J 69 -23.87 39.28 -3.40
N LYS J 70 -22.94 38.85 -4.25
CA LYS J 70 -23.28 37.93 -5.32
C LYS J 70 -23.66 36.57 -4.75
N ILE J 71 -24.68 35.97 -5.33
CA ILE J 71 -25.07 34.59 -5.06
C ILE J 71 -24.83 33.79 -6.33
N THR J 72 -24.18 32.65 -6.19
CA THR J 72 -23.94 31.76 -7.31
C THR J 72 -24.97 30.64 -7.22
N VAL J 73 -25.92 30.65 -8.15
CA VAL J 73 -26.96 29.63 -8.20
C VAL J 73 -26.46 28.49 -9.07
N PHE J 74 -26.22 27.33 -8.47
CA PHE J 74 -25.77 26.16 -9.20
C PHE J 74 -26.72 25.00 -8.89
N ARG J 75 -27.18 24.33 -9.95
CA ARG J 75 -28.05 23.18 -9.81
C ARG J 75 -27.60 22.09 -10.76
N TYR J 76 -27.89 20.84 -10.42
CA TYR J 76 -27.53 19.74 -11.30
C TYR J 76 -28.39 18.53 -11.01
N LYS J 77 -28.44 17.61 -11.97
CA LYS J 77 -29.18 16.36 -11.85
C LYS J 77 -28.21 15.21 -11.88
N PRO J 78 -28.22 14.33 -10.88
CA PRO J 78 -27.32 13.17 -10.92
C PRO J 78 -27.67 12.24 -12.07
N LYS J 79 -26.63 11.63 -12.63
CA LYS J 79 -26.69 10.58 -13.65
C LYS J 79 -27.16 11.10 -15.01
N LYS J 80 -27.54 12.37 -15.14
CA LYS J 80 -28.16 12.85 -16.37
C LYS J 80 -27.36 13.94 -17.08
N ASN J 81 -26.17 14.29 -16.59
CA ASN J 81 -25.33 15.28 -17.24
C ASN J 81 -26.05 16.61 -17.42
N VAL J 82 -26.79 17.04 -16.42
CA VAL J 82 -27.48 18.33 -16.45
C VAL J 82 -26.81 19.25 -15.45
N HIS J 83 -26.19 20.32 -15.94
CA HIS J 83 -25.61 21.34 -15.10
C HIS J 83 -26.22 22.69 -15.47
N LYS J 84 -26.19 23.63 -14.53
CA LYS J 84 -26.58 24.99 -14.84
C LYS J 84 -26.03 25.91 -13.76
N LYS J 85 -25.27 26.91 -14.17
CA LYS J 85 -24.65 27.86 -13.27
C LYS J 85 -25.08 29.27 -13.65
N GLN J 86 -25.28 30.12 -12.65
CA GLN J 86 -25.82 31.44 -12.88
C GLN J 86 -25.44 32.34 -11.72
N GLY J 87 -25.27 33.62 -11.99
CA GLY J 87 -24.95 34.60 -10.98
C GLY J 87 -26.15 35.47 -10.69
N HIS J 88 -26.15 36.11 -9.53
CA HIS J 88 -27.27 36.98 -9.16
C HIS J 88 -26.82 38.00 -8.12
N ARG J 89 -27.10 39.28 -8.38
CA ARG J 89 -26.97 40.32 -7.40
C ARG J 89 -28.26 41.13 -7.38
N GLN J 90 -28.94 41.11 -6.26
CA GLN J 90 -30.26 41.71 -6.20
C GLN J 90 -30.17 43.19 -5.87
N PRO J 91 -30.71 44.07 -6.70
CA PRO J 91 -30.64 45.50 -6.40
C PRO J 91 -31.46 45.86 -5.18
N TYR J 92 -31.04 46.94 -4.51
CA TYR J 92 -31.72 47.42 -3.31
C TYR J 92 -31.71 48.94 -3.33
N THR J 93 -32.18 49.54 -2.25
CA THR J 93 -32.08 50.98 -2.06
C THR J 93 -31.92 51.28 -0.58
N LYS J 94 -30.90 52.08 -0.25
CA LYS J 94 -30.63 52.46 1.12
C LYS J 94 -31.35 53.77 1.42
N VAL J 95 -32.13 53.77 2.49
CA VAL J 95 -33.05 54.86 2.78
C VAL J 95 -33.02 55.16 4.27
N THR J 96 -33.03 56.45 4.63
CA THR J 96 -33.06 56.89 6.01
C THR J 96 -34.41 57.50 6.33
N ILE J 97 -34.98 57.10 7.47
CA ILE J 97 -36.33 57.53 7.84
C ILE J 97 -36.30 58.95 8.40
N GLU J 98 -37.24 59.78 7.97
CA GLU J 98 -37.21 61.19 8.42
C GLU J 98 -38.36 61.39 9.42
N LYS J 99 -39.37 62.17 9.05
CA LYS J 99 -40.49 62.43 9.99
C LYS J 99 -41.62 61.44 9.70
N ILE J 100 -41.92 60.59 10.69
CA ILE J 100 -42.89 59.46 10.51
C ILE J 100 -44.33 59.92 10.70
N ASN J 101 -44.66 61.14 10.30
CA ASN J 101 -46.07 61.59 10.33
C ASN J 101 -46.17 62.81 9.43
N ALA J 102 -47.26 62.91 8.68
CA ALA J 102 -47.36 64.03 7.71
C ALA J 102 -46.01 64.18 7.01
N GLN K 2 19.20 34.27 19.71
CA GLN K 2 18.86 32.88 19.51
C GLN K 2 19.80 32.20 18.53
N ALA K 3 20.04 30.90 18.73
CA ALA K 3 21.00 30.15 17.95
C ALA K 3 20.37 28.85 17.45
N LYS K 4 20.87 28.36 16.33
CA LYS K 4 20.27 27.24 15.62
C LYS K 4 21.34 26.25 15.20
N ALA K 5 20.96 24.99 15.06
CA ALA K 5 21.91 23.98 14.52
C ALA K 5 21.10 22.92 13.81
N VAL K 6 21.46 22.58 12.57
CA VAL K 6 20.65 21.61 11.78
C VAL K 6 21.51 20.41 11.37
N ALA K 7 20.95 19.20 11.44
CA ALA K 7 21.67 18.02 10.95
C ALA K 7 20.87 17.47 9.77
N ARG K 8 21.43 17.48 8.56
CA ARG K 8 20.63 17.09 7.39
C ARG K 8 20.94 15.65 6.95
N THR K 9 19.99 15.01 6.29
CA THR K 9 20.14 13.62 5.79
C THR K 9 20.73 12.70 6.83
N VAL K 10 20.19 12.70 8.03
CA VAL K 10 20.61 11.76 9.06
C VAL K 10 19.88 10.45 8.81
N ARG K 11 20.61 9.34 8.90
CA ARG K 11 20.09 8.02 8.54
C ARG K 11 19.27 7.48 9.70
N ILE K 12 18.08 8.06 9.86
CA ILE K 12 17.14 7.67 10.91
C ILE K 12 15.73 7.98 10.40
N ALA K 13 14.78 7.14 10.76
CA ALA K 13 13.40 7.37 10.35
C ALA K 13 12.81 8.53 11.15
N PRO K 14 12.18 9.52 10.51
CA PRO K 14 11.69 10.68 11.24
C PRO K 14 10.70 10.34 12.35
N ARG K 15 9.84 9.36 12.12
CA ARG K 15 8.83 9.01 13.10
C ARG K 15 9.44 8.51 14.39
N LYS K 16 10.59 7.86 14.33
CA LYS K 16 11.28 7.39 15.51
C LYS K 16 12.06 8.49 16.22
N ALA K 17 12.50 9.52 15.50
CA ALA K 17 13.18 10.64 16.12
C ALA K 17 12.22 11.60 16.80
N ARG K 18 11.02 11.75 16.27
CA ARG K 18 10.06 12.65 16.90
C ARG K 18 9.67 12.19 18.30
N LEU K 19 9.78 10.89 18.59
CA LEU K 19 9.45 10.39 19.92
C LEU K 19 10.33 11.03 20.99
N VAL K 20 11.62 11.19 20.69
CA VAL K 20 12.55 11.82 21.62
C VAL K 20 12.46 13.34 21.53
N MET K 21 12.27 13.86 20.32
CA MET K 21 12.12 15.31 20.17
C MET K 21 10.97 15.83 21.01
N ASP K 22 9.88 15.08 21.11
CA ASP K 22 8.78 15.51 21.96
C ASP K 22 9.18 15.52 23.42
N LEU K 23 10.04 14.58 23.82
CA LEU K 23 10.51 14.55 25.20
C LEU K 23 11.30 15.81 25.54
N ILE K 24 12.19 16.24 24.65
CA ILE K 24 13.15 17.27 25.07
C ILE K 24 12.71 18.71 24.82
N ARG K 25 11.69 18.95 24.00
CA ARG K 25 11.43 20.32 23.61
C ARG K 25 10.76 21.10 24.74
N GLY K 26 11.13 22.38 24.84
CA GLY K 26 10.64 23.25 25.89
C GLY K 26 11.45 23.25 27.17
N LYS K 27 12.30 22.24 27.37
CA LYS K 27 13.04 22.11 28.60
C LYS K 27 14.21 23.10 28.66
N GLN K 28 14.76 23.25 29.86
CA GLN K 28 15.98 24.08 30.02
C GLN K 28 17.08 23.31 29.32
N VAL K 29 18.06 24.01 28.78
CA VAL K 29 19.06 23.37 27.93
C VAL K 29 19.97 22.44 28.72
N GLY K 30 20.26 22.76 29.99
CA GLY K 30 21.09 21.87 30.77
C GLY K 30 20.38 20.61 31.19
N GLU K 31 19.12 20.72 31.58
CA GLU K 31 18.33 19.54 31.92
C GLU K 31 18.10 18.64 30.72
N ALA K 32 17.90 19.24 29.54
CA ALA K 32 17.63 18.46 28.34
C ALA K 32 18.76 17.51 27.99
N VAL K 33 20.01 17.90 28.22
CA VAL K 33 21.13 17.02 27.92
C VAL K 33 21.07 15.75 28.77
N SER K 34 20.74 15.90 30.04
CA SER K 34 20.66 14.75 30.93
C SER K 34 19.58 13.77 30.47
N ILE K 35 18.42 14.29 30.06
CA ILE K 35 17.35 13.41 29.59
C ILE K 35 17.81 12.62 28.37
N LEU K 36 18.49 13.29 27.44
CA LEU K 36 19.01 12.60 26.27
C LEU K 36 20.04 11.55 26.65
N ASN K 37 20.92 11.86 27.60
CA ASN K 37 21.91 10.89 28.02
C ASN K 37 21.28 9.67 28.67
N LEU K 38 20.16 9.86 29.35
CA LEU K 38 19.55 8.73 30.10
C LEU K 38 18.40 8.04 29.34
N THR K 39 18.01 8.53 28.16
CA THR K 39 16.96 7.84 27.37
C THR K 39 17.59 6.75 26.53
N PRO K 40 17.05 5.53 26.49
CA PRO K 40 17.69 4.38 25.80
C PRO K 40 17.28 4.24 24.34
N ARG K 41 17.16 5.34 23.61
CA ARG K 41 16.68 5.26 22.20
C ARG K 41 17.86 5.52 21.25
N ALA K 42 17.72 5.18 19.98
CA ALA K 42 18.84 5.30 19.01
C ALA K 42 18.89 6.68 18.39
N ALA K 43 17.93 7.54 18.69
CA ALA K 43 17.96 8.92 18.16
C ALA K 43 18.59 9.85 19.18
N SER K 44 18.64 9.42 20.44
CA SER K 44 19.20 10.28 21.51
C SER K 44 20.61 10.77 21.13
N PRO K 45 21.59 9.92 20.79
CA PRO K 45 22.98 10.38 20.50
C PRO K 45 23.00 11.48 19.44
N ILE K 46 22.22 11.33 18.37
CA ILE K 46 22.16 12.28 17.27
C ILE K 46 21.58 13.60 17.73
N ILE K 47 20.44 13.54 18.43
CA ILE K 47 19.83 14.77 18.92
C ILE K 47 20.73 15.46 19.92
N GLU K 48 21.47 14.69 20.72
CA GLU K 48 22.39 15.28 21.67
C GLU K 48 23.52 16.02 20.96
N LYS K 49 24.05 15.44 19.88
CA LYS K 49 25.06 16.13 19.11
C LYS K 49 24.54 17.44 18.56
N VAL K 50 23.31 17.42 18.02
CA VAL K 50 22.76 18.66 17.46
C VAL K 50 22.56 19.70 18.56
N LEU K 51 22.09 19.27 19.74
CA LEU K 51 21.86 20.21 20.83
C LEU K 51 23.18 20.81 21.33
N LYS K 52 24.21 19.98 21.45
CA LYS K 52 25.51 20.50 21.88
C LYS K 52 26.05 21.48 20.85
N SER K 53 25.86 21.19 19.57
CA SER K 53 26.29 22.12 18.54
C SER K 53 25.56 23.44 18.65
N ALA K 54 24.25 23.40 18.92
CA ALA K 54 23.50 24.64 19.07
C ALA K 54 24.01 25.45 20.26
N ILE K 55 24.29 24.78 21.38
CA ILE K 55 24.80 25.49 22.56
C ILE K 55 26.15 26.12 22.24
N ALA K 56 26.99 25.41 21.49
CA ALA K 56 28.33 25.95 21.18
C ALA K 56 28.20 27.24 20.38
N ASN K 57 27.37 27.23 19.35
CA ASN K 57 27.21 28.42 18.47
C ASN K 57 26.73 29.59 19.31
N ALA K 58 25.93 29.32 20.34
CA ALA K 58 25.35 30.41 21.16
C ALA K 58 26.43 31.13 21.97
N GLU K 59 27.53 30.46 22.26
CA GLU K 59 28.60 31.06 23.10
C GLU K 59 29.73 31.59 22.21
N HIS K 60 30.13 30.84 21.18
CA HIS K 60 31.30 31.30 20.40
C HIS K 60 30.90 32.35 19.37
N ASN K 61 29.63 32.42 18.98
CA ASN K 61 29.26 33.34 17.88
C ASN K 61 28.39 34.50 18.38
N TYR K 62 27.53 34.28 19.37
CA TYR K 62 26.59 35.36 19.79
C TYR K 62 26.87 35.80 21.21
N GLU K 63 27.85 35.17 21.86
CA GLU K 63 28.28 35.57 23.24
C GLU K 63 27.11 35.50 24.23
N MET K 64 26.20 34.54 24.08
CA MET K 64 25.12 34.36 25.08
C MET K 64 25.62 33.34 26.09
N ASP K 65 25.08 33.33 27.31
CA ASP K 65 25.66 32.42 28.35
C ASP K 65 25.02 31.04 28.21
N ALA K 66 25.71 29.99 28.65
CA ALA K 66 25.19 28.62 28.52
C ALA K 66 24.06 28.41 29.51
N ASN K 67 24.06 29.19 30.60
CA ASN K 67 22.90 29.12 31.52
C ASN K 67 21.83 30.03 30.92
N ASN K 68 20.66 30.13 31.55
CA ASN K 68 19.66 31.07 31.02
C ASN K 68 19.39 30.75 29.55
N LEU K 69 19.58 29.50 29.12
CA LEU K 69 19.26 29.11 27.72
C LEU K 69 18.13 28.08 27.78
N VAL K 70 17.20 28.12 26.82
CA VAL K 70 16.05 27.17 26.82
C VAL K 70 15.80 26.74 25.37
N ILE K 71 15.23 25.55 25.16
CA ILE K 71 14.99 25.05 23.81
C ILE K 71 13.69 25.66 23.30
N SER K 72 13.80 26.54 22.30
CA SER K 72 12.62 27.21 21.77
C SER K 72 11.88 26.34 20.77
N GLN K 73 12.54 25.97 19.68
CA GLN K 73 11.94 25.11 18.67
C GLN K 73 12.74 23.83 18.54
N ALA K 74 12.05 22.75 18.25
CA ALA K 74 12.69 21.46 18.09
C ALA K 74 11.76 20.57 17.27
N PHE K 75 12.16 20.24 16.05
CA PHE K 75 11.31 19.47 15.16
C PHE K 75 12.16 18.60 14.26
N VAL K 76 11.49 17.66 13.60
CA VAL K 76 12.14 16.70 12.70
C VAL K 76 11.39 16.73 11.38
N ASP K 77 12.13 16.84 10.29
CA ASP K 77 11.55 16.83 8.95
C ASP K 77 11.99 15.58 8.21
N GLU K 78 11.41 15.39 7.02
CA GLU K 78 11.70 14.23 6.20
C GLU K 78 12.84 14.53 5.24
N GLY K 79 13.71 13.56 5.02
CA GLY K 79 14.83 13.76 4.10
C GLY K 79 14.68 12.89 2.88
N PRO K 80 15.53 13.04 1.85
CA PRO K 80 15.48 12.15 0.65
C PRO K 80 15.47 10.70 1.08
N THR K 81 14.63 9.88 0.44
CA THR K 81 14.54 8.44 0.78
C THR K 81 15.36 7.63 -0.19
N LEU K 82 16.11 6.64 0.31
CA LEU K 82 16.88 5.74 -0.58
C LEU K 82 16.05 4.47 -0.77
N LYS K 83 15.92 4.01 -2.02
CA LYS K 83 15.02 2.85 -2.28
C LYS K 83 15.83 1.60 -2.63
N ARG K 84 15.73 0.56 -1.81
CA ARG K 84 16.43 -0.72 -2.09
C ARG K 84 15.40 -1.65 -2.72
N PHE K 85 15.44 -1.82 -4.03
CA PHE K 85 14.39 -2.59 -4.75
C PHE K 85 14.47 -4.08 -4.47
N ARG K 86 15.66 -4.61 -4.19
CA ARG K 86 15.67 -6.09 -4.03
C ARG K 86 16.28 -6.53 -2.69
N PRO K 87 15.57 -6.43 -1.54
CA PRO K 87 16.08 -6.99 -0.26
C PRO K 87 16.02 -8.50 -0.41
N ARG K 88 16.05 -8.98 -1.66
CA ARG K 88 16.01 -10.45 -1.93
C ARG K 88 17.12 -11.14 -1.13
N ALA K 89 18.18 -10.40 -0.77
CA ALA K 89 19.23 -10.99 0.09
C ALA K 89 18.61 -11.34 1.44
N MET K 90 18.51 -12.64 1.75
CA MET K 90 17.92 -13.12 3.03
C MET K 90 16.41 -12.83 3.07
N GLY K 91 16.03 -11.56 2.86
CA GLY K 91 14.60 -11.19 2.92
C GLY K 91 13.89 -11.62 1.66
N ARG K 92 12.56 -11.78 1.72
CA ARG K 92 11.78 -12.09 0.49
C ARG K 92 10.94 -10.85 0.14
N ALA K 93 11.31 -9.70 0.71
CA ALA K 93 10.53 -8.46 0.50
C ALA K 93 10.91 -7.79 -0.81
N SER K 94 10.41 -6.58 -1.03
CA SER K 94 10.72 -5.84 -2.29
C SER K 94 10.68 -4.34 -2.02
N GLN K 95 11.43 -3.57 -2.81
CA GLN K 95 11.43 -2.09 -2.66
C GLN K 95 11.39 -1.66 -1.19
N ILE K 96 12.38 -2.05 -0.39
CA ILE K 96 12.45 -1.48 0.99
C ILE K 96 12.82 0.01 0.90
N ASN K 97 12.25 0.84 1.78
CA ASN K 97 12.54 2.29 1.77
C ASN K 97 13.40 2.67 2.99
N LYS K 98 14.65 3.05 2.77
CA LYS K 98 15.52 3.53 3.87
C LYS K 98 15.24 5.03 4.00
N ARG K 99 14.53 5.41 5.05
CA ARG K 99 14.11 6.83 5.18
C ARG K 99 15.23 7.67 5.78
N THR K 100 15.00 8.98 5.95
CA THR K 100 16.04 9.90 6.36
C THR K 100 15.39 11.10 7.02
N SER K 101 16.16 11.85 7.81
CA SER K 101 15.61 12.93 8.62
C SER K 101 16.46 14.19 8.55
N HIS K 102 15.82 15.33 8.78
CA HIS K 102 16.47 16.60 9.04
C HIS K 102 16.10 17.03 10.45
N ILE K 103 17.10 17.14 11.33
CA ILE K 103 16.88 17.48 12.73
C ILE K 103 17.31 18.92 12.96
N THR K 104 16.42 19.71 13.54
CA THR K 104 16.68 21.12 13.79
C THR K 104 16.39 21.44 15.25
N ILE K 105 17.28 22.22 15.87
CA ILE K 105 17.10 22.65 17.26
C ILE K 105 17.47 24.12 17.36
N VAL K 106 16.63 24.90 18.01
CA VAL K 106 16.87 26.32 18.24
C VAL K 106 16.84 26.57 19.74
N VAL K 107 17.80 27.35 20.23
CA VAL K 107 17.86 27.73 21.63
C VAL K 107 17.88 29.24 21.72
N SER K 108 17.47 29.75 22.88
CA SER K 108 17.46 31.18 23.12
C SER K 108 17.50 31.45 24.61
N GLU K 109 17.59 32.72 24.97
CA GLU K 109 17.63 33.15 26.36
C GLU K 109 16.22 33.33 26.89
N LYS K 110 16.02 32.93 28.15
CA LYS K 110 14.71 33.04 28.77
C LYS K 110 14.58 34.33 29.57
N MET L 1 60.80 -10.88 -33.29
CA MET L 1 61.71 -9.78 -32.92
C MET L 1 62.61 -9.41 -34.09
N LYS L 2 63.01 -8.15 -34.17
CA LYS L 2 63.97 -7.73 -35.18
C LYS L 2 65.19 -7.15 -34.49
N ASP L 3 64.96 -6.19 -33.60
CA ASP L 3 66.03 -5.63 -32.81
C ASP L 3 65.77 -6.06 -31.37
N PRO L 4 66.75 -6.59 -30.66
CA PRO L 4 66.47 -7.18 -29.33
C PRO L 4 65.88 -6.22 -28.33
N ARG L 5 66.07 -4.92 -28.54
CA ARG L 5 65.59 -3.90 -27.61
C ARG L 5 64.08 -3.76 -27.68
N ASP L 6 63.47 -4.40 -28.67
CA ASP L 6 62.02 -4.49 -28.74
C ASP L 6 61.45 -5.65 -27.94
N VAL L 7 62.29 -6.53 -27.41
CA VAL L 7 61.78 -7.66 -26.62
C VAL L 7 61.64 -7.27 -25.17
N LEU L 8 62.62 -6.54 -24.63
CA LEU L 8 62.58 -6.08 -23.25
C LEU L 8 61.93 -4.70 -23.21
N LYS L 9 60.95 -4.53 -22.32
CA LYS L 9 60.20 -3.29 -22.21
C LYS L 9 60.69 -2.43 -21.06
N ARG L 10 60.67 -2.95 -19.84
CA ARG L 10 61.09 -2.20 -18.67
C ARG L 10 61.35 -3.18 -17.55
N PRO L 11 62.22 -2.85 -16.60
CA PRO L 11 62.41 -3.72 -15.44
C PRO L 11 61.27 -3.60 -14.45
N VAL L 12 61.20 -4.57 -13.57
CA VAL L 12 60.19 -4.62 -12.52
C VAL L 12 60.87 -4.34 -11.18
N ILE L 13 60.41 -3.32 -10.48
CA ILE L 13 61.00 -2.96 -9.19
C ILE L 13 59.94 -3.07 -8.10
N THR L 14 59.96 -4.18 -7.37
CA THR L 14 59.06 -4.40 -6.26
C THR L 14 59.88 -4.96 -5.10
N GLU L 15 59.19 -5.37 -4.03
CA GLU L 15 59.88 -6.05 -2.94
C GLU L 15 60.27 -7.47 -3.32
N ARG L 16 59.38 -8.19 -3.99
CA ARG L 16 59.71 -9.53 -4.45
C ARG L 16 60.85 -9.49 -5.46
N SER L 17 60.82 -8.53 -6.38
CA SER L 17 61.89 -8.41 -7.36
C SER L 17 63.22 -8.08 -6.70
N ALA L 18 63.22 -7.15 -5.74
CA ALA L 18 64.44 -6.83 -5.03
C ALA L 18 64.94 -8.02 -4.24
N ASP L 19 64.03 -8.82 -3.70
CA ASP L 19 64.42 -10.04 -3.01
C ASP L 19 65.12 -11.00 -3.98
N LEU L 20 64.52 -11.24 -5.14
CA LEU L 20 65.11 -12.16 -6.09
C LEU L 20 66.42 -11.65 -6.66
N MET L 21 66.60 -10.33 -6.70
CA MET L 21 67.82 -9.77 -7.28
C MET L 21 69.07 -10.16 -6.51
N THR L 22 68.95 -10.51 -5.23
CA THR L 22 70.11 -10.95 -4.48
C THR L 22 70.47 -12.41 -4.72
N GLU L 23 69.59 -13.16 -5.37
CA GLU L 23 69.92 -14.49 -5.86
C GLU L 23 70.39 -14.46 -7.31
N LYS L 24 70.76 -13.30 -7.83
CA LYS L 24 71.20 -13.13 -9.21
C LYS L 24 70.08 -13.49 -10.18
N LYS L 25 68.89 -12.95 -9.92
CA LYS L 25 67.75 -13.11 -10.80
C LYS L 25 67.15 -11.74 -11.07
N TYR L 26 66.79 -11.48 -12.33
CA TYR L 26 66.29 -10.18 -12.72
C TYR L 26 64.96 -10.33 -13.42
N THR L 27 64.05 -9.39 -13.15
CA THR L 27 62.67 -9.48 -13.63
C THR L 27 62.40 -8.35 -14.62
N PHE L 28 61.91 -8.71 -15.80
CA PHE L 28 61.64 -7.75 -16.86
C PHE L 28 60.22 -7.89 -17.35
N GLU L 29 59.67 -6.79 -17.85
CA GLU L 29 58.45 -6.82 -18.63
C GLU L 29 58.81 -7.03 -20.08
N VAL L 30 58.13 -7.98 -20.72
CA VAL L 30 58.53 -8.49 -22.02
C VAL L 30 57.37 -8.35 -22.98
N ASP L 31 57.68 -8.15 -24.26
CA ASP L 31 56.65 -8.10 -25.28
C ASP L 31 55.82 -9.38 -25.26
N VAL L 32 54.50 -9.22 -25.37
CA VAL L 32 53.58 -10.33 -25.17
C VAL L 32 53.73 -11.42 -26.21
N ARG L 33 54.42 -11.17 -27.31
CA ARG L 33 54.59 -12.16 -28.35
C ARG L 33 55.96 -12.81 -28.35
N ALA L 34 56.81 -12.50 -27.37
CA ALA L 34 58.16 -13.03 -27.32
C ALA L 34 58.19 -14.33 -26.54
N ASN L 35 59.06 -15.24 -26.94
CA ASN L 35 59.18 -16.53 -26.30
C ASN L 35 60.48 -16.62 -25.52
N LYS L 36 60.70 -17.76 -24.86
CA LYS L 36 61.82 -17.89 -23.93
C LYS L 36 63.16 -17.65 -24.60
N THR L 37 63.38 -18.30 -25.75
CA THR L 37 64.67 -18.19 -26.41
C THR L 37 64.93 -16.77 -26.90
N GLU L 38 63.88 -16.09 -27.34
CA GLU L 38 64.03 -14.69 -27.75
C GLU L 38 64.51 -13.83 -26.60
N VAL L 39 63.90 -13.99 -25.43
CA VAL L 39 64.32 -13.22 -24.25
C VAL L 39 65.75 -13.56 -23.87
N LYS L 40 66.07 -14.85 -23.90
CA LYS L 40 67.43 -15.27 -23.55
C LYS L 40 68.45 -14.57 -24.45
N ASP L 41 68.23 -14.63 -25.77
CA ASP L 41 69.18 -14.02 -26.70
C ASP L 41 69.23 -12.52 -26.55
N ALA L 42 68.08 -11.88 -26.30
CA ALA L 42 68.08 -10.44 -26.13
C ALA L 42 68.88 -10.02 -24.91
N VAL L 43 68.71 -10.73 -23.79
CA VAL L 43 69.49 -10.43 -22.60
C VAL L 43 70.96 -10.71 -22.84
N GLU L 44 71.27 -11.77 -23.60
CA GLU L 44 72.65 -12.03 -23.96
C GLU L 44 73.25 -10.83 -24.67
N SER L 45 72.54 -10.29 -25.67
CA SER L 45 73.10 -9.26 -26.51
C SER L 45 73.18 -7.91 -25.80
N ILE L 46 72.14 -7.53 -25.07
CA ILE L 46 72.07 -6.17 -24.54
C ILE L 46 73.14 -5.94 -23.48
N PHE L 47 73.28 -6.88 -22.55
CA PHE L 47 74.08 -6.66 -21.36
C PHE L 47 75.42 -7.39 -21.36
N GLY L 48 75.66 -8.28 -22.32
CA GLY L 48 76.92 -9.01 -22.33
C GLY L 48 77.14 -9.88 -21.12
N VAL L 49 76.12 -10.61 -20.68
CA VAL L 49 76.20 -11.51 -19.56
C VAL L 49 76.01 -12.93 -20.06
N LYS L 50 76.05 -13.89 -19.13
CA LYS L 50 75.76 -15.29 -19.44
C LYS L 50 74.46 -15.67 -18.75
N VAL L 51 73.54 -16.23 -19.51
CA VAL L 51 72.22 -16.57 -18.99
C VAL L 51 72.13 -18.07 -18.80
N ASP L 52 71.56 -18.48 -17.67
CA ASP L 52 71.40 -19.88 -17.32
C ASP L 52 69.98 -20.36 -17.58
N LYS L 53 68.98 -19.60 -17.16
CA LYS L 53 67.59 -20.05 -17.25
C LYS L 53 66.69 -18.85 -17.41
N VAL L 54 65.52 -19.07 -18.00
CA VAL L 54 64.49 -18.06 -18.16
C VAL L 54 63.14 -18.69 -17.85
N ASN L 55 62.32 -17.97 -17.10
CA ASN L 55 60.95 -18.39 -16.79
C ASN L 55 60.01 -17.25 -17.11
N ILE L 56 58.82 -17.57 -17.59
CA ILE L 56 57.89 -16.56 -18.09
C ILE L 56 56.50 -16.82 -17.54
N MET L 57 55.81 -15.73 -17.16
CA MET L 57 54.41 -15.74 -16.77
C MET L 57 53.59 -14.97 -17.79
N ASN L 58 52.29 -15.18 -17.75
CA ASN L 58 51.32 -14.37 -18.45
C ASN L 58 50.35 -13.80 -17.43
N TYR L 59 50.03 -12.52 -17.55
CA TYR L 59 49.16 -11.84 -16.61
C TYR L 59 47.95 -11.28 -17.33
N LYS L 60 46.77 -11.55 -16.78
CA LYS L 60 45.56 -10.95 -17.31
C LYS L 60 45.50 -9.48 -16.96
N GLY L 61 44.56 -8.77 -17.57
CA GLY L 61 44.30 -7.38 -17.23
C GLY L 61 43.40 -7.29 -16.01
N LYS L 62 43.53 -6.18 -15.29
CA LYS L 62 42.71 -5.93 -14.12
C LYS L 62 41.58 -4.97 -14.48
N SER L 63 40.45 -5.14 -13.80
CA SER L 63 39.31 -4.24 -13.97
C SER L 63 39.54 -3.01 -13.09
N LYS L 64 39.42 -1.84 -13.69
CA LYS L 64 39.58 -0.58 -12.98
C LYS L 64 38.32 0.25 -13.14
N ARG L 65 38.31 1.41 -12.48
CA ARG L 65 37.17 2.31 -12.55
C ARG L 65 37.61 3.69 -12.11
N VAL L 66 37.23 4.70 -12.88
CA VAL L 66 37.48 6.10 -12.54
C VAL L 66 36.13 6.80 -12.68
N GLY L 67 35.41 6.93 -11.57
CA GLY L 67 34.09 7.52 -11.60
C GLY L 67 33.05 6.58 -12.17
N ARG L 68 32.46 6.94 -13.30
CA ARG L 68 31.33 6.13 -13.84
C ARG L 68 31.82 5.10 -14.85
N TYR L 69 33.01 5.28 -15.42
CA TYR L 69 33.46 4.44 -16.50
C TYR L 69 34.31 3.29 -15.97
N THR L 70 34.24 2.15 -16.64
CA THR L 70 34.93 0.93 -16.23
C THR L 70 35.68 0.36 -17.43
N GLY L 71 36.86 -0.20 -17.17
CA GLY L 71 37.66 -0.79 -18.22
C GLY L 71 38.62 -1.84 -17.71
N MET L 72 39.59 -2.21 -18.53
CA MET L 72 40.60 -3.19 -18.17
C MET L 72 41.98 -2.65 -18.50
N THR L 73 42.97 -3.08 -17.73
CA THR L 73 44.34 -2.76 -18.04
C THR L 73 44.92 -3.79 -19.01
N SER L 74 46.10 -3.50 -19.53
CA SER L 74 46.71 -4.34 -20.55
C SER L 74 47.20 -5.66 -19.96
N ARG L 75 47.29 -6.67 -20.80
CA ARG L 75 47.94 -7.91 -20.42
C ARG L 75 49.45 -7.70 -20.35
N ARG L 76 50.11 -8.52 -19.55
CA ARG L 76 51.54 -8.38 -19.33
C ARG L 76 52.22 -9.73 -19.48
N ARG L 77 53.50 -9.68 -19.84
CA ARG L 77 54.35 -10.86 -19.90
C ARG L 77 55.59 -10.57 -19.06
N LYS L 78 55.87 -11.44 -18.11
CA LYS L 78 56.93 -11.21 -17.14
C LYS L 78 57.96 -12.32 -17.24
N ALA L 79 59.24 -11.94 -17.24
CA ALA L 79 60.32 -12.94 -17.36
C ALA L 79 61.31 -12.82 -16.21
N ILE L 80 61.70 -13.94 -15.61
CA ILE L 80 62.72 -13.93 -14.52
C ILE L 80 63.99 -14.58 -15.08
N VAL L 81 65.01 -13.77 -15.40
CA VAL L 81 66.27 -14.29 -16.01
C VAL L 81 67.28 -14.62 -14.90
N LYS L 82 67.73 -15.87 -14.82
CA LYS L 82 68.76 -16.25 -13.83
C LYS L 82 70.13 -16.26 -14.51
N LEU L 83 71.00 -15.33 -14.14
CA LEU L 83 72.36 -15.27 -14.72
C LEU L 83 73.21 -16.36 -14.08
N THR L 84 74.32 -16.73 -14.70
CA THR L 84 75.21 -17.76 -14.12
C THR L 84 76.20 -17.07 -13.21
N ALA L 85 77.35 -17.69 -12.96
CA ALA L 85 78.39 -16.99 -12.17
C ALA L 85 79.18 -16.07 -13.10
N ASP L 86 78.55 -14.99 -13.57
CA ASP L 86 79.20 -14.06 -14.53
C ASP L 86 79.14 -12.63 -13.99
N SER L 87 78.88 -11.67 -14.87
CA SER L 87 78.82 -10.24 -14.45
C SER L 87 77.48 -9.94 -13.78
N LYS L 88 77.13 -8.67 -13.67
CA LYS L 88 75.86 -8.29 -12.99
C LYS L 88 75.17 -7.17 -13.77
N GLU L 89 73.99 -7.45 -14.32
CA GLU L 89 73.23 -6.39 -15.02
C GLU L 89 73.04 -5.23 -14.05
N ILE L 90 73.68 -4.10 -14.35
CA ILE L 90 73.52 -2.90 -13.48
C ILE L 90 72.22 -2.19 -13.89
N GLU L 91 71.15 -2.42 -13.13
CA GLU L 91 69.86 -1.77 -13.43
C GLU L 91 69.91 -0.33 -12.92
N ILE L 92 71.00 0.02 -12.25
CA ILE L 92 71.15 1.38 -11.65
C ILE L 92 69.82 1.77 -10.99
N PHE L 93 69.30 0.91 -10.13
CA PHE L 93 68.05 1.29 -9.40
C PHE L 93 68.47 2.10 -8.18
N HIS M 2 42.07 40.48 -32.00
CA HIS M 2 42.51 41.75 -32.54
C HIS M 2 43.54 42.40 -31.64
N VAL M 3 43.74 41.83 -30.46
CA VAL M 3 44.80 42.24 -29.56
C VAL M 3 45.50 40.99 -29.07
N LYS M 4 46.78 41.13 -28.72
CA LYS M 4 47.57 39.99 -28.31
C LYS M 4 48.39 40.36 -27.07
N LYS M 5 49.17 39.39 -26.59
CA LYS M 5 49.93 39.57 -25.36
C LYS M 5 50.92 40.72 -25.48
N GLY M 6 50.99 41.54 -24.45
CA GLY M 6 51.92 42.65 -24.41
C GLY M 6 51.41 43.94 -24.99
N ASP M 7 50.11 44.09 -25.18
CA ASP M 7 49.52 45.27 -25.79
C ASP M 7 48.98 46.21 -24.71
N LYS M 8 49.07 47.51 -24.98
CA LYS M 8 48.44 48.52 -24.13
C LYS M 8 46.99 48.68 -24.58
N VAL M 9 46.06 48.31 -23.71
CA VAL M 9 44.65 48.34 -24.07
C VAL M 9 43.89 49.23 -23.11
N MET M 10 42.57 49.33 -23.31
CA MET M 10 41.71 50.10 -22.44
C MET M 10 40.37 49.40 -22.34
N VAL M 11 39.87 49.21 -21.12
CA VAL M 11 38.63 48.48 -20.92
C VAL M 11 37.45 49.39 -21.23
N ILE M 12 36.48 48.87 -21.99
CA ILE M 12 35.36 49.65 -22.48
C ILE M 12 34.09 49.34 -21.71
N SER M 13 33.91 48.10 -21.26
CA SER M 13 32.68 47.70 -20.59
C SER M 13 33.01 46.92 -19.32
N GLY M 14 32.16 47.08 -18.33
CA GLY M 14 32.29 46.35 -17.08
C GLY M 14 32.49 47.28 -15.89
N LYS M 15 32.74 46.65 -14.74
CA LYS M 15 33.03 47.41 -13.53
C LYS M 15 34.26 48.28 -13.72
N ASP M 16 35.26 47.77 -14.44
CA ASP M 16 36.52 48.47 -14.65
C ASP M 16 36.53 49.29 -15.91
N LYS M 17 35.35 49.67 -16.41
CA LYS M 17 35.28 50.49 -17.61
C LYS M 17 36.00 51.81 -17.39
N GLY M 18 36.86 52.17 -18.33
CA GLY M 18 37.67 53.36 -18.25
C GLY M 18 39.09 53.12 -17.80
N LYS M 19 39.36 51.99 -17.16
CA LYS M 19 40.72 51.65 -16.78
C LYS M 19 41.52 51.25 -18.03
N GLN M 20 42.85 51.38 -17.91
CA GLN M 20 43.73 50.98 -19.03
C GLN M 20 44.95 50.26 -18.45
N GLY M 21 45.40 49.19 -19.10
CA GLY M 21 46.51 48.40 -18.61
C GLY M 21 47.26 47.67 -19.70
N THR M 22 47.94 46.59 -19.34
CA THR M 22 48.75 45.82 -20.27
C THR M 22 48.28 44.38 -20.28
N ILE M 23 48.18 43.81 -21.48
CA ILE M 23 47.80 42.41 -21.63
C ILE M 23 48.91 41.53 -21.06
N LEU M 24 48.55 40.60 -20.18
CA LEU M 24 49.50 39.66 -19.64
C LEU M 24 49.38 38.27 -20.23
N ALA M 25 48.20 37.87 -20.67
CA ALA M 25 48.01 36.56 -21.28
C ALA M 25 46.81 36.64 -22.20
N ALA M 26 46.73 35.68 -23.12
CA ALA M 26 45.63 35.60 -24.07
C ALA M 26 45.12 34.18 -24.12
N PHE M 27 43.81 34.04 -24.30
CA PHE M 27 43.16 32.72 -24.40
C PHE M 27 42.26 32.72 -25.62
N PRO M 28 42.85 32.58 -26.81
CA PRO M 28 42.03 32.61 -28.03
C PRO M 28 41.01 31.48 -28.11
N LYS M 29 41.20 30.40 -27.36
CA LYS M 29 40.21 29.33 -27.36
C LYS M 29 38.91 29.73 -26.67
N LYS M 30 38.91 30.84 -25.94
CA LYS M 30 37.72 31.29 -25.23
C LYS M 30 37.41 32.76 -25.45
N ASP M 31 38.21 33.46 -26.26
CA ASP M 31 38.07 34.90 -26.47
C ASP M 31 38.14 35.68 -25.16
N ARG M 32 39.02 35.25 -24.27
CA ARG M 32 39.23 35.91 -23.00
C ARG M 32 40.68 36.37 -22.90
N VAL M 33 40.93 37.30 -22.00
CA VAL M 33 42.23 37.96 -21.95
C VAL M 33 42.45 38.48 -20.54
N LEU M 34 43.69 38.41 -20.07
CA LEU M 34 44.07 38.90 -18.74
C LEU M 34 44.68 40.28 -18.89
N VAL M 35 44.11 41.26 -18.22
CA VAL M 35 44.64 42.62 -18.20
C VAL M 35 45.07 42.92 -16.78
N GLU M 36 46.23 43.56 -16.63
CA GLU M 36 46.76 43.83 -15.31
C GLU M 36 45.97 44.94 -14.61
N GLY M 37 45.81 44.79 -13.30
CA GLY M 37 45.10 45.78 -12.51
C GLY M 37 43.62 45.82 -12.77
N VAL M 38 43.07 44.82 -13.44
CA VAL M 38 41.70 44.84 -13.90
C VAL M 38 41.01 43.54 -13.48
N ASN M 39 39.81 43.66 -12.93
CA ASN M 39 38.99 42.51 -12.56
C ASN M 39 39.71 41.62 -11.55
N MET M 40 39.99 42.23 -10.39
CA MET M 40 40.73 41.55 -9.34
C MET M 40 39.77 40.71 -8.51
N VAL M 41 40.21 39.49 -8.17
CA VAL M 41 39.41 38.58 -7.37
C VAL M 41 40.20 38.22 -6.12
N LYS M 42 39.52 37.59 -5.17
CA LYS M 42 40.11 37.14 -3.92
C LYS M 42 39.86 35.65 -3.76
N LYS M 43 40.82 34.83 -4.17
CA LYS M 43 40.68 33.39 -4.08
C LYS M 43 41.05 32.90 -2.68
N HIS M 44 40.19 32.07 -2.09
CA HIS M 44 40.45 31.46 -0.80
C HIS M 44 41.14 30.13 -1.07
N SER M 45 42.46 30.10 -0.90
CA SER M 45 43.26 28.95 -1.23
C SER M 45 43.71 28.21 0.03
N LYS M 46 43.49 26.91 0.05
CA LYS M 46 43.89 26.07 1.16
C LYS M 46 45.41 25.99 1.21
N PRO M 47 45.98 25.69 2.38
CA PRO M 47 47.42 25.41 2.45
C PRO M 47 47.77 24.16 1.65
N THR M 48 48.87 24.23 0.91
CA THR M 48 49.34 23.12 0.11
C THR M 48 50.82 23.33 -0.18
N GLN M 49 51.38 22.41 -0.98
CA GLN M 49 52.83 22.40 -1.23
C GLN M 49 53.35 23.75 -1.72
N ALA M 50 52.72 24.30 -2.75
CA ALA M 50 52.97 25.68 -3.13
C ALA M 50 52.13 26.59 -2.24
N ASN M 51 52.74 27.67 -1.75
CA ASN M 51 52.12 28.54 -0.76
C ASN M 51 51.75 27.74 0.49
N PRO M 52 52.75 27.28 1.26
CA PRO M 52 52.48 26.36 2.37
C PRO M 52 51.51 26.88 3.41
N GLN M 53 51.59 28.17 3.75
CA GLN M 53 50.71 28.73 4.76
C GLN M 53 49.31 28.97 4.18
N GLY M 54 49.25 29.40 2.93
CA GLY M 54 47.98 29.69 2.30
C GLY M 54 47.39 31.00 2.75
N GLY M 55 46.19 31.29 2.26
CA GLY M 55 45.50 32.51 2.63
C GLY M 55 44.57 32.97 1.52
N ILE M 56 44.18 34.23 1.62
CA ILE M 56 43.31 34.85 0.64
C ILE M 56 44.19 35.61 -0.35
N SER M 57 44.15 35.21 -1.61
CA SER M 57 44.99 35.81 -2.63
C SER M 57 44.30 37.03 -3.23
N ASN M 58 45.01 37.71 -4.14
CA ASN M 58 44.47 38.86 -4.87
C ASN M 58 45.10 38.84 -6.26
N GLN M 59 44.41 38.24 -7.20
CA GLN M 59 44.91 38.07 -8.55
C GLN M 59 43.98 38.77 -9.55
N GLU M 60 44.27 38.60 -10.83
CA GLU M 60 43.42 39.11 -11.88
C GLU M 60 42.57 37.97 -12.44
N ALA M 61 41.50 38.32 -13.14
CA ALA M 61 40.68 37.32 -13.79
C ALA M 61 40.44 37.71 -15.24
N PRO M 62 40.30 36.74 -16.13
CA PRO M 62 40.17 37.07 -17.56
C PRO M 62 38.82 37.69 -17.88
N ILE M 63 38.84 38.73 -18.69
CA ILE M 63 37.63 39.37 -19.18
C ILE M 63 37.46 38.99 -20.63
N HIS M 64 36.29 39.29 -21.19
CA HIS M 64 36.03 38.97 -22.59
C HIS M 64 36.79 39.92 -23.49
N VAL M 65 37.29 39.39 -24.61
CA VAL M 65 38.18 40.16 -25.47
C VAL M 65 37.43 41.25 -26.22
N SER M 66 36.11 41.17 -26.31
CA SER M 66 35.36 42.24 -26.95
C SER M 66 35.07 43.39 -26.01
N ASN M 67 35.50 43.29 -24.76
CA ASN M 67 35.34 44.37 -23.79
C ASN M 67 36.53 45.31 -23.79
N VAL M 68 37.49 45.11 -24.68
CA VAL M 68 38.75 45.82 -24.62
C VAL M 68 39.18 46.17 -26.03
N MET M 69 39.81 47.34 -26.18
CA MET M 69 40.26 47.81 -27.47
C MET M 69 41.63 48.49 -27.34
N PRO M 70 42.49 48.35 -28.35
CA PRO M 70 43.83 48.90 -28.25
C PRO M 70 43.82 50.42 -28.26
N LEU M 71 45.01 51.00 -28.15
CA LEU M 71 45.17 52.44 -28.10
C LEU M 71 45.89 52.93 -29.34
N ASP M 72 45.38 54.01 -29.92
CA ASP M 72 45.99 54.60 -31.10
C ASP M 72 47.28 55.28 -30.66
N PRO M 73 48.41 54.99 -31.30
CA PRO M 73 49.70 55.50 -30.80
C PRO M 73 49.80 57.01 -30.74
N LYS M 74 49.19 57.75 -31.65
CA LYS M 74 49.43 59.19 -31.74
C LYS M 74 48.43 60.02 -30.96
N THR M 75 47.21 59.54 -30.77
CA THR M 75 46.20 60.26 -30.01
C THR M 75 45.94 59.69 -28.63
N GLY M 76 46.16 58.40 -28.44
CA GLY M 76 45.91 57.76 -27.17
C GLY M 76 44.49 57.30 -26.96
N GLU M 77 43.62 57.58 -27.93
CA GLU M 77 42.20 57.18 -27.81
C GLU M 77 42.05 55.78 -28.40
N VAL M 78 40.87 55.17 -28.21
CA VAL M 78 40.63 53.79 -28.70
C VAL M 78 40.49 53.83 -30.23
N THR M 79 40.95 52.77 -30.90
CA THR M 79 40.90 52.73 -32.37
C THR M 79 40.42 51.37 -32.79
N ARG M 80 39.88 51.27 -34.00
CA ARG M 80 39.50 49.94 -34.54
C ARG M 80 40.74 49.40 -35.27
N VAL M 81 40.80 48.09 -35.50
CA VAL M 81 42.04 47.48 -36.07
C VAL M 81 41.91 47.28 -37.59
N GLY M 82 43.01 47.45 -38.33
CA GLY M 82 43.03 47.20 -39.78
C GLY M 82 44.27 46.39 -40.07
N TYR M 83 44.47 45.92 -41.31
CA TYR M 83 45.62 45.04 -41.60
C TYR M 83 46.22 45.45 -42.94
N LYS M 84 47.47 45.93 -42.91
CA LYS M 84 48.17 46.30 -44.16
C LYS M 84 49.34 45.35 -44.35
N VAL M 85 49.96 45.34 -45.53
CA VAL M 85 51.18 44.51 -45.73
C VAL M 85 52.39 45.43 -46.00
N GLU M 86 53.17 45.72 -44.97
CA GLU M 86 54.29 46.68 -45.13
C GLU M 86 55.36 46.10 -46.04
N ASP M 87 56.22 45.21 -45.51
CA ASP M 87 57.33 44.65 -46.31
C ASP M 87 57.19 43.13 -46.36
N GLY M 88 56.33 42.63 -47.25
CA GLY M 88 56.08 41.18 -47.29
C GLY M 88 55.74 40.68 -45.90
N LYS M 89 55.08 41.52 -45.10
CA LYS M 89 54.71 41.15 -43.72
C LYS M 89 53.44 41.94 -43.35
N LYS M 90 52.38 41.24 -42.94
CA LYS M 90 51.12 41.96 -42.67
C LYS M 90 51.22 42.60 -41.28
N VAL M 91 50.78 43.85 -41.14
CA VAL M 91 50.92 44.57 -39.85
C VAL M 91 49.53 45.05 -39.39
N ARG M 92 49.25 45.02 -38.09
CA ARG M 92 47.97 45.57 -37.60
C ARG M 92 48.07 47.09 -37.70
N VAL M 93 47.06 47.75 -38.28
CA VAL M 93 47.09 49.22 -38.45
C VAL M 93 46.03 49.86 -37.55
N ALA M 94 46.18 51.14 -37.23
CA ALA M 94 45.16 51.85 -36.43
C ALA M 94 44.26 52.64 -37.36
N LYS M 95 43.00 52.24 -37.47
CA LYS M 95 42.07 52.90 -38.43
C LYS M 95 42.02 54.41 -38.16
N LYS M 96 41.99 54.81 -36.89
CA LYS M 96 41.82 56.25 -36.57
C LYS M 96 42.93 57.09 -37.21
N SER M 97 44.16 56.59 -37.22
CA SER M 97 45.28 57.41 -37.74
C SER M 97 45.88 56.77 -38.99
N GLY M 98 46.48 55.60 -38.85
CA GLY M 98 47.12 54.92 -39.99
C GLY M 98 48.45 54.38 -39.55
N GLN M 99 48.80 54.57 -38.29
CA GLN M 99 50.09 54.07 -37.76
C GLN M 99 49.98 52.56 -37.48
N VAL M 100 51.12 51.91 -37.31
CA VAL M 100 51.11 50.42 -37.11
C VAL M 100 50.81 50.13 -35.63
N LEU M 101 50.47 48.88 -35.34
CA LEU M 101 50.13 48.48 -33.94
C LEU M 101 49.25 49.56 -33.30
N ALA N 2 -75.07 37.65 -20.87
CA ALA N 2 -73.93 37.08 -21.58
C ALA N 2 -72.63 37.38 -20.85
N LYS N 3 -71.53 37.42 -21.61
CA LYS N 3 -70.20 37.71 -21.06
C LYS N 3 -69.85 36.80 -19.90
N LEU N 4 -69.75 35.50 -20.17
CA LEU N 4 -69.33 34.56 -19.14
C LEU N 4 -67.85 34.76 -18.82
N GLU N 5 -67.50 34.47 -17.57
CA GLU N 5 -66.10 34.37 -17.16
C GLU N 5 -65.80 32.91 -16.81
N ILE N 6 -64.82 32.35 -17.51
CA ILE N 6 -64.41 30.96 -17.34
C ILE N 6 -63.07 30.96 -16.64
N THR N 7 -62.99 30.28 -15.49
CA THR N 7 -61.78 30.28 -14.68
C THR N 7 -61.30 28.86 -14.51
N LEU N 8 -60.07 28.58 -14.93
CA LEU N 8 -59.45 27.29 -14.72
C LEU N 8 -59.15 27.10 -13.25
N LYS N 9 -59.79 26.13 -12.62
CA LYS N 9 -59.57 25.88 -11.20
C LYS N 9 -58.60 24.75 -10.92
N ARG N 10 -58.51 23.77 -11.80
CA ARG N 10 -57.63 22.64 -11.60
C ARG N 10 -56.60 22.57 -12.72
N SER N 11 -55.57 21.77 -12.48
CA SER N 11 -54.50 21.57 -13.45
C SER N 11 -54.91 20.53 -14.46
N VAL N 12 -54.29 20.60 -15.64
CA VAL N 12 -54.56 19.65 -16.72
C VAL N 12 -53.59 18.49 -16.70
N ILE N 13 -52.70 18.41 -15.73
CA ILE N 13 -51.80 17.27 -15.63
C ILE N 13 -52.60 16.06 -15.20
N GLY N 14 -52.45 14.95 -15.92
CA GLY N 14 -53.17 13.73 -15.63
C GLY N 14 -54.51 13.59 -16.33
N ARG N 15 -54.94 14.58 -17.03
CA ARG N 15 -56.19 14.49 -17.78
C ARG N 15 -55.92 14.02 -19.20
N PRO N 16 -56.86 13.28 -19.80
CA PRO N 16 -56.67 12.82 -21.17
C PRO N 16 -56.63 14.02 -22.13
N GLU N 17 -56.09 13.76 -23.33
CA GLU N 17 -55.75 14.85 -24.24
C GLU N 17 -56.95 15.71 -24.61
N ASP N 18 -58.14 15.11 -24.70
CA ASP N 18 -59.29 15.82 -25.25
C ASP N 18 -59.63 17.05 -24.44
N GLN N 19 -59.71 16.90 -23.12
CA GLN N 19 -60.00 18.06 -22.28
C GLN N 19 -58.90 19.09 -22.34
N ARG N 20 -57.64 18.64 -22.48
CA ARG N 20 -56.56 19.61 -22.63
C ARG N 20 -56.73 20.45 -23.88
N VAL N 21 -57.08 19.81 -25.00
CA VAL N 21 -57.32 20.56 -26.24
C VAL N 21 -58.50 21.49 -26.07
N THR N 22 -59.55 21.04 -25.38
CA THR N 22 -60.72 21.88 -25.18
C THR N 22 -60.38 23.13 -24.40
N VAL N 23 -59.68 22.97 -23.27
CA VAL N 23 -59.35 24.13 -22.45
C VAL N 23 -58.35 25.04 -23.16
N ARG N 24 -57.44 24.46 -23.96
CA ARG N 24 -56.54 25.30 -24.72
C ARG N 24 -57.33 26.13 -25.74
N THR N 25 -58.30 25.50 -26.40
CA THR N 25 -59.16 26.23 -27.31
C THR N 25 -59.93 27.33 -26.58
N LEU N 26 -60.34 27.07 -25.35
CA LEU N 26 -60.99 28.10 -24.55
C LEU N 26 -60.09 29.30 -24.29
N GLY N 27 -58.78 29.14 -24.46
CA GLY N 27 -57.85 30.22 -24.23
C GLY N 27 -57.17 30.21 -22.88
N LEU N 28 -57.31 29.15 -22.11
CA LEU N 28 -56.74 29.07 -20.77
C LEU N 28 -55.43 28.29 -20.82
N LYS N 29 -54.35 28.91 -20.34
CA LYS N 29 -53.04 28.30 -20.33
C LYS N 29 -52.50 28.07 -18.92
N LYS N 30 -52.67 29.03 -18.03
CA LYS N 30 -52.21 28.92 -16.65
C LYS N 30 -53.36 28.56 -15.72
N THR N 31 -53.02 27.94 -14.60
CA THR N 31 -54.02 27.65 -13.58
C THR N 31 -54.45 28.95 -12.89
N ASN N 32 -55.71 28.99 -12.47
CA ASN N 32 -56.34 30.18 -11.90
C ASN N 32 -56.38 31.34 -12.89
N GLN N 33 -56.34 31.04 -14.19
CA GLN N 33 -56.49 32.08 -15.19
C GLN N 33 -57.97 32.22 -15.54
N THR N 34 -58.40 33.46 -15.75
CA THR N 34 -59.78 33.77 -16.08
C THR N 34 -59.84 34.35 -17.49
N VAL N 35 -60.95 34.09 -18.18
CA VAL N 35 -61.14 34.57 -19.54
C VAL N 35 -62.59 34.98 -19.71
N VAL N 36 -62.84 35.81 -20.73
CA VAL N 36 -64.17 36.36 -20.99
C VAL N 36 -64.60 35.92 -22.38
N HIS N 37 -65.80 35.36 -22.48
CA HIS N 37 -66.34 34.91 -23.75
C HIS N 37 -67.81 35.31 -23.83
N GLU N 38 -68.28 35.50 -25.06
CA GLU N 38 -69.70 35.77 -25.28
C GLU N 38 -70.51 34.51 -25.04
N ASP N 39 -71.76 34.69 -24.61
CA ASP N 39 -72.60 33.54 -24.27
C ASP N 39 -73.22 32.96 -25.53
N ASN N 40 -72.82 31.75 -25.88
CA ASN N 40 -73.44 31.01 -26.98
C ASN N 40 -73.79 29.61 -26.51
N ALA N 41 -74.24 28.76 -27.43
CA ALA N 41 -74.42 27.34 -27.13
C ALA N 41 -73.16 26.52 -27.36
N ALA N 42 -72.32 26.94 -28.30
CA ALA N 42 -71.04 26.25 -28.52
C ALA N 42 -70.12 26.40 -27.33
N ILE N 43 -69.98 27.63 -26.83
CA ILE N 43 -69.14 27.88 -25.67
C ILE N 43 -69.69 27.15 -24.45
N ARG N 44 -71.01 27.16 -24.30
CA ARG N 44 -71.62 26.39 -23.22
C ARG N 44 -71.29 24.91 -23.33
N GLY N 45 -71.40 24.34 -24.54
CA GLY N 45 -71.15 22.92 -24.71
C GLY N 45 -69.72 22.54 -24.39
N MET N 46 -68.76 23.31 -24.92
CA MET N 46 -67.37 23.04 -24.58
C MET N 46 -67.11 23.25 -23.09
N ILE N 47 -67.91 24.10 -22.44
CA ILE N 47 -67.82 24.22 -20.98
C ILE N 47 -68.26 22.92 -20.32
N ASN N 48 -69.40 22.36 -20.76
CA ASN N 48 -69.86 21.15 -20.07
C ASN N 48 -68.97 19.95 -20.34
N LYS N 49 -68.23 19.93 -21.45
CA LYS N 49 -67.32 18.80 -21.64
C LYS N 49 -66.12 18.84 -20.70
N VAL N 50 -65.82 19.98 -20.07
CA VAL N 50 -64.74 20.04 -19.09
C VAL N 50 -65.24 20.64 -17.79
N SER N 51 -66.53 20.46 -17.50
CA SER N 51 -67.17 21.20 -16.41
C SER N 51 -66.52 20.94 -15.05
N HIS N 52 -65.95 19.76 -14.82
CA HIS N 52 -65.37 19.43 -13.53
C HIS N 52 -63.95 19.96 -13.36
N LEU N 53 -63.42 20.68 -14.35
CA LEU N 53 -62.10 21.29 -14.25
C LEU N 53 -62.14 22.81 -14.34
N VAL N 54 -63.32 23.41 -14.20
CA VAL N 54 -63.47 24.85 -14.40
C VAL N 54 -64.72 25.32 -13.67
N SER N 55 -64.63 26.52 -13.11
CA SER N 55 -65.78 27.21 -12.54
C SER N 55 -66.19 28.34 -13.46
N VAL N 56 -67.50 28.52 -13.64
CA VAL N 56 -68.05 29.49 -14.57
C VAL N 56 -69.10 30.31 -13.85
N LYS N 57 -68.98 31.64 -14.04
CA LYS N 57 -69.95 32.58 -13.45
C LYS N 57 -70.44 33.51 -14.55
N GLU N 58 -71.63 34.07 -14.39
CA GLU N 58 -72.21 35.00 -15.33
C GLU N 58 -72.03 36.44 -14.87
N GLN N 59 -71.64 37.30 -15.79
CA GLN N 59 -71.60 38.73 -15.53
C GLN N 59 -73.01 39.26 -15.32
N ALA O 2 -9.55 -10.69 6.09
CA ALA O 2 -8.39 -10.07 6.70
C ALA O 2 -7.72 -9.09 5.75
N VAL O 3 -8.52 -8.43 4.92
CA VAL O 3 -8.01 -7.42 4.00
C VAL O 3 -8.64 -6.09 4.36
N PRO O 4 -7.81 -5.03 4.59
CA PRO O 4 -8.34 -3.68 4.88
C PRO O 4 -9.38 -3.29 3.85
N PHE O 5 -10.63 -3.12 4.28
CA PHE O 5 -11.69 -2.80 3.30
C PHE O 5 -11.45 -1.39 2.78
N ARG O 6 -10.86 -0.52 3.57
CA ARG O 6 -10.68 0.88 3.13
C ARG O 6 -9.45 1.49 3.80
N ARG O 7 -8.92 2.56 3.23
CA ARG O 7 -7.78 3.26 3.78
C ARG O 7 -8.16 3.94 5.09
N THR O 8 -7.16 4.24 5.90
CA THR O 8 -7.40 4.90 7.19
C THR O 8 -7.17 6.39 7.07
N SER O 9 -8.12 7.17 7.57
CA SER O 9 -8.07 8.61 7.48
C SER O 9 -6.94 9.13 8.38
N LYS O 10 -6.54 10.38 8.17
CA LYS O 10 -5.51 11.00 9.01
C LYS O 10 -5.96 11.11 10.46
N MET O 11 -7.20 11.52 10.70
CA MET O 11 -7.63 11.79 12.07
C MET O 11 -7.64 10.51 12.89
N LYS O 12 -8.10 9.41 12.32
CA LYS O 12 -8.09 8.14 13.04
C LYS O 12 -6.68 7.64 13.32
N LYS O 13 -5.77 7.81 12.38
CA LYS O 13 -4.37 7.45 12.61
C LYS O 13 -3.77 8.27 13.76
N ARG O 14 -3.99 9.59 13.75
CA ARG O 14 -3.48 10.42 14.82
C ARG O 14 -4.11 10.06 16.16
N LEU O 15 -5.40 9.72 16.16
CA LEU O 15 -6.05 9.30 17.41
C LEU O 15 -5.46 8.00 17.92
N ARG O 16 -5.19 7.05 17.04
CA ARG O 16 -4.61 5.78 17.48
C ARG O 16 -3.20 5.95 18.00
N ARG O 17 -2.46 6.94 17.48
CA ARG O 17 -1.08 7.15 17.89
C ARG O 17 -0.95 8.04 19.13
N THR O 18 -1.99 8.13 19.96
CA THR O 18 -1.92 9.04 21.10
C THR O 18 -1.28 8.41 22.32
N HIS O 19 -1.30 7.08 22.44
CA HIS O 19 -0.66 6.40 23.55
C HIS O 19 0.73 5.90 23.19
N PHE O 20 1.22 6.21 22.00
CA PHE O 20 2.49 5.71 21.50
C PHE O 20 3.57 6.77 21.73
N LYS O 21 3.94 6.94 23.00
CA LYS O 21 4.90 7.97 23.35
C LYS O 21 5.73 7.52 24.55
N LEU O 22 6.84 8.23 24.78
CA LEU O 22 7.84 7.86 25.76
C LEU O 22 7.66 8.63 27.07
N ASN O 23 8.32 8.14 28.11
CA ASN O 23 8.24 8.69 29.45
C ASN O 23 9.55 9.36 29.84
N VAL O 24 9.44 10.45 30.58
CA VAL O 24 10.64 11.13 31.09
C VAL O 24 11.34 10.22 32.08
N PRO O 25 12.66 10.09 32.02
CA PRO O 25 13.36 9.16 32.92
C PRO O 25 13.33 9.65 34.36
N GLY O 26 13.57 8.70 35.27
CA GLY O 26 13.71 9.02 36.67
C GLY O 26 15.14 9.32 37.05
N MET O 27 15.47 10.61 37.20
CA MET O 27 16.89 10.98 37.40
C MET O 27 17.10 11.69 38.73
N THR O 28 18.21 11.40 39.40
CA THR O 28 18.56 12.08 40.65
C THR O 28 19.95 12.62 40.45
N GLU O 29 20.35 13.62 41.24
CA GLU O 29 21.68 14.25 41.09
C GLU O 29 22.64 13.57 42.06
N CYS O 30 23.86 13.34 41.59
CA CYS O 30 24.86 12.58 42.37
C CYS O 30 25.36 13.37 43.58
N PRO O 31 25.30 12.87 44.84
CA PRO O 31 25.72 13.69 46.00
C PRO O 31 27.01 14.43 45.67
N SER O 32 28.10 13.69 45.48
CA SER O 32 29.36 14.33 45.03
C SER O 32 29.20 14.54 43.53
N CYS O 33 29.78 15.59 42.96
CA CYS O 33 29.60 15.93 41.51
C CYS O 33 28.23 16.58 41.31
N GLY O 34 27.80 16.73 40.06
CA GLY O 34 26.45 17.25 39.80
C GLY O 34 25.87 16.47 38.65
N GLU O 35 26.44 15.29 38.40
CA GLU O 35 25.99 14.45 37.26
C GLU O 35 24.60 13.93 37.61
N MET O 36 23.83 13.55 36.58
CA MET O 36 22.48 13.00 36.81
C MET O 36 22.50 11.53 36.37
N LYS O 37 21.97 10.65 37.20
CA LYS O 37 21.97 9.20 36.89
C LYS O 37 20.57 8.67 37.14
N LEU O 38 20.29 7.46 36.68
CA LEU O 38 18.97 6.87 36.96
C LEU O 38 18.92 6.57 38.46
N SER O 39 17.78 6.76 39.08
CA SER O 39 17.65 6.46 40.52
C SER O 39 18.02 5.00 40.76
N HIS O 40 18.73 4.72 41.84
CA HIS O 40 19.09 3.32 42.23
C HIS O 40 20.09 2.76 41.22
N ARG O 41 20.72 3.63 40.43
CA ARG O 41 21.81 3.18 39.54
C ARG O 41 23.12 3.68 40.17
N VAL O 42 24.27 3.40 39.55
CA VAL O 42 25.55 3.73 40.25
C VAL O 42 26.36 4.84 39.58
N CYS O 43 27.06 5.58 40.42
CA CYS O 43 27.91 6.67 39.90
C CYS O 43 28.76 7.17 41.07
N LYS O 44 29.71 6.37 41.51
CA LYS O 44 30.68 6.87 42.51
C LYS O 44 31.48 7.88 41.69
N ALA O 45 31.80 7.49 40.45
CA ALA O 45 32.47 8.43 39.53
C ALA O 45 31.51 9.59 39.33
N CYS O 46 30.58 9.72 40.26
CA CYS O 46 29.64 10.87 40.21
C CYS O 46 29.44 11.34 41.64
N MET P 1 67.11 15.53 -35.35
CA MET P 1 67.62 16.08 -36.64
C MET P 1 66.43 16.46 -37.52
N LYS P 2 66.58 17.49 -38.35
CA LYS P 2 65.50 17.87 -39.29
C LYS P 2 65.64 17.03 -40.56
N ALA P 3 64.54 16.79 -41.26
CA ALA P 3 64.59 15.94 -42.46
C ALA P 3 65.74 16.36 -43.36
N ASN P 4 65.84 17.65 -43.68
CA ASN P 4 66.90 18.15 -44.58
C ASN P 4 68.21 17.43 -44.27
N GLU P 5 68.66 17.50 -43.01
CA GLU P 5 69.94 16.87 -42.61
C GLU P 5 69.87 15.36 -42.84
N ILE P 6 68.89 14.68 -42.25
CA ILE P 6 68.73 13.21 -42.46
C ILE P 6 68.84 12.90 -43.96
N ARG P 7 68.29 13.76 -44.81
CA ARG P 7 68.27 13.47 -46.27
C ARG P 7 69.68 13.56 -46.84
N ASP P 8 70.60 14.22 -46.15
CA ASP P 8 71.98 14.38 -46.66
C ASP P 8 72.81 13.13 -46.38
N LEU P 9 72.55 12.47 -45.25
CA LEU P 9 73.38 11.29 -44.85
C LEU P 9 73.13 10.13 -45.82
N THR P 10 74.09 9.21 -45.92
CA THR P 10 73.93 8.02 -46.78
C THR P 10 72.98 7.06 -46.10
N THR P 11 72.36 6.18 -46.88
CA THR P 11 71.36 5.26 -46.30
C THR P 11 71.99 4.53 -45.14
N ALA P 12 73.14 3.90 -45.36
CA ALA P 12 73.83 3.18 -44.28
C ALA P 12 73.94 4.10 -43.06
N GLU P 13 74.52 5.28 -43.27
CA GLU P 13 74.71 6.23 -42.14
C GLU P 13 73.38 6.38 -41.39
N ILE P 14 72.27 6.57 -42.12
CA ILE P 14 70.94 6.66 -41.46
C ILE P 14 70.75 5.42 -40.58
N GLU P 15 70.82 4.23 -41.16
CA GLU P 15 70.57 3.00 -40.38
C GLU P 15 71.28 3.08 -39.03
N GLN P 16 72.56 3.46 -39.05
CA GLN P 16 73.35 3.54 -37.79
C GLN P 16 72.62 4.46 -36.80
N LYS P 17 72.29 5.68 -37.24
CA LYS P 17 71.61 6.64 -36.34
C LYS P 17 70.40 5.96 -35.71
N VAL P 18 69.61 5.26 -36.53
CA VAL P 18 68.38 4.59 -36.00
C VAL P 18 68.81 3.64 -34.88
N LYS P 19 69.78 2.77 -35.15
CA LYS P 19 70.28 1.85 -34.10
C LYS P 19 70.58 2.64 -32.82
N SER P 20 71.43 3.66 -32.93
CA SER P 20 71.81 4.46 -31.73
C SER P 20 70.55 4.98 -31.04
N LEU P 21 69.67 5.65 -31.77
CA LEU P 21 68.46 6.25 -31.15
C LEU P 21 67.70 5.16 -30.40
N LYS P 22 67.59 3.96 -30.96
CA LYS P 22 66.79 2.90 -30.32
C LYS P 22 67.41 2.54 -28.97
N GLU P 23 68.75 2.59 -28.88
CA GLU P 23 69.42 2.30 -27.59
C GLU P 23 69.06 3.41 -26.59
N GLU P 24 69.14 4.66 -27.02
CA GLU P 24 68.79 5.79 -26.12
C GLU P 24 67.40 5.53 -25.54
N LEU P 25 66.44 5.16 -26.38
CA LEU P 25 65.05 4.92 -25.90
C LEU P 25 65.06 3.82 -24.85
N PHE P 26 65.67 2.67 -25.15
CA PHE P 26 65.76 1.58 -24.15
C PHE P 26 66.20 2.16 -22.83
N ASN P 27 67.35 2.84 -22.82
CA ASN P 27 67.89 3.39 -21.56
C ASN P 27 66.87 4.32 -20.93
N LEU P 28 66.33 5.25 -21.71
CA LEU P 28 65.36 6.22 -21.16
C LEU P 28 64.25 5.47 -20.43
N ARG P 29 63.69 4.45 -21.07
CA ARG P 29 62.56 3.71 -20.48
C ARG P 29 62.98 3.10 -19.14
N PHE P 30 64.18 2.52 -19.09
CA PHE P 30 64.63 1.84 -17.85
C PHE P 30 64.75 2.87 -16.73
N GLN P 31 65.32 4.03 -17.05
CA GLN P 31 65.47 5.11 -16.04
C GLN P 31 64.09 5.51 -15.51
N LEU P 32 63.12 5.71 -16.40
CA LEU P 32 61.75 6.09 -15.97
C LEU P 32 61.25 5.07 -14.96
N ALA P 33 61.35 3.78 -15.28
CA ALA P 33 60.81 2.72 -14.39
C ALA P 33 61.46 2.80 -13.02
N THR P 34 62.77 2.99 -12.97
CA THR P 34 63.49 3.04 -11.68
C THR P 34 63.07 4.30 -10.96
N GLY P 35 63.20 5.45 -11.62
CA GLY P 35 62.77 6.72 -11.01
C GLY P 35 63.87 7.74 -11.11
N GLN P 36 64.62 7.72 -12.22
CA GLN P 36 65.76 8.65 -12.37
C GLN P 36 65.67 9.37 -13.73
N LEU P 37 64.48 9.79 -14.13
CA LEU P 37 64.37 10.57 -15.38
C LEU P 37 63.70 11.91 -15.04
N GLU P 38 64.31 13.01 -15.47
CA GLU P 38 63.69 14.34 -15.24
C GLU P 38 63.03 14.79 -16.54
N ASN P 39 63.81 15.05 -17.59
CA ASN P 39 63.21 15.41 -18.90
C ASN P 39 62.47 14.19 -19.44
N THR P 40 61.18 14.07 -19.17
CA THR P 40 60.38 12.95 -19.72
C THR P 40 60.03 13.29 -21.15
N ALA P 41 60.13 14.56 -21.51
CA ALA P 41 59.84 14.99 -22.90
C ALA P 41 60.85 14.35 -23.85
N ARG P 42 61.99 13.93 -23.32
CA ARG P 42 63.04 13.33 -24.17
C ARG P 42 62.48 12.07 -24.83
N ILE P 43 61.73 11.27 -24.07
CA ILE P 43 61.18 10.00 -24.62
C ILE P 43 60.45 10.32 -25.93
N ARG P 44 59.40 11.13 -25.87
CA ARG P 44 58.60 11.40 -27.10
C ARG P 44 59.54 11.88 -28.20
N GLU P 45 60.42 12.82 -27.91
CA GLU P 45 61.32 13.38 -28.95
C GLU P 45 62.06 12.24 -29.66
N VAL P 46 62.61 11.29 -28.91
CA VAL P 46 63.40 10.19 -29.54
C VAL P 46 62.48 9.40 -30.49
N ARG P 47 61.33 8.97 -30.00
CA ARG P 47 60.41 8.16 -30.84
C ARG P 47 60.20 8.85 -32.18
N LYS P 48 59.86 10.13 -32.17
CA LYS P 48 59.58 10.86 -33.43
C LYS P 48 60.83 10.89 -34.32
N ALA P 49 62.00 11.09 -33.73
CA ALA P 49 63.23 11.05 -34.54
C ALA P 49 63.30 9.72 -35.29
N ILE P 50 63.16 8.60 -34.57
CA ILE P 50 63.28 7.27 -35.23
C ILE P 50 62.35 7.26 -36.45
N ALA P 51 61.12 7.73 -36.29
CA ALA P 51 60.15 7.74 -37.40
C ALA P 51 60.69 8.57 -38.56
N ARG P 52 61.14 9.78 -38.27
CA ARG P 52 61.65 10.68 -39.34
C ARG P 52 62.65 9.90 -40.18
N MET P 53 63.54 9.17 -39.53
CA MET P 53 64.60 8.43 -40.28
C MET P 53 63.94 7.37 -41.17
N LYS P 54 63.12 6.50 -40.58
CA LYS P 54 62.50 5.40 -41.37
C LYS P 54 61.74 5.97 -42.58
N THR P 55 61.07 7.10 -42.41
CA THR P 55 60.33 7.73 -43.53
C THR P 55 61.30 8.00 -44.64
N VAL P 56 62.42 8.65 -44.35
CA VAL P 56 63.40 9.00 -45.41
C VAL P 56 63.83 7.71 -46.12
N ILE P 57 64.19 6.68 -45.35
CA ILE P 57 64.68 5.42 -45.96
C ILE P 57 63.63 4.91 -46.96
N ARG P 58 62.39 4.70 -46.49
CA ARG P 58 61.35 4.13 -47.38
C ARG P 58 61.23 4.99 -48.64
N GLU P 59 61.22 6.31 -48.48
CA GLU P 59 61.03 7.19 -49.66
C GLU P 59 62.12 6.89 -50.70
N ARG P 60 63.35 6.69 -50.25
CA ARG P 60 64.47 6.40 -51.19
C ARG P 60 64.20 5.05 -51.88
N GLU P 61 63.79 4.04 -51.11
CA GLU P 61 63.58 2.69 -51.70
C GLU P 61 62.41 2.72 -52.69
N ILE P 62 61.33 3.42 -52.36
CA ILE P 62 60.21 3.56 -53.34
C ILE P 62 60.77 4.20 -54.61
N ALA P 63 61.40 5.36 -54.46
CA ALA P 63 61.95 6.08 -55.62
C ALA P 63 62.71 5.11 -56.52
N ALA P 64 63.62 4.33 -55.94
CA ALA P 64 64.43 3.38 -56.71
C ALA P 64 63.52 2.61 -57.68
N ASN P 65 62.57 1.85 -57.15
CA ASN P 65 61.64 1.06 -58.01
C ASN P 65 60.55 1.99 -58.55
N MET Q 1 39.58 -6.02 -22.67
CA MET Q 1 38.70 -4.98 -22.17
C MET Q 1 37.26 -5.20 -22.61
N LYS Q 2 36.72 -6.38 -22.31
CA LYS Q 2 35.37 -6.74 -22.73
C LYS Q 2 34.72 -7.56 -21.62
N ARG Q 3 33.53 -8.08 -21.90
CA ARG Q 3 32.81 -9.00 -21.03
C ARG Q 3 32.67 -10.35 -21.73
N THR Q 4 32.96 -11.41 -21.00
CA THR Q 4 32.87 -12.76 -21.55
C THR Q 4 31.84 -13.57 -20.78
N PHE Q 5 31.04 -14.32 -21.52
CA PHE Q 5 30.02 -15.19 -20.95
C PHE Q 5 30.30 -16.63 -21.36
N GLN Q 6 30.50 -17.49 -20.38
CA GLN Q 6 30.80 -18.89 -20.60
C GLN Q 6 31.93 -19.07 -21.59
N PRO Q 7 33.15 -18.64 -21.28
CA PRO Q 7 34.25 -18.78 -22.25
C PRO Q 7 34.73 -20.21 -22.37
N ASN Q 8 34.07 -21.13 -21.68
CA ASN Q 8 34.42 -22.55 -21.78
C ASN Q 8 33.32 -23.41 -22.41
N ASN Q 9 32.08 -22.95 -22.48
CA ASN Q 9 31.03 -23.72 -23.13
C ASN Q 9 31.29 -23.80 -24.62
N ARG Q 10 31.70 -24.97 -25.10
CA ARG Q 10 31.96 -25.11 -26.53
C ARG Q 10 30.68 -25.25 -27.33
N LYS Q 11 29.65 -25.87 -26.76
CA LYS Q 11 28.39 -25.99 -27.49
C LYS Q 11 27.76 -24.63 -27.72
N ARG Q 12 27.91 -23.71 -26.78
CA ARG Q 12 27.39 -22.36 -26.97
C ARG Q 12 28.01 -21.73 -28.20
N SER Q 13 29.32 -21.85 -28.36
CA SER Q 13 29.99 -21.28 -29.51
C SER Q 13 29.73 -22.06 -30.78
N LYS Q 14 29.46 -23.35 -30.69
CA LYS Q 14 29.17 -24.12 -31.89
C LYS Q 14 27.73 -23.99 -32.34
N VAL Q 15 26.85 -23.44 -31.52
CA VAL Q 15 25.48 -23.16 -31.91
C VAL Q 15 25.29 -21.69 -32.28
N HIS Q 16 25.62 -20.77 -31.36
CA HIS Q 16 25.37 -19.35 -31.57
C HIS Q 16 26.64 -18.58 -31.91
N GLY Q 17 27.73 -19.28 -32.23
CA GLY Q 17 28.99 -18.62 -32.45
C GLY Q 17 29.09 -17.93 -33.79
N PHE Q 18 30.20 -17.20 -33.97
CA PHE Q 18 30.42 -16.45 -35.19
C PHE Q 18 30.61 -17.36 -36.40
N ARG Q 19 31.43 -18.39 -36.26
CA ARG Q 19 31.72 -19.26 -37.38
C ARG Q 19 30.54 -20.11 -37.80
N SER Q 20 29.62 -20.39 -36.88
CA SER Q 20 28.39 -21.08 -37.27
C SER Q 20 27.44 -20.13 -37.97
N ARG Q 21 27.39 -18.88 -37.50
CA ARG Q 21 26.57 -17.88 -38.18
C ARG Q 21 27.06 -17.63 -39.60
N MET Q 22 28.36 -17.70 -39.83
CA MET Q 22 28.92 -17.40 -41.14
C MET Q 22 28.89 -18.60 -42.08
N SER Q 23 28.30 -19.71 -41.66
CA SER Q 23 28.33 -20.94 -42.45
C SER Q 23 27.07 -21.16 -43.28
N SER Q 24 26.11 -20.24 -43.22
CA SER Q 24 24.88 -20.39 -44.00
C SER Q 24 24.32 -19.01 -44.28
N LYS Q 25 23.57 -18.88 -45.37
CA LYS Q 25 23.06 -17.58 -45.80
C LYS Q 25 22.15 -16.96 -44.75
N ASN Q 26 21.44 -17.80 -43.99
CA ASN Q 26 20.55 -17.27 -42.97
C ASN Q 26 21.32 -16.67 -41.80
N GLY Q 27 22.41 -17.31 -41.38
CA GLY Q 27 23.23 -16.73 -40.34
C GLY Q 27 23.89 -15.44 -40.78
N ARG Q 28 24.35 -15.38 -42.02
CA ARG Q 28 24.87 -14.14 -42.56
C ARG Q 28 23.81 -13.05 -42.61
N LEU Q 29 22.55 -13.43 -42.87
CA LEU Q 29 21.46 -12.48 -42.77
C LEU Q 29 21.31 -11.97 -41.34
N VAL Q 30 21.42 -12.87 -40.36
CA VAL Q 30 21.33 -12.45 -38.96
C VAL Q 30 22.43 -11.45 -38.63
N LEU Q 31 23.65 -11.74 -39.06
CA LEU Q 31 24.76 -10.84 -38.78
C LEU Q 31 24.57 -9.50 -39.48
N ALA Q 32 24.05 -9.51 -40.71
CA ALA Q 32 23.78 -8.27 -41.40
C ALA Q 32 22.74 -7.44 -40.67
N ARG Q 33 21.69 -8.10 -40.16
CA ARG Q 33 20.66 -7.37 -39.42
C ARG Q 33 21.23 -6.76 -38.15
N ARG Q 34 22.04 -7.52 -37.42
CA ARG Q 34 22.60 -6.98 -36.18
C ARG Q 34 23.61 -5.87 -36.45
N ARG Q 35 24.34 -5.92 -37.55
CA ARG Q 35 25.19 -4.80 -37.92
C ARG Q 35 24.37 -3.58 -38.31
N ARG Q 36 23.25 -3.78 -38.99
CA ARG Q 36 22.41 -2.66 -39.37
C ARG Q 36 21.81 -1.96 -38.16
N LYS Q 37 21.39 -2.71 -37.14
CA LYS Q 37 20.84 -2.09 -35.95
C LYS Q 37 21.91 -1.33 -35.17
N GLY Q 38 23.16 -1.75 -35.28
CA GLY Q 38 24.24 -1.12 -34.56
C GLY Q 38 24.64 -1.82 -33.28
N ARG Q 39 24.47 -3.13 -33.19
CA ARG Q 39 24.75 -3.83 -31.95
C ARG Q 39 26.23 -3.82 -31.64
N LYS Q 40 26.56 -3.66 -30.36
CA LYS Q 40 27.95 -3.69 -29.94
C LYS Q 40 28.51 -5.10 -30.06
N VAL Q 41 27.69 -6.11 -29.82
CA VAL Q 41 28.13 -7.51 -29.81
C VAL Q 41 27.41 -8.24 -30.93
N LEU Q 42 28.18 -8.84 -31.83
CA LEU Q 42 27.68 -9.71 -32.88
C LEU Q 42 27.89 -11.14 -32.42
N SER Q 43 26.82 -11.91 -32.32
CA SER Q 43 26.89 -13.33 -32.00
C SER Q 43 27.59 -13.59 -30.68
N ALA Q 44 27.81 -14.87 -30.37
CA ALA Q 44 28.46 -15.27 -29.14
C ALA Q 44 29.95 -15.50 -29.37
N MET R 1 20.33 -53.49 -56.26
CA MET R 1 21.77 -53.50 -56.48
C MET R 1 22.30 -52.06 -56.55
N LYS R 2 21.42 -51.14 -56.95
CA LYS R 2 21.79 -49.74 -57.09
C LYS R 2 20.74 -48.86 -56.42
N VAL R 3 20.43 -49.16 -55.16
CA VAL R 3 19.40 -48.45 -54.42
C VAL R 3 19.56 -46.93 -54.58
N THR R 4 18.45 -46.27 -54.86
CA THR R 4 18.43 -44.82 -54.99
C THR R 4 17.30 -44.15 -54.21
N LYS R 5 16.37 -44.91 -53.64
CA LYS R 5 15.32 -44.36 -52.80
C LYS R 5 15.09 -45.30 -51.64
N SER R 6 14.95 -44.75 -50.44
CA SER R 6 14.74 -45.56 -49.24
C SER R 6 14.08 -44.70 -48.19
N GLU R 7 13.08 -45.27 -47.51
CA GLU R 7 12.38 -44.56 -46.45
C GLU R 7 11.66 -45.59 -45.60
N ILE R 8 11.27 -45.17 -44.41
CA ILE R 8 10.56 -46.04 -43.47
C ILE R 8 9.06 -45.80 -43.66
N VAL R 9 8.32 -46.89 -43.85
CA VAL R 9 6.89 -46.80 -44.11
C VAL R 9 6.14 -46.65 -42.81
N ILE R 10 6.28 -47.63 -41.92
CA ILE R 10 5.50 -47.66 -40.69
C ILE R 10 6.18 -48.62 -39.72
N SER R 11 6.09 -48.33 -38.43
CA SER R 11 6.51 -49.25 -37.38
C SER R 11 5.23 -49.80 -36.76
N ALA R 12 5.08 -51.11 -36.74
CA ALA R 12 3.84 -51.75 -36.36
C ALA R 12 4.07 -52.81 -35.28
N VAL R 13 3.02 -53.03 -34.47
CA VAL R 13 3.06 -54.07 -33.46
C VAL R 13 1.81 -54.93 -33.53
N LYS R 14 1.02 -54.76 -34.60
CA LYS R 14 -0.21 -55.52 -34.76
C LYS R 14 -0.39 -55.85 -36.23
N PRO R 15 -1.08 -56.95 -36.55
CA PRO R 15 -1.30 -57.29 -37.96
C PRO R 15 -2.06 -56.23 -38.73
N GLU R 16 -2.91 -55.46 -38.06
CA GLU R 16 -3.68 -54.41 -38.71
C GLU R 16 -2.78 -53.38 -39.35
N GLN R 17 -1.75 -52.95 -38.63
CA GLN R 17 -0.90 -51.85 -39.08
C GLN R 17 0.06 -52.27 -40.18
N TYR R 18 0.10 -53.56 -40.51
CA TYR R 18 0.95 -54.04 -41.59
C TYR R 18 0.63 -53.27 -42.85
N PRO R 19 1.62 -52.82 -43.60
CA PRO R 19 1.34 -52.07 -44.83
C PRO R 19 0.69 -52.96 -45.88
N GLU R 20 0.26 -52.33 -46.97
CA GLU R 20 -0.43 -53.01 -48.05
C GLU R 20 0.15 -52.56 -49.38
N GLY R 21 -0.03 -53.40 -50.40
CA GLY R 21 0.51 -53.12 -51.71
C GLY R 21 0.98 -54.36 -52.44
N GLY R 22 1.19 -55.44 -51.70
CA GLY R 22 1.56 -56.72 -52.28
C GLY R 22 3.02 -56.86 -52.65
N LEU R 23 3.84 -55.88 -52.31
CA LEU R 23 5.26 -55.93 -52.63
C LEU R 23 5.92 -57.08 -51.88
N PRO R 24 6.95 -57.70 -52.44
CA PRO R 24 7.65 -58.77 -51.72
C PRO R 24 8.34 -58.24 -50.49
N GLU R 25 8.54 -59.14 -49.52
CA GLU R 25 9.10 -58.74 -48.25
C GLU R 25 10.20 -59.71 -47.84
N ILE R 26 11.20 -59.17 -47.15
CA ILE R 26 12.30 -59.95 -46.59
C ILE R 26 12.42 -59.59 -45.11
N ALA R 27 12.48 -60.59 -44.26
CA ALA R 27 12.51 -60.40 -42.83
C ALA R 27 13.90 -60.67 -42.27
N LEU R 28 14.14 -60.16 -41.06
CA LEU R 28 15.39 -60.32 -40.36
C LEU R 28 15.17 -61.10 -39.07
N ALA R 29 16.22 -61.78 -38.60
CA ALA R 29 16.14 -62.53 -37.37
C ALA R 29 17.53 -62.76 -36.83
N GLY R 30 17.65 -62.88 -35.52
CA GLY R 30 18.94 -63.10 -34.89
C GLY R 30 18.92 -62.64 -33.45
N ARG R 31 20.11 -62.68 -32.85
CA ARG R 31 20.25 -62.29 -31.45
C ARG R 31 20.12 -60.78 -31.31
N SER R 32 20.04 -60.32 -30.07
CA SER R 32 19.66 -58.94 -29.79
C SER R 32 20.72 -57.95 -30.24
N ASN R 33 21.99 -58.30 -30.07
CA ASN R 33 23.08 -57.39 -30.38
C ASN R 33 23.88 -57.80 -31.60
N VAL R 34 23.44 -58.81 -32.34
CA VAL R 34 24.07 -59.08 -33.62
C VAL R 34 23.65 -58.00 -34.61
N GLY R 35 24.53 -57.71 -35.56
CA GLY R 35 24.31 -56.55 -36.41
C GLY R 35 23.33 -56.75 -37.53
N LYS R 36 22.04 -56.79 -37.21
CA LYS R 36 21.03 -56.93 -38.26
C LYS R 36 20.39 -55.60 -38.64
N SER R 37 20.17 -54.70 -37.68
CA SER R 37 19.73 -53.36 -38.02
C SER R 37 20.79 -52.59 -38.81
N SER R 38 22.04 -53.06 -38.79
CA SER R 38 23.08 -52.41 -39.58
C SER R 38 23.34 -53.15 -40.89
N PHE R 39 22.91 -54.42 -40.97
CA PHE R 39 22.95 -55.14 -42.23
C PHE R 39 22.11 -54.43 -43.28
N ILE R 40 20.92 -53.97 -42.89
CA ILE R 40 20.07 -53.19 -43.79
C ILE R 40 20.79 -51.92 -44.23
N ASN R 41 21.37 -51.20 -43.28
CA ASN R 41 22.05 -49.96 -43.61
C ASN R 41 23.20 -50.19 -44.58
N SER R 42 23.96 -51.26 -44.38
CA SER R 42 25.06 -51.55 -45.28
C SER R 42 24.59 -51.98 -46.66
N LEU R 43 23.46 -52.66 -46.76
CA LEU R 43 22.97 -53.07 -48.06
C LEU R 43 22.55 -51.90 -48.93
N ILE R 44 21.84 -50.93 -48.35
CA ILE R 44 21.21 -49.86 -49.13
C ILE R 44 22.07 -48.60 -49.13
N ASN R 45 23.32 -48.73 -48.70
CA ASN R 45 24.27 -47.61 -48.69
C ASN R 45 23.69 -46.41 -47.94
N ARG R 46 23.19 -46.67 -46.75
CA ARG R 46 22.70 -45.64 -45.85
C ARG R 46 23.39 -45.79 -44.50
N LYS R 47 23.59 -44.68 -43.82
CA LYS R 47 24.18 -44.68 -42.48
C LYS R 47 23.06 -44.35 -41.49
N ASN R 48 22.76 -45.32 -40.62
CA ASN R 48 21.75 -45.19 -39.58
C ASN R 48 20.37 -44.82 -40.09
N LEU R 49 19.94 -45.42 -41.21
CA LEU R 49 18.52 -45.36 -41.52
C LEU R 49 17.72 -46.22 -40.57
N ALA R 50 18.16 -47.46 -40.36
CA ALA R 50 17.65 -48.30 -39.29
C ALA R 50 18.59 -48.14 -38.11
N ARG R 51 18.16 -47.40 -37.10
CA ARG R 51 19.04 -46.96 -36.04
C ARG R 51 19.65 -48.15 -35.30
N THR R 52 20.97 -48.09 -35.10
CA THR R 52 21.72 -49.14 -34.44
C THR R 52 22.32 -48.61 -33.14
N SER R 53 22.83 -49.54 -32.34
CA SER R 53 23.41 -49.20 -31.04
C SER R 53 24.14 -50.43 -30.53
N SER R 54 25.00 -50.22 -29.55
CA SER R 54 25.70 -51.32 -28.90
C SER R 54 25.05 -51.72 -27.58
N LYS R 55 23.84 -51.22 -27.33
CA LYS R 55 23.05 -51.64 -26.17
C LYS R 55 21.97 -52.59 -26.66
N PRO R 56 21.91 -53.82 -26.15
CA PRO R 56 20.92 -54.78 -26.62
C PRO R 56 19.49 -54.28 -26.50
N GLY R 57 18.72 -54.33 -27.58
CA GLY R 57 17.33 -53.95 -27.52
C GLY R 57 17.04 -52.57 -28.07
N LYS R 58 17.70 -52.19 -29.17
CA LYS R 58 17.43 -50.89 -29.78
C LYS R 58 16.19 -50.92 -30.66
N THR R 59 16.00 -52.01 -31.41
CA THR R 59 14.83 -52.16 -32.26
C THR R 59 13.72 -52.82 -31.45
N GLN R 60 12.58 -52.15 -31.32
CA GLN R 60 11.52 -52.61 -30.43
C GLN R 60 10.17 -52.78 -31.12
N THR R 61 10.13 -52.62 -32.43
CA THR R 61 8.88 -52.76 -33.18
C THR R 61 9.18 -53.50 -34.48
N LEU R 62 8.22 -53.49 -35.39
CA LEU R 62 8.38 -54.02 -36.74
C LEU R 62 8.49 -52.83 -37.70
N ASN R 63 9.67 -52.62 -38.27
CA ASN R 63 9.91 -51.47 -39.12
C ASN R 63 9.98 -51.92 -40.57
N PHE R 64 9.24 -51.25 -41.44
CA PHE R 64 9.16 -51.57 -42.86
C PHE R 64 9.89 -50.48 -43.63
N TYR R 65 10.74 -50.90 -44.57
CA TYR R 65 11.52 -49.97 -45.37
C TYR R 65 11.30 -50.27 -46.86
N ILE R 66 10.86 -49.27 -47.61
CA ILE R 66 10.65 -49.39 -49.04
C ILE R 66 11.99 -49.15 -49.74
N ILE R 67 12.40 -50.10 -50.57
CA ILE R 67 13.67 -50.04 -51.28
C ILE R 67 13.38 -49.85 -52.75
N ASN R 68 13.55 -48.63 -53.24
CA ASN R 68 13.40 -48.30 -54.66
C ASN R 68 12.00 -48.65 -55.17
N ASP R 69 11.05 -48.78 -54.23
CA ASP R 69 9.66 -49.09 -54.55
C ASP R 69 9.53 -50.37 -55.38
N GLU R 70 10.16 -51.44 -54.90
CA GLU R 70 9.77 -52.76 -55.39
C GLU R 70 9.66 -53.79 -54.26
N LEU R 71 10.20 -53.48 -53.08
CA LEU R 71 10.20 -54.47 -52.01
C LEU R 71 10.28 -53.78 -50.66
N HIS R 72 10.06 -54.57 -49.62
CA HIS R 72 10.11 -54.10 -48.24
C HIS R 72 11.18 -54.87 -47.47
N PHE R 73 11.80 -54.19 -46.52
CA PHE R 73 12.70 -54.79 -45.56
C PHE R 73 12.05 -54.73 -44.19
N VAL R 74 12.05 -55.84 -43.48
CA VAL R 74 11.39 -55.94 -42.18
C VAL R 74 12.48 -56.03 -41.11
N ASP R 75 12.47 -55.07 -40.20
CA ASP R 75 13.40 -55.05 -39.07
C ASP R 75 12.65 -55.48 -37.83
N VAL R 76 13.17 -56.50 -37.14
CA VAL R 76 12.48 -57.05 -35.99
C VAL R 76 13.39 -56.94 -34.77
N PRO R 77 12.84 -56.96 -33.56
CA PRO R 77 13.68 -57.11 -32.37
C PRO R 77 14.32 -58.48 -32.34
N GLY R 78 15.49 -58.55 -31.67
CA GLY R 78 16.21 -59.79 -31.52
C GLY R 78 15.81 -60.49 -30.22
N TYR R 79 16.16 -61.77 -30.15
CA TYR R 79 15.89 -62.57 -28.97
C TYR R 79 17.10 -62.58 -28.04
N GLY R 80 16.95 -63.26 -26.92
CA GLY R 80 17.98 -63.26 -25.90
C GLY R 80 17.80 -62.10 -24.93
N PHE R 81 18.87 -61.80 -24.21
CA PHE R 81 18.84 -60.66 -23.29
C PHE R 81 18.67 -59.37 -24.07
N ALA R 82 17.87 -58.46 -23.53
CA ALA R 82 17.44 -57.34 -24.35
C ALA R 82 17.42 -55.99 -23.63
N LYS R 83 17.88 -55.94 -22.38
CA LYS R 83 17.97 -54.69 -21.64
C LYS R 83 16.62 -53.97 -21.59
N VAL R 84 15.57 -54.75 -21.41
CA VAL R 84 14.21 -54.24 -21.30
C VAL R 84 13.43 -55.19 -20.42
N SER R 85 12.22 -54.79 -20.03
CA SER R 85 11.44 -55.57 -19.08
C SER R 85 11.14 -56.96 -19.64
N LYS R 86 11.08 -57.94 -18.73
CA LYS R 86 10.87 -59.32 -19.13
C LYS R 86 9.54 -59.50 -19.84
N SER R 87 8.51 -58.76 -19.42
CA SER R 87 7.22 -58.83 -20.08
C SER R 87 7.26 -58.36 -21.51
N GLU R 88 8.02 -57.31 -21.81
CA GLU R 88 8.15 -56.80 -23.17
C GLU R 88 9.08 -57.64 -24.03
N ARG R 89 9.88 -58.52 -23.43
CA ARG R 89 10.77 -59.38 -24.19
C ARG R 89 10.04 -60.52 -24.88
N GLU R 90 8.92 -60.99 -24.33
CA GLU R 90 8.14 -62.04 -24.95
C GLU R 90 7.08 -61.52 -25.90
N ALA R 91 6.62 -60.28 -25.68
CA ALA R 91 5.73 -59.65 -26.64
C ALA R 91 6.38 -59.53 -28.01
N TRP R 92 7.68 -59.22 -28.05
CA TRP R 92 8.38 -59.16 -29.32
C TRP R 92 8.39 -60.52 -30.01
N GLY R 93 8.66 -61.58 -29.26
CA GLY R 93 8.63 -62.91 -29.85
C GLY R 93 7.28 -63.28 -30.42
N ARG R 94 6.21 -62.99 -29.67
CA ARG R 94 4.87 -63.26 -30.19
C ARG R 94 4.57 -62.44 -31.43
N MET R 95 4.92 -61.15 -31.39
CA MET R 95 4.69 -60.26 -32.54
C MET R 95 5.40 -60.83 -33.78
N ILE R 96 6.66 -61.27 -33.61
CA ILE R 96 7.42 -61.78 -34.74
C ILE R 96 6.82 -63.09 -35.26
N GLU R 97 6.47 -64.02 -34.38
CA GLU R 97 5.99 -65.30 -34.86
C GLU R 97 4.65 -65.17 -35.57
N THR R 98 3.77 -64.29 -35.10
CA THR R 98 2.51 -64.11 -35.81
C THR R 98 2.75 -63.58 -37.22
N TYR R 99 3.61 -62.56 -37.35
CA TYR R 99 3.89 -62.01 -38.67
C TYR R 99 4.49 -63.07 -39.58
N ILE R 100 5.41 -63.88 -39.06
CA ILE R 100 6.02 -64.92 -39.88
C ILE R 100 5.00 -65.97 -40.32
N THR R 101 4.13 -66.42 -39.42
CA THR R 101 3.13 -67.42 -39.78
C THR R 101 2.14 -66.89 -40.80
N THR R 102 1.71 -65.64 -40.66
CA THR R 102 0.85 -65.00 -41.65
C THR R 102 1.70 -64.27 -42.69
N ARG R 103 1.08 -63.33 -43.43
CA ARG R 103 1.79 -62.49 -44.38
C ARG R 103 2.37 -63.26 -45.56
N GLU R 104 1.49 -63.73 -46.46
CA GLU R 104 1.90 -64.37 -47.70
C GLU R 104 3.01 -63.62 -48.42
N GLU R 105 3.07 -62.29 -48.30
CA GLU R 105 4.08 -61.52 -49.03
C GLU R 105 5.50 -61.81 -48.56
N LEU R 106 5.66 -62.50 -47.44
CA LEU R 106 6.98 -62.83 -46.92
C LEU R 106 7.65 -63.84 -47.83
N LYS R 107 8.65 -63.39 -48.58
CA LYS R 107 9.37 -64.26 -49.50
C LYS R 107 10.33 -65.19 -48.77
N ALA R 108 11.29 -64.62 -48.04
CA ALA R 108 12.28 -65.40 -47.32
C ALA R 108 12.74 -64.62 -46.08
N VAL R 109 13.40 -65.34 -45.17
CA VAL R 109 13.86 -64.78 -43.91
C VAL R 109 15.37 -64.85 -43.87
N VAL R 110 16.01 -63.74 -43.53
CA VAL R 110 17.45 -63.67 -43.36
C VAL R 110 17.76 -63.77 -41.88
N GLN R 111 18.44 -64.84 -41.49
CA GLN R 111 18.84 -65.06 -40.11
C GLN R 111 20.33 -64.77 -40.00
N ILE R 112 20.70 -63.92 -39.04
CA ILE R 112 22.07 -63.46 -38.88
C ILE R 112 22.64 -64.04 -37.60
N VAL R 113 23.84 -64.63 -37.69
CA VAL R 113 24.52 -65.23 -36.57
C VAL R 113 25.90 -64.60 -36.45
N ASP R 114 26.49 -64.73 -35.28
CA ASP R 114 27.81 -64.18 -34.99
C ASP R 114 28.88 -65.21 -35.37
N LEU R 115 29.81 -64.80 -36.22
CA LEU R 115 30.85 -65.71 -36.68
C LEU R 115 31.85 -66.05 -35.58
N ARG R 116 32.02 -65.17 -34.59
CA ARG R 116 33.07 -65.34 -33.60
C ARG R 116 32.84 -66.59 -32.76
N HIS R 117 31.61 -66.85 -32.37
CA HIS R 117 31.29 -67.98 -31.51
C HIS R 117 30.24 -68.86 -32.17
N ALA R 118 30.17 -70.10 -31.71
CA ALA R 118 29.16 -71.03 -32.19
C ALA R 118 27.78 -70.50 -31.84
N PRO R 119 26.79 -70.73 -32.71
CA PRO R 119 25.46 -70.16 -32.47
C PRO R 119 24.85 -70.69 -31.19
N SER R 120 24.05 -69.84 -30.55
CA SER R 120 23.46 -70.18 -29.27
C SER R 120 22.31 -71.15 -29.45
N ASN R 121 21.69 -71.53 -28.34
CA ASN R 121 20.51 -72.39 -28.41
C ASN R 121 19.36 -71.68 -29.13
N ASP R 122 19.20 -70.38 -28.90
CA ASP R 122 18.10 -69.66 -29.52
C ASP R 122 18.21 -69.62 -31.03
N ASP R 123 19.42 -69.52 -31.56
CA ASP R 123 19.60 -69.54 -33.01
C ASP R 123 19.12 -70.85 -33.61
N VAL R 124 19.45 -71.98 -33.00
CA VAL R 124 18.95 -73.27 -33.45
C VAL R 124 17.45 -73.40 -33.27
N GLN R 125 16.90 -72.94 -32.14
CA GLN R 125 15.46 -72.95 -31.92
C GLN R 125 14.73 -71.88 -32.72
N MET R 126 15.42 -71.24 -33.66
CA MET R 126 14.75 -70.35 -34.61
C MET R 126 14.91 -70.93 -36.01
N TYR R 127 16.07 -71.54 -36.27
CA TYR R 127 16.26 -72.23 -37.53
C TYR R 127 15.28 -73.39 -37.67
N GLU R 128 15.08 -74.16 -36.59
CA GLU R 128 14.11 -75.24 -36.62
C GLU R 128 12.71 -74.71 -36.88
N PHE R 129 12.35 -73.62 -36.20
CA PHE R 129 11.04 -73.01 -36.38
C PHE R 129 10.82 -72.54 -37.82
N LEU R 130 11.84 -71.94 -38.44
CA LEU R 130 11.71 -71.51 -39.82
C LEU R 130 11.68 -72.67 -40.81
N LYS R 131 12.41 -73.74 -40.54
CA LYS R 131 12.40 -74.92 -41.40
C LYS R 131 11.13 -75.75 -41.25
N TYR R 132 10.41 -75.60 -40.15
CA TYR R 132 9.22 -76.40 -39.90
C TYR R 132 7.98 -75.79 -40.51
N TYR R 133 7.94 -74.47 -40.72
CA TYR R 133 6.86 -73.83 -41.45
C TYR R 133 7.18 -73.67 -42.94
N GLY R 134 8.29 -74.25 -43.39
CA GLY R 134 8.64 -74.19 -44.79
C GLY R 134 8.80 -72.78 -45.34
N ILE R 135 9.76 -72.05 -44.79
CA ILE R 135 10.09 -70.71 -45.29
C ILE R 135 11.56 -70.73 -45.69
N PRO R 136 11.89 -70.31 -46.91
CA PRO R 136 13.30 -70.31 -47.32
C PRO R 136 14.12 -69.38 -46.43
N VAL R 137 15.34 -69.80 -46.10
CA VAL R 137 16.18 -69.11 -45.14
C VAL R 137 17.53 -68.83 -45.78
N ILE R 138 18.02 -67.61 -45.60
CA ILE R 138 19.38 -67.24 -45.96
C ILE R 138 20.13 -66.98 -44.67
N VAL R 139 21.27 -67.64 -44.48
CA VAL R 139 22.03 -67.56 -43.25
C VAL R 139 23.24 -66.68 -43.49
N ILE R 140 23.39 -65.64 -42.66
CA ILE R 140 24.45 -64.65 -42.81
C ILE R 140 25.30 -64.66 -41.54
N ALA R 141 26.62 -64.74 -41.73
CA ALA R 141 27.57 -64.70 -40.63
C ALA R 141 28.28 -63.36 -40.67
N THR R 142 27.88 -62.45 -39.78
CA THR R 142 28.39 -61.09 -39.79
C THR R 142 29.56 -60.97 -38.82
N LYS R 143 30.08 -59.75 -38.67
CA LYS R 143 31.20 -59.46 -37.78
C LYS R 143 32.42 -60.30 -38.13
N ALA R 144 32.67 -60.44 -39.42
CA ALA R 144 33.82 -61.19 -39.91
C ALA R 144 35.10 -60.37 -39.91
N ASP R 145 35.02 -59.09 -39.61
CA ASP R 145 36.20 -58.25 -39.50
C ASP R 145 36.87 -58.35 -38.13
N LYS R 146 36.21 -58.97 -37.16
CA LYS R 146 36.79 -59.21 -35.85
C LYS R 146 37.66 -60.46 -35.82
N ILE R 147 37.72 -61.21 -36.92
CA ILE R 147 38.46 -62.47 -36.97
C ILE R 147 39.63 -62.29 -37.94
N PRO R 148 40.79 -62.88 -37.67
CA PRO R 148 41.86 -62.88 -38.67
C PRO R 148 41.42 -63.59 -39.95
N LYS R 149 41.93 -63.10 -41.07
CA LYS R 149 41.51 -63.60 -42.38
C LYS R 149 41.74 -65.10 -42.53
N GLY R 150 42.72 -65.64 -41.82
CA GLY R 150 43.08 -67.03 -41.99
C GLY R 150 42.26 -68.00 -41.14
N LYS R 151 41.19 -67.53 -40.54
CA LYS R 151 40.33 -68.42 -39.75
C LYS R 151 38.87 -68.34 -40.15
N TRP R 152 38.53 -67.65 -41.23
CA TRP R 152 37.14 -67.59 -41.67
C TRP R 152 36.62 -68.97 -42.02
N ASP R 153 37.42 -69.74 -42.76
CA ASP R 153 36.97 -71.08 -43.15
C ASP R 153 36.88 -72.03 -41.97
N LYS R 154 37.64 -71.80 -40.91
CA LYS R 154 37.50 -72.60 -39.70
C LYS R 154 36.26 -72.24 -38.91
N HIS R 155 35.97 -70.96 -38.76
CA HIS R 155 34.80 -70.56 -38.00
C HIS R 155 33.50 -70.83 -38.74
N ALA R 156 33.50 -70.69 -40.07
CA ALA R 156 32.30 -70.97 -40.84
C ALA R 156 31.91 -72.43 -40.76
N LYS R 157 32.89 -73.34 -40.68
CA LYS R 157 32.58 -74.75 -40.56
C LYS R 157 31.81 -75.02 -39.26
N VAL R 158 32.27 -74.44 -38.16
CA VAL R 158 31.54 -74.58 -36.91
C VAL R 158 30.15 -73.96 -36.99
N VAL R 159 30.04 -72.80 -37.62
CA VAL R 159 28.72 -72.20 -37.80
C VAL R 159 27.79 -73.14 -38.54
N ARG R 160 28.26 -73.74 -39.62
CA ARG R 160 27.43 -74.66 -40.41
C ARG R 160 27.06 -75.90 -39.60
N GLN R 161 28.02 -76.46 -38.87
CA GLN R 161 27.77 -77.67 -38.09
C GLN R 161 26.74 -77.45 -36.99
N THR R 162 26.89 -76.37 -36.21
CA THR R 162 25.99 -76.15 -35.08
C THR R 162 24.55 -75.96 -35.56
N LEU R 163 24.39 -75.19 -36.63
CA LEU R 163 23.02 -74.89 -37.14
C LEU R 163 22.56 -76.02 -38.07
N ASN R 164 23.41 -77.03 -38.26
CA ASN R 164 23.06 -78.15 -39.19
C ASN R 164 22.41 -77.58 -40.44
N ILE R 165 23.02 -76.55 -41.03
CA ILE R 165 22.43 -75.90 -42.24
C ILE R 165 22.31 -76.94 -43.36
N ASP R 166 21.11 -77.06 -43.94
CA ASP R 166 20.92 -78.00 -45.08
C ASP R 166 21.85 -77.57 -46.23
N PRO R 167 22.51 -78.52 -46.93
CA PRO R 167 23.49 -78.20 -48.00
C PRO R 167 22.99 -77.08 -48.91
N GLU R 168 21.69 -77.06 -49.25
CA GLU R 168 21.16 -76.05 -50.20
C GLU R 168 21.48 -74.63 -49.73
N ASP R 169 20.86 -74.18 -48.64
CA ASP R 169 21.05 -72.77 -48.18
C ASP R 169 22.55 -72.49 -48.04
N GLU R 170 23.01 -71.35 -48.56
CA GLU R 170 24.45 -71.00 -48.51
C GLU R 170 24.72 -70.16 -47.25
N LEU R 171 25.99 -69.99 -46.88
CA LEU R 171 26.34 -69.15 -45.72
C LEU R 171 27.23 -68.02 -46.24
N ILE R 172 26.74 -66.79 -46.22
CA ILE R 172 27.53 -65.66 -46.78
C ILE R 172 28.27 -64.97 -45.63
N LEU R 173 29.61 -64.93 -45.69
CA LEU R 173 30.35 -64.18 -44.68
C LEU R 173 30.23 -62.70 -44.96
N PHE R 174 29.73 -61.95 -43.99
CA PHE R 174 29.41 -60.55 -44.14
C PHE R 174 30.19 -59.70 -43.17
N SER R 175 30.25 -58.41 -43.46
CA SER R 175 30.88 -57.46 -42.53
C SER R 175 30.29 -56.08 -42.83
N SER R 176 29.43 -55.59 -41.94
CA SER R 176 28.88 -54.26 -42.07
C SER R 176 29.91 -53.18 -41.82
N GLU R 177 31.12 -53.57 -41.44
CA GLU R 177 32.18 -52.63 -41.12
C GLU R 177 33.18 -52.45 -42.24
N THR R 178 33.32 -53.44 -43.12
CA THR R 178 34.17 -53.33 -44.31
C THR R 178 33.40 -53.57 -45.61
N LYS R 179 32.08 -53.74 -45.53
CA LYS R 179 31.23 -54.01 -46.70
C LYS R 179 31.73 -55.22 -47.48
N LYS R 180 31.91 -56.33 -46.77
CA LYS R 180 32.32 -57.58 -47.39
C LYS R 180 31.13 -58.51 -47.54
N GLY R 181 31.00 -59.12 -48.71
CA GLY R 181 29.89 -60.02 -48.96
C GLY R 181 28.59 -59.32 -49.21
N LYS R 182 28.62 -58.04 -49.59
CA LYS R 182 27.39 -57.30 -49.86
C LYS R 182 26.75 -57.75 -51.18
N ASP R 183 27.55 -57.89 -52.23
CA ASP R 183 27.04 -58.29 -53.53
C ASP R 183 26.45 -59.70 -53.51
N GLU R 184 27.08 -60.63 -52.80
CA GLU R 184 26.54 -61.97 -52.66
C GLU R 184 25.18 -61.98 -51.98
N ALA R 185 25.01 -61.19 -50.92
CA ALA R 185 23.72 -61.07 -50.25
C ALA R 185 22.68 -60.47 -51.18
N TRP R 186 23.06 -59.44 -51.93
CA TRP R 186 22.09 -58.85 -52.90
C TRP R 186 21.67 -59.93 -53.90
N GLY R 187 22.63 -60.64 -54.45
CA GLY R 187 22.32 -61.67 -55.43
C GLY R 187 21.39 -62.72 -54.88
N ALA R 188 21.65 -63.17 -53.65
CA ALA R 188 20.78 -64.16 -53.02
C ALA R 188 19.38 -63.61 -52.82
N ILE R 189 19.28 -62.35 -52.39
CA ILE R 189 17.97 -61.74 -52.17
C ILE R 189 17.22 -61.65 -53.50
N LYS R 190 17.90 -61.23 -54.55
CA LYS R 190 17.29 -61.10 -55.87
C LYS R 190 16.78 -62.45 -56.35
N LYS R 191 17.59 -63.50 -56.17
CA LYS R 191 17.16 -64.83 -56.54
C LYS R 191 15.92 -65.24 -55.77
N MET R 192 15.90 -64.95 -54.47
CA MET R 192 14.81 -65.43 -53.63
C MET R 192 13.52 -64.66 -53.90
N ILE R 193 13.62 -63.42 -54.38
CA ILE R 193 12.42 -62.64 -54.70
C ILE R 193 11.71 -63.24 -55.90
N ASN R 194 12.41 -63.32 -57.03
CA ASN R 194 11.81 -63.79 -58.27
C ASN R 194 11.43 -65.27 -58.16
N ARG R 195 12.43 -66.11 -57.92
CA ARG R 195 12.16 -67.56 -57.75
C ARG R 195 11.26 -67.75 -56.53
#